data_5VHR
#
_entry.id   5VHR
#
_cell.length_a   1.000
_cell.length_b   1.000
_cell.length_c   1.000
_cell.angle_alpha   90.00
_cell.angle_beta   90.00
_cell.angle_gamma   90.00
#
_symmetry.space_group_name_H-M   'P 1'
#
loop_
_entity.id
_entity.type
_entity.pdbx_description
1 polymer '26S proteasome non-ATPase regulatory subunit 10'
2 polymer '26S proteasome regulatory subunit 7'
3 polymer '26S proteasome regulatory subunit 4'
4 polymer '26S proteasome regulatory subunit 6B'
5 polymer '26S proteasome regulatory subunit 10B'
6 polymer '26S proteasome regulatory subunit 6A'
7 polymer '26S proteasome regulatory subunit 8'
8 polymer '26S proteasome non-ATPase regulatory subunit 2'
#
loop_
_entity_poly.entity_id
_entity_poly.type
_entity_poly.pdbx_seq_one_letter_code
_entity_poly.pdbx_strand_id
1 'polypeptide(L)'
;CVSNLMVCNLAYSGKLEELKESILADKSLATRTDQDSRTALHWACSAGHTEIVEFLLQLGVPVNDKDDAGWSPLHIAASA
GRDEIVKALLGKGAQVNAVNQNGCTPLHYAASKNRHEIAVMLLEGGANPDAKDHYEATAMHRAAAKGNLKMIHILLYYKA
STNIQDTEGNTPLHLACDEERVEEAKLLVSQGASIYIENKEEKTPLQVAKGGLGLILKRMVEG
;
G
2 'polypeptide(L)'
;PTVTMMQVEEKPDVTYSDVGGCKEQIEKLREVVETPLLHPERFVNLGIEPPKGVLLFGPPGTGKTLCARAVANRTDACFI
RVIGSELVQKYVGEGARMVRELFEMARTKKACLIFFDEIDAIGGARFDDGAGGDNEVQRTMLELINQLDGFDPRGNIKVL
MATNRPDTLDPALMRPGRLDRKIEFSLPDLEGRTHIFKIHARSMSVERDIRFELLARLCPNSTGAEIRSVCTEAGMFAIR
ARRKIATEKDFLEAVNKVIKSYAKFS
;
A
3 'polypeptide(L)'
;TDPLVTVMKVEKAPQETYADIGGLDNQIQEIKESVELPLTHPEYYEEMGIKPPKGVILYGPPGTGKTLLAKAVANQTSAT
FLRVVGSELIQKYLGDGPKLVRELFRVAEEHAPSIVFIDEIDAIGTKRYDSNSGGEREIQRTMLELLNQLDGFDSRGDVK
VIMATNRIETLDPALIRPGRIDRKIEFPLPDEKTKKRIFQIHTSRMTLADDVTLDDLIMAKDDLSGADIKAICTEAGLMA
LRERRMKVTNEDFKKSKENVLYKKQEG
;
B
4 'polypeptide(L)'
;PEADSSIMMLTSDQKPDVMYADIGGMDIQKQEVREAVELPLTHFELYKQIGIDPPRGVLMYGPPGCGKTMLAKAVAHHTT
AAFIRVVGSEFVQKYLGEGPRMVRDVFRLAKENAPAIIFIDEIDAIATKRFDAQTGADREVQRILLELLNQMDGFDQNVN
VKVIMATNRADTLDPALLRPGRLDRKIEFPLPDRRQKRLIFSTITSKMNLSEEVDLEDYVARPDKISGADINSICQESGM
LAVRENRYIVLAKDFEKAYKTV
;
D
5 'polypeptide(L)'
;GNVSYSEIGGLSEQIRELREVIELPLTNPELFQRVGIIPPKGCLLYGPPGTGKTLLARAVASQLDCNFLKVVSSSIVDKY
IGESARLIREMFNYARDHQPCIIFMDEIDAIGGRRFSEGTSADREIQRTLMELLNQMDGFDTLHRVKMIMATNRPDTLDP
ALLRPGRLDRKIHIDLPNEQARLDILKIHAGPITKHGEIDYEAIVKLSDGFNGADLRNVCTEAGMFAIRADHDFVVQEDF
MKAVRKVADSKKLESKLDYKPV
;
E
6 'polypeptide(L)'
;TEYDSRVKAMEVDERPTEQYSDIGGLDKQIQELVEAIVLPMNHKEKFENLGIQPPKGVLMYGPPGTGKTLLARACAAQTK
ATFLKLAGPQLVQMFIGDGAKLVRDAFALAKEKAPSIIFIDELDAIGTKRFDSEKAGDREVQRTMLELLNQLDGFQPNTQ
VKVIAATNRVDILDPALLRSGRLDRKIEFPMPNEEARARIMQIHSRKMNVSPDVNYEELARCTDDFNGAQCKAVCVEAGM
IALRRGATELTHEDYMEGILEVQAKKK
;
F
7 'polypeptide(L)'
;KVDPLVSLMMVEKVPDSTYEMIGGLDKQIKEIKEVIELPVKHPELFEALGIAQPKGVLLYGPPGTGKTLLARAVAHHTDC
TFIRVSGSELVQKFIGEGARMVRELFVMAREHAPSIIFMDEIDSIGSSRLEGGSGGDSEVQRTMLELLNQLDGFEATKNI
KVIMATNRIDILDSALLRPGRIDRKIEFPPPNEEARLDILKIHSRKMNLTRGINLRKIAELMPGASGAEVKGVCTEAGMY
ALRERRVHVTQEDFEMAVAKVMQKDS
;
C
8 'polypeptide(L)'
;RDKAPVQPQQSPAAAPGGTDEKPSGKERRDAGDKDKEQELSEEDKQLQDELEMLVERLGEKDTSLYRPALEELRRQIRSS
TTSMTSVPKPLKFLRPHYGKLKEIYENMAPGENKRFAADIISVLAMTMSGERECLKYRLVGSQEELASWGHEYVRHLAGE
VAKEWQELDDAEKVQREPLLTLVKEIVPYNMAHNAEHEACDLLMEIEQVDMLEKDIDENAYAKVCLYLTSCVNYVPEPEN
SALLRCALGVFRKFSRFPEALRLALMLNDMELVEDIFTSCKDVVVQKQMAFMLGRHGVFLELSEDVEEYEDLTEIMSNVQ
LNSNFLALARELDIMEPKVPDDIYKTHLENNRFGGSGSQVDSARMNLASSFVNGFVNAAFGQDKLLTDDGNKWLYKNKDH
GMLSAAASLGMILLWDVDGGLTQIDKYLYSSEDYIKSGALLACGIVNSGVRNECDPALALLSDYVLHNSNTMRLGSIFGL
GLAYAGSNREDVLTLLLPVMGDSKSSMEVAGVTALACGMIAVGSCNGDVTSTILQTIMEKSETELKDTYARWLPLGLGLN
HLGKGEAIEAILAALEVVSEPFRSFANTLVDVCAYAGSGNVLKVQQLLHICSEHFDSKEKEEDKDKKEKKDKDKKEAPAD
MGAHQGVAVLGIALIAMGEEIGAEMALRTFGHLLRYGEPTLRRAVPLALALISVSNPRLNILDTLSKFSHDADPEVSYNS
IFAMGMVGSGTNNARLAAMLRQLAQYHAKDPNNLFMVRLAQGLTHLGKGTLTLCPYHSDRQLMSQVAVAGLLTVLVSFLD
VRNIILGKSHYVLYGLVAAMQPRMLVTFDEELRPLPVSVRVGQAVDVV
;
f
#
# COMPACT_ATOMS: atom_id res chain seq x y z
N LEU A 5 7.77 34.89 75.51
CA LEU A 5 8.45 35.31 76.73
C LEU A 5 7.58 35.09 77.96
N MET A 6 7.78 35.91 78.98
CA MET A 6 7.02 35.81 80.22
C MET A 6 5.67 36.50 80.15
N VAL A 7 5.27 37.01 78.99
CA VAL A 7 3.99 37.69 78.87
C VAL A 7 2.85 36.68 78.78
N CYS A 8 3.08 35.55 78.11
CA CYS A 8 2.05 34.53 77.98
C CYS A 8 1.66 33.97 79.34
N ASN A 9 2.64 33.55 80.15
CA ASN A 9 2.35 33.03 81.47
C ASN A 9 2.07 34.15 82.48
N LEU A 10 2.59 35.35 82.25
CA LEU A 10 2.28 36.48 83.12
C LEU A 10 0.80 36.85 83.03
N ALA A 11 0.34 37.19 81.83
CA ALA A 11 -1.07 37.53 81.64
C ALA A 11 -1.97 36.31 81.75
N TYR A 12 -1.45 35.12 81.51
CA TYR A 12 -2.25 33.91 81.64
C TYR A 12 -2.41 33.45 83.09
N SER A 13 -1.50 33.86 83.97
CA SER A 13 -1.62 33.47 85.37
C SER A 13 -2.80 34.18 86.04
N GLY A 14 -3.02 35.45 85.70
CA GLY A 14 -4.11 36.22 86.25
C GLY A 14 -3.89 36.73 87.65
N LYS A 15 -2.71 36.55 88.24
CA LYS A 15 -2.42 37.03 89.58
C LYS A 15 -2.21 38.54 89.51
N LEU A 16 -3.26 39.30 89.82
CA LEU A 16 -3.19 40.76 89.72
C LEU A 16 -2.14 41.34 90.67
N GLU A 17 -1.85 40.64 91.77
CA GLU A 17 -0.90 41.14 92.76
C GLU A 17 0.54 41.17 92.25
N GLU A 18 0.81 40.65 91.06
CA GLU A 18 2.17 40.64 90.53
C GLU A 18 2.27 41.11 89.08
N LEU A 19 1.16 41.47 88.43
CA LEU A 19 1.22 41.94 87.06
C LEU A 19 1.84 43.33 86.97
N LYS A 20 1.22 44.31 87.64
CA LYS A 20 1.74 45.67 87.59
C LYS A 20 3.13 45.76 88.22
N GLU A 21 3.44 44.90 89.18
CA GLU A 21 4.81 44.83 89.70
C GLU A 21 5.76 44.26 88.65
N SER A 22 5.31 43.25 87.91
CA SER A 22 6.14 42.66 86.86
C SER A 22 6.46 43.69 85.78
N ILE A 23 5.44 44.37 85.26
CA ILE A 23 5.67 45.36 84.21
C ILE A 23 6.45 46.54 84.75
N LEU A 24 6.13 47.01 85.95
CA LEU A 24 6.83 48.13 86.56
C LEU A 24 8.18 47.75 87.15
N ALA A 25 8.60 46.48 86.99
CA ALA A 25 9.90 46.06 87.51
C ALA A 25 11.03 46.44 86.57
N ASP A 26 10.98 45.95 85.33
CA ASP A 26 12.01 46.26 84.35
C ASP A 26 11.46 47.15 83.24
N ASP A 34 10.08 36.54 71.39
CA ASP A 34 10.40 35.13 71.36
C ASP A 34 11.33 34.79 70.20
N GLN A 35 11.04 33.68 69.51
CA GLN A 35 11.89 33.26 68.40
C GLN A 35 11.82 34.25 67.24
N ASP A 36 10.68 34.92 67.06
CA ASP A 36 10.51 35.87 65.96
C ASP A 36 10.59 37.32 66.43
N SER A 37 11.20 37.56 67.60
CA SER A 37 11.41 38.91 68.12
C SER A 37 10.09 39.66 68.28
N ARG A 38 9.23 39.14 69.16
CA ARG A 38 7.97 39.76 69.50
C ARG A 38 8.08 40.35 70.91
N THR A 39 7.88 41.66 71.02
CA THR A 39 8.01 42.34 72.29
C THR A 39 6.74 42.15 73.13
N ALA A 40 6.64 42.89 74.23
CA ALA A 40 5.49 42.75 75.11
C ALA A 40 4.22 43.27 74.46
N LEU A 41 4.34 44.29 73.60
CA LEU A 41 3.16 44.88 73.00
C LEU A 41 2.48 43.92 72.02
N HIS A 42 3.25 43.05 71.36
CA HIS A 42 2.67 42.12 70.40
C HIS A 42 1.75 41.12 71.11
N TRP A 43 2.24 40.52 72.20
CA TRP A 43 1.40 39.59 72.95
C TRP A 43 0.31 40.34 73.72
N ALA A 44 0.56 41.60 74.06
CA ALA A 44 -0.49 42.41 74.67
C ALA A 44 -1.64 42.66 73.71
N CYS A 45 -1.33 42.78 72.41
CA CYS A 45 -2.37 42.86 71.40
C CYS A 45 -2.96 41.50 71.06
N SER A 46 -2.19 40.43 71.25
CA SER A 46 -2.74 39.09 71.03
C SER A 46 -3.77 38.73 72.08
N ALA A 47 -3.50 39.06 73.35
CA ALA A 47 -4.45 38.75 74.41
C ALA A 47 -5.68 39.65 74.33
N GLY A 48 -5.48 40.95 74.11
CA GLY A 48 -6.59 41.87 73.96
C GLY A 48 -7.15 42.37 75.27
N HIS A 49 -6.30 42.96 76.10
CA HIS A 49 -6.70 43.54 77.38
C HIS A 49 -6.49 45.05 77.37
N THR A 50 -7.40 45.76 78.01
CA THR A 50 -7.36 47.22 77.99
C THR A 50 -6.22 47.77 78.86
N GLU A 51 -6.20 47.37 80.13
CA GLU A 51 -5.23 47.91 81.08
C GLU A 51 -3.80 47.46 80.79
N ILE A 52 -3.62 46.43 79.96
CA ILE A 52 -2.29 45.94 79.66
C ILE A 52 -1.69 46.66 78.45
N VAL A 53 -2.50 46.94 77.43
CA VAL A 53 -1.99 47.73 76.32
C VAL A 53 -1.91 49.21 76.71
N GLU A 54 -2.82 49.67 77.58
CA GLU A 54 -2.77 51.05 78.04
C GLU A 54 -1.76 51.24 79.16
N PHE A 55 -1.41 50.19 79.89
CA PHE A 55 -0.37 50.28 80.90
C PHE A 55 1.02 50.12 80.29
N LEU A 56 1.20 49.13 79.42
CA LEU A 56 2.46 48.99 78.69
C LEU A 56 2.71 50.19 77.81
N LEU A 57 1.70 50.63 77.06
CA LEU A 57 1.81 51.86 76.29
C LEU A 57 1.76 53.10 77.16
N GLN A 58 1.41 52.96 78.45
CA GLN A 58 1.51 54.07 79.39
C GLN A 58 2.93 54.25 79.91
N LEU A 59 3.69 53.15 80.03
CA LEU A 59 5.08 53.25 80.46
C LEU A 59 5.93 53.92 79.38
N GLY A 60 5.67 53.63 78.11
CA GLY A 60 6.45 54.23 77.04
C GLY A 60 7.12 53.23 76.12
N VAL A 61 6.57 52.02 76.04
CA VAL A 61 7.10 51.03 75.10
C VAL A 61 6.88 51.54 73.68
N PRO A 62 7.82 51.33 72.75
CA PRO A 62 7.59 51.78 71.37
C PRO A 62 6.38 51.10 70.76
N VAL A 63 5.62 51.87 69.96
CA VAL A 63 4.37 51.38 69.37
C VAL A 63 4.56 50.87 67.95
N ASN A 64 5.71 51.14 67.32
CA ASN A 64 5.94 50.76 65.93
C ASN A 64 7.08 49.77 65.81
N ASP A 65 7.21 48.86 66.78
CA ASP A 65 8.25 47.85 66.72
C ASP A 65 7.93 46.83 65.63
N LYS A 66 8.93 46.53 64.80
CA LYS A 66 8.80 45.59 63.71
C LYS A 66 9.73 44.41 63.92
N ASP A 67 9.24 43.22 63.61
CA ASP A 67 10.04 42.00 63.72
C ASP A 67 10.84 41.80 62.44
N ASP A 68 11.41 40.59 62.28
CA ASP A 68 12.23 40.31 61.10
C ASP A 68 11.40 40.39 59.82
N ALA A 69 10.16 39.91 59.85
CA ALA A 69 9.31 39.96 58.67
C ALA A 69 8.67 41.33 58.50
N GLY A 70 8.32 42.00 59.60
CA GLY A 70 7.64 43.28 59.54
C GLY A 70 6.24 43.28 60.12
N TRP A 71 5.83 42.23 60.83
CA TRP A 71 4.48 42.12 61.37
C TRP A 71 4.32 43.12 62.51
N SER A 72 3.57 44.18 62.28
CA SER A 72 3.34 45.20 63.28
C SER A 72 2.25 44.76 64.27
N PRO A 73 2.25 45.32 65.48
CA PRO A 73 1.19 44.99 66.43
C PRO A 73 -0.20 45.39 65.97
N LEU A 74 -0.29 46.40 65.09
CA LEU A 74 -1.60 46.80 64.56
C LEU A 74 -2.19 45.72 63.66
N HIS A 75 -1.35 44.89 63.04
CA HIS A 75 -1.85 43.73 62.33
C HIS A 75 -2.35 42.64 63.28
N ILE A 76 -1.91 42.67 64.55
CA ILE A 76 -2.42 41.74 65.54
C ILE A 76 -3.74 42.25 66.10
N ALA A 77 -3.82 43.54 66.41
CA ALA A 77 -5.07 44.10 66.89
C ALA A 77 -6.15 44.12 65.81
N ALA A 78 -5.74 44.24 64.55
CA ALA A 78 -6.69 44.20 63.44
C ALA A 78 -6.98 42.79 62.96
N SER A 79 -6.01 41.88 63.07
CA SER A 79 -6.19 40.49 62.67
C SER A 79 -6.73 39.61 63.78
N ALA A 80 -6.95 40.17 64.98
CA ALA A 80 -7.48 39.40 66.10
C ALA A 80 -8.92 39.75 66.46
N GLY A 81 -9.42 40.88 65.98
CA GLY A 81 -10.79 41.27 66.27
C GLY A 81 -10.96 41.92 67.62
N ARG A 82 -10.20 42.98 67.88
CA ARG A 82 -10.24 43.70 69.15
C ARG A 82 -10.38 45.18 68.87
N ASP A 83 -11.48 45.78 69.35
CA ASP A 83 -11.73 47.19 69.10
C ASP A 83 -10.91 48.09 70.01
N GLU A 84 -10.96 47.84 71.32
CA GLU A 84 -10.28 48.71 72.28
C GLU A 84 -8.76 48.71 72.07
N ILE A 85 -8.19 47.60 71.62
CA ILE A 85 -6.76 47.56 71.37
C ILE A 85 -6.39 48.46 70.21
N VAL A 86 -7.23 48.50 69.17
CA VAL A 86 -7.04 49.46 68.09
C VAL A 86 -7.26 50.88 68.58
N LYS A 87 -8.17 51.07 69.53
CA LYS A 87 -8.38 52.40 70.12
C LYS A 87 -7.15 52.86 70.88
N ALA A 88 -6.40 51.95 71.48
CA ALA A 88 -5.19 52.29 72.21
C ALA A 88 -4.00 52.49 71.28
N LEU A 89 -3.84 51.63 70.27
CA LEU A 89 -2.76 51.80 69.31
C LEU A 89 -2.93 53.09 68.52
N LEU A 90 -4.16 53.40 68.10
CA LEU A 90 -4.41 54.69 67.47
C LEU A 90 -4.37 55.83 68.49
N GLY A 91 -4.65 55.53 69.75
CA GLY A 91 -4.49 56.54 70.79
C GLY A 91 -3.05 56.95 71.01
N LYS A 92 -2.11 56.04 70.78
CA LYS A 92 -0.69 56.34 70.89
C LYS A 92 -0.07 56.76 69.57
N GLY A 93 -0.82 56.66 68.46
CA GLY A 93 -0.32 57.08 67.17
C GLY A 93 0.49 56.01 66.45
N ALA A 94 -0.09 54.84 66.27
CA ALA A 94 0.57 53.77 65.54
C ALA A 94 0.55 54.04 64.04
N GLN A 95 1.44 53.35 63.32
CA GLN A 95 1.53 53.49 61.88
C GLN A 95 0.27 52.92 61.23
N VAL A 96 -0.58 53.80 60.70
CA VAL A 96 -1.82 53.37 60.08
C VAL A 96 -1.57 52.65 58.75
N ASN A 97 -0.38 52.81 58.17
CA ASN A 97 -0.02 52.21 56.89
C ASN A 97 1.33 51.50 56.99
N ALA A 98 1.49 50.70 58.04
CA ALA A 98 2.72 49.95 58.23
C ALA A 98 2.89 48.91 57.12
N VAL A 99 4.14 48.47 56.93
CA VAL A 99 4.50 47.52 55.90
C VAL A 99 5.04 46.26 56.56
N ASN A 100 4.52 45.10 56.14
CA ASN A 100 4.94 43.80 56.62
C ASN A 100 5.63 43.03 55.48
N GLN A 101 5.89 41.75 55.72
CA GLN A 101 6.64 40.94 54.76
C GLN A 101 5.94 40.87 53.41
N ASN A 102 4.61 40.81 53.39
CA ASN A 102 3.85 40.73 52.15
C ASN A 102 3.25 42.07 51.74
N GLY A 103 3.58 43.14 52.46
CA GLY A 103 3.09 44.46 52.11
C GLY A 103 1.67 44.77 52.54
N CYS A 104 0.98 43.82 53.16
CA CYS A 104 -0.41 44.03 53.55
C CYS A 104 -0.52 45.07 54.65
N THR A 105 -1.68 45.70 54.72
CA THR A 105 -2.01 46.72 55.70
C THR A 105 -3.00 46.18 56.71
N PRO A 106 -3.10 46.79 57.90
CA PRO A 106 -4.10 46.34 58.89
C PRO A 106 -5.53 46.50 58.41
N LEU A 107 -5.78 47.26 57.34
CA LEU A 107 -7.14 47.36 56.82
C LEU A 107 -7.57 46.07 56.13
N HIS A 108 -6.63 45.33 55.55
CA HIS A 108 -6.94 44.04 54.95
C HIS A 108 -7.48 43.07 56.00
N TYR A 109 -6.71 42.85 57.06
CA TYR A 109 -7.16 41.97 58.13
C TYR A 109 -8.32 42.55 58.92
N ALA A 110 -8.49 43.87 58.89
CA ALA A 110 -9.67 44.48 59.50
C ALA A 110 -10.92 44.15 58.71
N ALA A 111 -10.81 44.11 57.38
CA ALA A 111 -11.94 43.73 56.54
C ALA A 111 -12.17 42.24 56.48
N SER A 112 -11.13 41.43 56.72
CA SER A 112 -11.29 39.98 56.71
C SER A 112 -12.00 39.49 57.97
N LYS A 113 -11.68 40.08 59.12
CA LYS A 113 -12.29 39.69 60.38
C LYS A 113 -13.71 40.23 60.54
N ASN A 114 -14.16 41.10 59.63
CA ASN A 114 -15.50 41.70 59.68
C ASN A 114 -15.70 42.47 60.98
N ARG A 115 -14.85 43.46 61.19
CA ARG A 115 -14.91 44.34 62.35
C ARG A 115 -15.17 45.76 61.86
N HIS A 116 -16.27 46.34 62.31
CA HIS A 116 -16.67 47.66 61.81
C HIS A 116 -15.94 48.78 62.52
N GLU A 117 -15.81 48.70 63.85
CA GLU A 117 -15.18 49.78 64.60
C GLU A 117 -13.70 49.93 64.26
N ILE A 118 -13.03 48.81 63.96
CA ILE A 118 -11.62 48.87 63.63
C ILE A 118 -11.40 49.62 62.32
N ALA A 119 -12.18 49.28 61.29
CA ALA A 119 -12.02 49.94 60.00
C ALA A 119 -12.49 51.38 60.04
N VAL A 120 -13.62 51.64 60.69
CA VAL A 120 -14.14 53.00 60.76
C VAL A 120 -13.20 53.90 61.55
N MET A 121 -12.63 53.39 62.64
CA MET A 121 -11.73 54.19 63.46
C MET A 121 -10.32 54.28 62.86
N LEU A 122 -9.94 53.32 62.02
CA LEU A 122 -8.67 53.45 61.30
C LEU A 122 -8.77 54.48 60.18
N LEU A 123 -9.78 54.34 59.32
CA LEU A 123 -9.97 55.31 58.24
C LEU A 123 -10.37 56.68 58.76
N GLU A 124 -10.96 56.76 59.95
CA GLU A 124 -11.34 58.05 60.51
C GLU A 124 -10.10 58.86 60.91
N GLY A 125 -9.09 58.21 61.47
CA GLY A 125 -7.90 58.91 61.93
C GLY A 125 -7.02 59.48 60.84
N GLY A 126 -7.27 59.11 59.59
CA GLY A 126 -6.50 59.65 58.48
C GLY A 126 -5.67 58.61 57.75
N ALA A 127 -6.14 57.36 57.77
CA ALA A 127 -5.46 56.30 57.04
C ALA A 127 -5.74 56.41 55.55
N ASN A 128 -4.89 55.74 54.76
CA ASN A 128 -5.03 55.77 53.32
C ASN A 128 -6.07 54.74 52.88
N PRO A 129 -7.20 55.15 52.30
CA PRO A 129 -8.20 54.16 51.86
C PRO A 129 -7.74 53.31 50.69
N ASP A 130 -6.76 53.77 49.91
CA ASP A 130 -6.28 53.04 48.75
C ASP A 130 -4.87 52.49 48.95
N ALA A 131 -4.46 52.27 50.20
CA ALA A 131 -3.13 51.73 50.49
C ALA A 131 -3.06 50.29 49.98
N LYS A 132 -2.25 50.07 48.95
CA LYS A 132 -2.13 48.76 48.31
C LYS A 132 -0.95 47.99 48.89
N ASP A 133 -1.05 46.67 48.83
CA ASP A 133 -0.01 45.78 49.31
C ASP A 133 0.99 45.50 48.19
N HIS A 134 1.86 44.50 48.39
CA HIS A 134 2.81 44.11 47.36
C HIS A 134 2.12 43.51 46.13
N TYR A 135 0.84 43.12 46.26
CA TYR A 135 0.07 42.58 45.16
C TYR A 135 -0.88 43.60 44.56
N GLU A 136 -0.69 44.88 44.89
CA GLU A 136 -1.52 45.99 44.37
C GLU A 136 -3.00 45.80 44.70
N ALA A 137 -3.29 45.15 45.82
CA ALA A 137 -4.65 44.89 46.25
C ALA A 137 -4.97 45.66 47.52
N THR A 138 -6.26 45.90 47.73
CA THR A 138 -6.76 46.63 48.89
C THR A 138 -7.73 45.74 49.67
N ALA A 139 -8.36 46.32 50.70
CA ALA A 139 -9.28 45.56 51.54
C ALA A 139 -10.62 45.32 50.85
N MET A 140 -10.90 46.03 49.76
CA MET A 140 -12.17 45.83 49.06
C MET A 140 -12.22 44.49 48.35
N HIS A 141 -11.06 43.91 48.01
CA HIS A 141 -11.03 42.55 47.47
C HIS A 141 -11.51 41.55 48.51
N ARG A 142 -11.02 41.67 49.75
CA ARG A 142 -11.43 40.76 50.81
C ARG A 142 -12.89 41.00 51.20
N ALA A 143 -13.29 42.27 51.32
CA ALA A 143 -14.66 42.58 51.71
C ALA A 143 -15.66 42.17 50.63
N ALA A 144 -15.25 42.21 49.36
CA ALA A 144 -16.14 41.82 48.28
C ALA A 144 -16.21 40.31 48.12
N ALA A 145 -15.05 39.65 48.10
CA ALA A 145 -15.01 38.21 47.91
C ALA A 145 -15.58 37.46 49.12
N LYS A 146 -15.45 38.03 50.32
CA LYS A 146 -15.93 37.39 51.54
C LYS A 146 -17.37 37.76 51.86
N GLY A 147 -18.10 38.37 50.93
CA GLY A 147 -19.49 38.70 51.16
C GLY A 147 -19.76 39.75 52.21
N ASN A 148 -18.73 40.47 52.66
CA ASN A 148 -18.89 41.49 53.70
C ASN A 148 -19.57 42.71 53.09
N LEU A 149 -20.90 42.78 53.24
CA LEU A 149 -21.65 43.91 52.67
C LEU A 149 -21.43 45.18 53.49
N LYS A 150 -21.64 45.10 54.81
CA LYS A 150 -21.49 46.27 55.67
C LYS A 150 -20.05 46.80 55.68
N MET A 151 -19.06 45.92 55.44
CA MET A 151 -17.68 46.39 55.34
C MET A 151 -17.50 47.24 54.08
N ILE A 152 -18.07 46.82 52.96
CA ILE A 152 -18.04 47.63 51.74
C ILE A 152 -18.79 48.93 51.97
N HIS A 153 -19.89 48.88 52.72
CA HIS A 153 -20.67 50.10 52.96
C HIS A 153 -19.89 51.10 53.81
N ILE A 154 -19.24 50.64 54.87
CA ILE A 154 -18.44 51.55 55.70
C ILE A 154 -17.16 51.96 54.98
N LEU A 155 -16.72 51.19 53.98
CA LEU A 155 -15.65 51.66 53.11
C LEU A 155 -16.17 52.76 52.17
N LEU A 156 -17.45 52.71 51.81
CA LEU A 156 -18.06 53.77 51.02
C LEU A 156 -18.49 54.97 51.85
N TYR A 157 -18.45 54.87 53.18
CA TYR A 157 -18.64 56.06 54.00
C TYR A 157 -17.49 57.03 53.88
N TYR A 158 -16.35 56.60 53.36
CA TYR A 158 -15.18 57.45 53.18
C TYR A 158 -14.83 57.69 51.72
N LYS A 159 -15.72 57.30 50.80
CA LYS A 159 -15.53 57.50 49.36
C LYS A 159 -14.25 56.79 48.87
N ALA A 160 -14.18 55.50 49.15
CA ALA A 160 -13.05 54.69 48.72
C ALA A 160 -13.11 54.43 47.22
N SER A 161 -11.95 54.20 46.63
CA SER A 161 -11.88 53.92 45.21
C SER A 161 -12.36 52.50 44.91
N THR A 162 -12.78 52.30 43.66
CA THR A 162 -13.28 51.01 43.20
C THR A 162 -12.44 50.38 42.10
N ASN A 163 -11.48 51.12 41.53
CA ASN A 163 -10.69 50.66 40.40
C ASN A 163 -9.33 50.11 40.82
N ILE A 164 -9.25 49.48 41.99
CA ILE A 164 -7.99 48.89 42.44
C ILE A 164 -7.75 47.61 41.63
N GLN A 165 -6.71 47.63 40.82
CA GLN A 165 -6.37 46.48 39.97
C GLN A 165 -5.40 45.57 40.70
N ASP A 166 -5.76 44.31 40.84
CA ASP A 166 -4.88 43.32 41.45
C ASP A 166 -3.63 43.12 40.60
N THR A 167 -2.64 42.44 41.17
CA THR A 167 -1.41 42.16 40.45
C THR A 167 -1.65 41.28 39.23
N GLU A 168 -2.76 40.53 39.21
CA GLU A 168 -3.15 39.77 38.03
C GLU A 168 -4.06 40.57 37.11
N GLY A 169 -4.57 41.70 37.55
CA GLY A 169 -5.48 42.52 36.77
C GLY A 169 -6.94 42.45 37.20
N ASN A 170 -7.24 41.81 38.32
CA ASN A 170 -8.62 41.64 38.77
C ASN A 170 -9.04 42.83 39.62
N THR A 171 -10.30 43.21 39.50
CA THR A 171 -10.92 44.28 40.27
C THR A 171 -11.77 43.70 41.38
N PRO A 172 -12.13 44.50 42.39
CA PRO A 172 -13.07 44.01 43.40
C PRO A 172 -14.41 43.59 42.85
N LEU A 173 -14.81 44.12 41.68
CA LEU A 173 -16.04 43.68 41.05
C LEU A 173 -15.91 42.25 40.53
N HIS A 174 -14.72 41.83 40.12
CA HIS A 174 -14.51 40.45 39.71
C HIS A 174 -14.62 39.50 40.90
N LEU A 175 -13.97 39.85 42.00
CA LEU A 175 -14.05 39.03 43.21
C LEU A 175 -15.44 39.06 43.83
N ALA A 176 -16.23 40.09 43.55
CA ALA A 176 -17.61 40.13 44.05
C ALA A 176 -18.54 39.31 43.17
N CYS A 177 -18.36 39.38 41.85
CA CYS A 177 -19.17 38.59 40.93
C CYS A 177 -18.80 37.11 40.97
N ASP A 178 -17.58 36.77 41.37
CA ASP A 178 -17.19 35.38 41.47
C ASP A 178 -17.92 34.68 42.62
N GLU A 179 -18.19 35.40 43.70
CA GLU A 179 -18.95 34.87 44.82
C GLU A 179 -20.43 34.65 44.48
N GLU A 180 -20.88 35.14 43.31
CA GLU A 180 -22.26 35.01 42.86
C GLU A 180 -23.23 35.74 43.80
N ARG A 181 -22.77 36.83 44.41
CA ARG A 181 -23.62 37.68 45.24
C ARG A 181 -24.37 38.64 44.32
N VAL A 182 -25.63 38.30 44.01
CA VAL A 182 -26.42 39.12 43.09
C VAL A 182 -26.68 40.50 43.68
N GLU A 183 -26.96 40.56 44.99
CA GLU A 183 -27.22 41.85 45.62
C GLU A 183 -25.98 42.72 45.64
N GLU A 184 -24.81 42.12 45.92
CA GLU A 184 -23.57 42.90 45.93
C GLU A 184 -23.15 43.30 44.52
N ALA A 185 -23.43 42.45 43.53
CA ALA A 185 -23.11 42.80 42.15
C ALA A 185 -23.98 43.94 41.65
N LYS A 186 -25.29 43.85 41.87
CA LYS A 186 -26.19 44.94 41.48
C LYS A 186 -25.91 46.20 42.27
N LEU A 187 -25.43 46.07 43.52
CA LEU A 187 -25.11 47.24 44.32
C LEU A 187 -23.84 47.94 43.79
N LEU A 188 -22.79 47.16 43.52
CA LEU A 188 -21.55 47.75 43.04
C LEU A 188 -21.73 48.34 41.64
N VAL A 189 -22.40 47.60 40.75
CA VAL A 189 -22.65 48.13 39.40
C VAL A 189 -23.58 49.33 39.46
N SER A 190 -24.53 49.33 40.41
CA SER A 190 -25.42 50.48 40.54
C SER A 190 -24.69 51.69 41.10
N GLN A 191 -23.62 51.48 41.88
CA GLN A 191 -22.84 52.58 42.41
C GLN A 191 -21.79 53.10 41.43
N GLY A 192 -21.69 52.52 40.24
CA GLY A 192 -20.78 52.98 39.23
C GLY A 192 -19.51 52.16 39.07
N ALA A 193 -19.57 50.85 39.29
CA ALA A 193 -18.38 50.02 39.13
C ALA A 193 -18.05 49.85 37.65
N SER A 194 -16.75 49.93 37.33
CA SER A 194 -16.29 49.79 35.95
C SER A 194 -16.45 48.34 35.52
N ILE A 195 -17.34 48.11 34.55
CA ILE A 195 -17.61 46.77 34.05
C ILE A 195 -16.84 46.48 32.76
N TYR A 196 -15.80 47.25 32.47
CA TYR A 196 -15.03 47.08 31.24
C TYR A 196 -13.56 46.77 31.49
N ILE A 197 -13.11 46.73 32.74
CA ILE A 197 -11.72 46.42 33.02
C ILE A 197 -11.48 44.93 32.83
N GLU A 198 -10.50 44.59 32.01
CA GLU A 198 -10.15 43.21 31.71
C GLU A 198 -8.83 42.85 32.37
N ASN A 199 -8.76 41.64 32.94
CA ASN A 199 -7.56 41.16 33.59
C ASN A 199 -6.61 40.57 32.55
N LYS A 200 -5.55 39.91 33.01
CA LYS A 200 -4.61 39.26 32.10
C LYS A 200 -5.24 38.09 31.36
N GLU A 201 -6.25 37.45 31.94
CA GLU A 201 -6.95 36.34 31.30
C GLU A 201 -8.00 36.79 30.30
N GLU A 202 -8.18 38.10 30.12
CA GLU A 202 -9.15 38.67 29.19
C GLU A 202 -10.57 38.18 29.51
N LYS A 203 -11.01 38.50 30.72
CA LYS A 203 -12.34 38.12 31.21
C LYS A 203 -13.04 39.36 31.75
N THR A 204 -14.14 39.74 31.11
CA THR A 204 -14.91 40.88 31.57
C THR A 204 -15.64 40.54 32.86
N PRO A 205 -16.01 41.55 33.65
CA PRO A 205 -16.76 41.28 34.89
C PRO A 205 -18.10 40.61 34.64
N LEU A 206 -18.67 40.73 33.44
CA LEU A 206 -19.95 40.09 33.15
C LEU A 206 -19.77 38.60 32.85
N GLN A 207 -18.63 38.20 32.28
CA GLN A 207 -18.40 36.80 31.98
C GLN A 207 -18.11 35.98 33.23
N VAL A 208 -17.52 36.61 34.25
CA VAL A 208 -17.19 35.88 35.48
C VAL A 208 -18.46 35.50 36.23
N ALA A 209 -19.44 36.40 36.27
CA ALA A 209 -20.70 36.13 36.93
C ALA A 209 -21.53 35.15 36.11
N LYS A 210 -21.78 33.97 36.65
CA LYS A 210 -22.56 32.95 35.96
C LYS A 210 -24.05 33.26 36.06
N PRO B 1 17.41 -6.98 -3.27
CA PRO B 1 16.68 -6.01 -4.08
C PRO B 1 16.76 -6.31 -5.58
N THR B 2 16.24 -5.41 -6.40
CA THR B 2 16.27 -5.58 -7.85
C THR B 2 17.63 -5.32 -8.45
N VAL B 3 18.59 -4.82 -7.67
CA VAL B 3 19.92 -4.54 -8.20
C VAL B 3 20.74 -5.81 -8.40
N THR B 4 20.38 -6.91 -7.73
CA THR B 4 21.10 -8.16 -7.93
C THR B 4 20.75 -8.81 -9.25
N MET B 5 19.46 -8.88 -9.59
CA MET B 5 19.05 -9.46 -10.86
C MET B 5 19.20 -8.47 -12.01
N MET B 6 19.00 -7.18 -11.76
CA MET B 6 19.17 -6.16 -12.78
C MET B 6 20.62 -5.74 -12.96
N GLN B 7 21.51 -6.15 -12.05
CA GLN B 7 22.92 -5.76 -12.15
C GLN B 7 23.59 -6.39 -13.35
N VAL B 8 23.36 -7.69 -13.57
CA VAL B 8 23.97 -8.40 -14.70
C VAL B 8 23.40 -7.85 -15.99
N GLU B 9 24.28 -7.40 -16.88
CA GLU B 9 23.90 -6.83 -18.17
C GLU B 9 24.19 -7.83 -19.28
N GLU B 10 23.21 -8.04 -20.15
CA GLU B 10 23.33 -8.96 -21.27
C GLU B 10 22.46 -8.42 -22.41
N LYS B 11 22.19 -9.26 -23.41
CA LYS B 11 21.36 -8.89 -24.55
C LYS B 11 21.91 -7.64 -25.23
N PRO B 12 22.97 -7.77 -26.05
CA PRO B 12 23.61 -6.60 -26.66
C PRO B 12 22.65 -5.65 -27.36
N ASP B 13 23.10 -4.41 -27.57
CA ASP B 13 22.22 -3.31 -27.94
C ASP B 13 22.99 -2.34 -28.82
N VAL B 14 22.51 -1.10 -28.89
CA VAL B 14 23.01 -0.03 -29.75
C VAL B 14 24.54 -0.02 -29.79
N THR B 15 25.10 0.13 -31.00
CA THR B 15 26.50 -0.13 -31.28
C THR B 15 27.34 1.15 -31.19
N TYR B 16 28.61 1.03 -31.58
CA TYR B 16 29.61 2.07 -31.34
C TYR B 16 29.26 3.38 -32.03
N SER B 17 29.03 3.34 -33.35
CA SER B 17 28.97 4.57 -34.14
C SER B 17 27.70 5.39 -33.90
N ASP B 18 26.88 5.05 -32.90
CA ASP B 18 25.70 5.85 -32.56
C ASP B 18 25.98 6.87 -31.47
N VAL B 19 27.22 7.36 -31.36
CA VAL B 19 27.56 8.33 -30.33
C VAL B 19 26.95 9.69 -30.68
N GLY B 20 26.62 10.45 -29.64
CA GLY B 20 25.99 11.74 -29.83
C GLY B 20 26.97 12.85 -30.17
N GLY B 21 27.44 12.87 -31.42
CA GLY B 21 28.29 13.94 -31.90
C GLY B 21 29.71 13.95 -31.37
N CYS B 22 30.03 13.10 -30.40
CA CYS B 22 31.36 13.07 -29.81
C CYS B 22 32.35 12.48 -30.79
N LYS B 23 33.26 13.30 -31.31
CA LYS B 23 34.31 12.85 -32.21
C LYS B 23 35.66 12.69 -31.53
N GLU B 24 36.08 13.69 -30.75
CA GLU B 24 37.30 13.56 -29.96
C GLU B 24 37.06 12.78 -28.68
N GLN B 25 35.93 13.04 -28.02
CA GLN B 25 35.65 12.38 -26.74
C GLN B 25 35.44 10.89 -26.90
N ILE B 26 34.95 10.43 -28.05
CA ILE B 26 34.76 9.00 -28.27
C ILE B 26 36.10 8.30 -28.33
N GLU B 27 37.15 9.00 -28.73
CA GLU B 27 38.51 8.47 -28.63
C GLU B 27 39.08 8.64 -27.23
N LYS B 28 38.72 9.76 -26.56
CA LYS B 28 39.19 9.98 -25.20
C LYS B 28 38.69 8.90 -24.24
N LEU B 29 37.50 8.34 -24.50
CA LEU B 29 37.00 7.24 -23.70
C LEU B 29 37.22 5.88 -24.34
N ARG B 30 37.32 5.80 -25.66
CA ARG B 30 37.62 4.53 -26.31
C ARG B 30 39.03 4.08 -25.99
N GLU B 31 39.96 5.02 -25.84
CA GLU B 31 41.34 4.68 -25.51
C GLU B 31 41.48 4.05 -24.13
N VAL B 32 40.44 4.10 -23.30
CA VAL B 32 40.47 3.45 -22.00
C VAL B 32 39.43 2.34 -21.86
N VAL B 33 38.36 2.33 -22.65
CA VAL B 33 37.36 1.28 -22.53
C VAL B 33 37.59 0.16 -23.55
N GLU B 34 38.21 0.45 -24.68
CA GLU B 34 38.43 -0.56 -25.71
C GLU B 34 39.90 -0.83 -26.01
N THR B 35 40.72 0.22 -26.07
CA THR B 35 42.13 0.03 -26.41
C THR B 35 42.90 -0.81 -25.40
N PRO B 36 42.75 -0.64 -24.07
CA PRO B 36 43.54 -1.49 -23.16
C PRO B 36 43.24 -2.97 -23.29
N LEU B 37 41.97 -3.34 -23.52
CA LEU B 37 41.63 -4.75 -23.67
C LEU B 37 42.16 -5.30 -24.99
N LEU B 38 42.17 -4.49 -26.04
CA LEU B 38 42.64 -4.96 -27.34
C LEU B 38 44.15 -5.09 -27.38
N HIS B 39 44.87 -4.30 -26.60
CA HIS B 39 46.33 -4.32 -26.55
C HIS B 39 46.80 -4.27 -25.11
N PRO B 40 46.72 -5.40 -24.38
CA PRO B 40 47.18 -5.38 -22.99
C PRO B 40 48.70 -5.27 -22.87
N GLU B 41 49.44 -5.96 -23.73
CA GLU B 41 50.90 -5.95 -23.63
C GLU B 41 51.48 -4.62 -24.11
N ARG B 42 50.79 -3.94 -25.02
CA ARG B 42 51.30 -2.66 -25.53
C ARG B 42 51.34 -1.60 -24.45
N PHE B 43 50.42 -1.64 -23.49
CA PHE B 43 50.42 -0.68 -22.39
C PHE B 43 51.32 -1.08 -21.24
N VAL B 44 51.67 -2.36 -21.13
CA VAL B 44 52.60 -2.78 -20.09
C VAL B 44 54.04 -2.56 -20.53
N ASN B 45 54.34 -2.83 -21.81
CA ASN B 45 55.69 -2.62 -22.32
C ASN B 45 55.90 -1.17 -22.73
N LEU B 46 54.92 -0.58 -23.42
CA LEU B 46 55.07 0.79 -23.90
C LEU B 46 55.03 1.81 -22.77
N GLY B 47 54.49 1.45 -21.61
CA GLY B 47 54.42 2.36 -20.47
C GLY B 47 54.54 1.62 -19.17
N ILE B 48 53.75 2.02 -18.18
CA ILE B 48 53.78 1.43 -16.86
C ILE B 48 52.44 0.81 -16.47
N GLU B 49 51.32 1.46 -16.81
CA GLU B 49 50.00 0.91 -16.57
C GLU B 49 49.03 1.54 -17.56
N PRO B 50 47.95 0.84 -17.90
CA PRO B 50 46.93 1.43 -18.78
C PRO B 50 46.23 2.59 -18.09
N PRO B 51 45.55 3.45 -18.85
CA PRO B 51 44.86 4.59 -18.24
C PRO B 51 43.72 4.15 -17.34
N LYS B 52 43.37 5.04 -16.42
CA LYS B 52 42.34 4.73 -15.43
C LYS B 52 40.94 4.81 -16.03
N GLY B 53 40.54 5.98 -16.49
CA GLY B 53 39.22 6.14 -17.04
C GLY B 53 38.91 7.62 -17.31
N VAL B 54 37.65 7.87 -17.62
CA VAL B 54 37.19 9.22 -17.92
C VAL B 54 36.07 9.60 -16.97
N LEU B 55 35.51 10.81 -17.15
CA LEU B 55 34.46 11.31 -16.29
C LEU B 55 33.51 12.16 -17.13
N LEU B 56 32.24 11.76 -17.17
CA LEU B 56 31.22 12.45 -17.95
C LEU B 56 30.13 12.93 -17.01
N PHE B 57 29.88 14.24 -16.99
CA PHE B 57 28.85 14.83 -16.14
C PHE B 57 28.33 16.10 -16.80
N GLY B 58 27.43 16.78 -16.11
CA GLY B 58 26.85 18.00 -16.61
C GLY B 58 25.45 17.81 -17.14
N PRO B 59 25.23 18.16 -18.41
CA PRO B 59 23.91 18.00 -19.02
C PRO B 59 23.60 16.53 -19.25
N PRO B 60 22.33 16.13 -19.11
CA PRO B 60 21.98 14.71 -19.30
C PRO B 60 22.26 14.24 -20.72
N GLY B 61 21.63 14.88 -21.71
CA GLY B 61 21.85 14.51 -23.10
C GLY B 61 21.49 13.05 -23.35
N THR B 62 22.42 12.33 -23.97
CA THR B 62 22.26 10.91 -24.26
C THR B 62 22.92 10.02 -23.20
N GLY B 63 22.98 10.48 -21.95
CA GLY B 63 23.63 9.71 -20.92
C GLY B 63 22.95 8.37 -20.67
N LYS B 64 23.71 7.46 -20.06
CA LYS B 64 23.34 6.09 -19.71
C LYS B 64 23.23 5.19 -20.94
N THR B 65 23.37 5.73 -22.15
CA THR B 65 23.31 4.94 -23.36
C THR B 65 24.70 4.53 -23.86
N LEU B 66 25.69 5.40 -23.72
CA LEU B 66 27.02 5.11 -24.22
C LEU B 66 27.72 4.02 -23.41
N CYS B 67 27.35 3.84 -22.14
CA CYS B 67 27.93 2.76 -21.35
C CYS B 67 27.35 1.41 -21.76
N ALA B 68 26.05 1.37 -22.03
CA ALA B 68 25.45 0.18 -22.63
C ALA B 68 26.04 -0.08 -24.01
N ARG B 69 26.42 0.99 -24.73
CA ARG B 69 27.17 0.83 -25.96
C ARG B 69 28.52 0.18 -25.71
N ALA B 70 29.19 0.57 -24.63
CA ALA B 70 30.44 -0.08 -24.26
C ALA B 70 30.22 -1.54 -23.90
N VAL B 71 29.04 -1.88 -23.36
CA VAL B 71 28.71 -3.27 -23.12
C VAL B 71 28.48 -4.01 -24.45
N ALA B 72 27.92 -3.31 -25.44
CA ALA B 72 27.63 -3.96 -26.72
C ALA B 72 28.91 -4.21 -27.51
N ASN B 73 29.84 -3.26 -27.52
CA ASN B 73 31.06 -3.37 -28.29
C ASN B 73 32.16 -4.15 -27.57
N ARG B 74 31.80 -4.94 -26.57
CA ARG B 74 32.78 -5.73 -25.85
C ARG B 74 33.20 -6.93 -26.69
N THR B 75 34.51 -7.13 -26.84
CA THR B 75 35.04 -8.17 -27.71
C THR B 75 35.23 -9.50 -27.01
N ASP B 76 35.33 -9.53 -25.68
CA ASP B 76 35.60 -10.77 -24.95
C ASP B 76 34.42 -11.20 -24.09
N ALA B 77 33.99 -10.35 -23.15
CA ALA B 77 32.89 -10.71 -22.26
C ALA B 77 32.30 -9.42 -21.70
N CYS B 78 31.00 -9.22 -21.96
CA CYS B 78 30.33 -7.99 -21.53
C CYS B 78 30.47 -7.80 -20.02
N PHE B 79 30.91 -6.61 -19.61
CA PHE B 79 31.13 -6.32 -18.21
C PHE B 79 29.81 -6.00 -17.52
N ILE B 80 29.88 -5.80 -16.20
CA ILE B 80 28.70 -5.61 -15.36
C ILE B 80 28.65 -4.15 -14.93
N ARG B 81 27.46 -3.57 -14.98
CA ARG B 81 27.22 -2.20 -14.54
C ARG B 81 26.51 -2.18 -13.20
N VAL B 82 26.67 -1.09 -12.47
CA VAL B 82 26.11 -0.92 -11.14
C VAL B 82 25.41 0.44 -11.08
N ILE B 83 24.14 0.44 -10.68
CA ILE B 83 23.38 1.66 -10.51
C ILE B 83 23.46 2.09 -9.05
N GLY B 84 23.18 3.37 -8.81
CA GLY B 84 23.29 3.92 -7.48
C GLY B 84 21.96 4.18 -6.79
N SER B 85 20.87 4.14 -7.55
CA SER B 85 19.55 4.43 -6.98
C SER B 85 19.06 3.34 -6.05
N GLU B 86 19.70 2.18 -6.02
CA GLU B 86 19.29 1.08 -5.16
C GLU B 86 20.06 1.03 -3.84
N LEU B 87 21.06 1.90 -3.66
CA LEU B 87 21.84 1.88 -2.43
C LEU B 87 21.12 2.60 -1.30
N VAL B 88 20.47 3.72 -1.59
CA VAL B 88 19.74 4.48 -0.58
C VAL B 88 18.35 3.86 -0.44
N GLN B 89 18.21 2.98 0.54
CA GLN B 89 16.95 2.29 0.80
C GLN B 89 16.75 2.15 2.31
N LYS B 90 15.57 1.68 2.69
CA LYS B 90 15.27 1.44 4.09
C LYS B 90 16.10 0.26 4.61
N TYR B 91 16.26 0.22 5.94
CA TYR B 91 17.05 -0.80 6.62
C TYR B 91 18.48 -0.85 6.08
N VAL B 92 19.20 0.24 6.34
CA VAL B 92 20.57 0.40 5.84
C VAL B 92 21.48 -0.62 6.49
N GLY B 93 22.67 -0.82 5.91
CA GLY B 93 23.63 -1.80 6.35
C GLY B 93 23.85 -2.94 5.38
N GLU B 94 22.90 -3.18 4.47
CA GLU B 94 23.08 -4.21 3.45
C GLU B 94 24.04 -3.78 2.36
N GLY B 95 24.36 -2.49 2.27
CA GLY B 95 25.27 -2.02 1.22
C GLY B 95 26.68 -2.52 1.40
N ALA B 96 27.08 -2.85 2.63
CA ALA B 96 28.41 -3.39 2.86
C ALA B 96 28.55 -4.78 2.25
N ARG B 97 27.67 -5.70 2.63
CA ARG B 97 27.70 -7.04 2.04
C ARG B 97 27.36 -6.99 0.56
N MET B 98 26.62 -5.96 0.13
CA MET B 98 26.30 -5.82 -1.29
C MET B 98 27.54 -5.46 -2.10
N VAL B 99 28.29 -4.44 -1.66
CA VAL B 99 29.49 -4.06 -2.39
C VAL B 99 30.56 -5.12 -2.24
N ARG B 100 30.55 -5.87 -1.13
CA ARG B 100 31.52 -6.95 -0.96
C ARG B 100 31.16 -8.17 -1.78
N GLU B 101 29.88 -8.38 -2.10
CA GLU B 101 29.50 -9.51 -2.93
C GLU B 101 29.59 -9.18 -4.41
N LEU B 102 29.38 -7.92 -4.80
CA LEU B 102 29.57 -7.55 -6.20
C LEU B 102 31.04 -7.36 -6.52
N PHE B 103 31.83 -6.85 -5.57
CA PHE B 103 33.28 -6.85 -5.75
C PHE B 103 33.85 -8.25 -5.61
N GLU B 104 33.20 -9.12 -4.82
CA GLU B 104 33.61 -10.51 -4.75
C GLU B 104 33.35 -11.22 -6.08
N MET B 105 32.21 -10.92 -6.72
CA MET B 105 31.97 -11.45 -8.06
C MET B 105 32.91 -10.81 -9.07
N ALA B 106 33.33 -9.56 -8.83
CA ALA B 106 34.32 -8.93 -9.69
C ALA B 106 35.65 -9.65 -9.60
N ARG B 107 36.02 -10.11 -8.39
CA ARG B 107 37.20 -10.94 -8.26
C ARG B 107 36.99 -12.33 -8.84
N THR B 108 35.74 -12.80 -8.84
CA THR B 108 35.43 -14.08 -9.47
C THR B 108 35.48 -13.99 -10.99
N LYS B 109 35.37 -12.79 -11.55
CA LYS B 109 35.40 -12.57 -13.00
C LYS B 109 36.76 -12.07 -13.46
N LYS B 110 37.84 -12.63 -12.90
CA LYS B 110 39.23 -12.27 -13.21
C LYS B 110 39.42 -10.75 -13.31
N ALA B 111 38.85 -10.05 -12.33
CA ALA B 111 38.94 -8.59 -12.22
C ALA B 111 38.40 -7.91 -13.47
N CYS B 112 37.11 -8.11 -13.71
CA CYS B 112 36.44 -7.52 -14.85
C CYS B 112 36.13 -6.04 -14.59
N LEU B 113 35.64 -5.36 -15.63
CA LEU B 113 35.30 -3.96 -15.51
C LEU B 113 34.00 -3.78 -14.74
N ILE B 114 33.98 -2.80 -13.83
CA ILE B 114 32.83 -2.53 -12.98
C ILE B 114 32.45 -1.07 -13.16
N PHE B 115 31.31 -0.83 -13.82
CA PHE B 115 30.81 0.52 -14.03
C PHE B 115 29.86 0.92 -12.92
N PHE B 116 29.94 2.19 -12.51
CA PHE B 116 29.10 2.76 -11.47
C PHE B 116 28.27 3.89 -12.07
N ASP B 117 26.95 3.81 -11.92
CA ASP B 117 26.03 4.79 -12.47
C ASP B 117 25.26 5.49 -11.36
N GLU B 118 24.86 6.73 -11.65
CA GLU B 118 23.99 7.52 -10.77
C GLU B 118 24.62 7.69 -9.38
N ILE B 119 25.76 8.38 -9.36
CA ILE B 119 26.44 8.65 -8.09
C ILE B 119 25.75 9.77 -7.32
N ASP B 120 24.90 10.57 -7.97
CA ASP B 120 24.21 11.66 -7.29
C ASP B 120 23.11 11.17 -6.36
N ALA B 121 22.65 9.93 -6.53
CA ALA B 121 21.64 9.38 -5.62
C ALA B 121 22.21 9.00 -4.27
N ILE B 122 23.53 8.92 -4.15
CA ILE B 122 24.19 8.60 -2.89
C ILE B 122 25.23 9.67 -2.59
N GLY B 123 25.27 10.72 -3.41
CA GLY B 123 26.21 11.80 -3.24
C GLY B 123 25.57 13.06 -2.67
N GLY B 124 26.38 14.11 -2.61
CA GLY B 124 25.92 15.38 -2.08
C GLY B 124 25.87 15.41 -0.56
N ALA B 125 27.03 15.24 0.08
CA ALA B 125 27.07 15.26 1.53
C ALA B 125 26.72 16.64 2.08
N ARG B 126 27.20 17.70 1.42
CA ARG B 126 26.96 19.08 1.84
C ARG B 126 27.36 19.33 3.28
N GLY B 133 22.23 13.22 10.41
CA GLY B 133 21.24 12.23 10.04
C GLY B 133 21.57 11.52 8.74
N ASP B 134 22.55 12.05 8.01
CA ASP B 134 22.99 11.48 6.74
C ASP B 134 24.14 10.51 6.90
N ASN B 135 24.37 9.99 8.11
CA ASN B 135 25.46 9.05 8.32
C ASN B 135 25.23 7.73 7.60
N GLU B 136 23.97 7.31 7.46
CA GLU B 136 23.67 6.09 6.74
C GLU B 136 24.08 6.18 5.28
N VAL B 137 24.04 7.39 4.71
CA VAL B 137 24.53 7.58 3.35
C VAL B 137 26.06 7.68 3.34
N GLN B 138 26.64 8.31 4.37
CA GLN B 138 28.08 8.45 4.46
C GLN B 138 28.76 7.08 4.59
N ARG B 139 28.08 6.10 5.18
CA ARG B 139 28.65 4.76 5.26
C ARG B 139 28.72 4.12 3.87
N THR B 140 27.67 4.29 3.06
CA THR B 140 27.64 3.67 1.74
C THR B 140 28.59 4.37 0.77
N MET B 141 28.61 5.71 0.78
CA MET B 141 29.46 6.42 -0.17
C MET B 141 30.91 6.46 0.28
N LEU B 142 31.16 6.57 1.58
CA LEU B 142 32.54 6.53 2.07
C LEU B 142 33.11 5.12 2.05
N GLU B 143 32.27 4.11 2.29
CA GLU B 143 32.72 2.72 2.10
C GLU B 143 32.92 2.41 0.63
N LEU B 144 32.11 3.01 -0.25
CA LEU B 144 32.28 2.79 -1.68
C LEU B 144 33.58 3.41 -2.18
N ILE B 145 33.80 4.70 -1.87
CA ILE B 145 35.05 5.35 -2.25
C ILE B 145 36.24 4.66 -1.59
N ASN B 146 36.05 4.16 -0.36
CA ASN B 146 37.11 3.38 0.29
C ASN B 146 37.38 2.08 -0.45
N GLN B 147 36.37 1.52 -1.11
CA GLN B 147 36.52 0.29 -1.88
C GLN B 147 36.79 0.55 -3.35
N LEU B 148 37.00 1.81 -3.74
CA LEU B 148 37.40 2.16 -5.10
C LEU B 148 38.80 2.75 -5.15
N ASP B 149 39.11 3.73 -4.31
CA ASP B 149 40.47 4.26 -4.25
C ASP B 149 41.44 3.21 -3.73
N GLY B 150 40.99 2.37 -2.80
CA GLY B 150 41.82 1.30 -2.27
C GLY B 150 42.16 0.27 -3.32
N PHE B 151 43.44 0.17 -3.66
CA PHE B 151 43.93 -0.74 -4.69
C PHE B 151 43.92 -2.20 -4.26
N ASP B 152 43.38 -2.57 -3.10
CA ASP B 152 43.43 -3.97 -2.68
C ASP B 152 42.65 -4.89 -3.62
N PRO B 153 41.36 -4.65 -3.93
CA PRO B 153 40.71 -5.51 -4.94
C PRO B 153 41.32 -5.32 -6.32
N ARG B 154 41.30 -4.09 -6.83
CA ARG B 154 41.93 -3.73 -8.10
C ARG B 154 41.94 -2.22 -8.26
N GLY B 155 43.07 -1.67 -8.71
CA GLY B 155 43.17 -0.23 -8.91
C GLY B 155 43.49 0.17 -10.33
N ASN B 156 43.15 -0.69 -11.29
CA ASN B 156 43.54 -0.48 -12.68
C ASN B 156 42.44 -0.77 -13.70
N ILE B 157 41.27 -1.21 -13.28
CA ILE B 157 40.27 -1.67 -14.23
C ILE B 157 39.60 -0.50 -14.95
N LYS B 158 38.84 0.31 -14.20
CA LYS B 158 38.05 1.38 -14.81
C LYS B 158 37.49 2.28 -13.73
N VAL B 159 37.45 3.59 -14.03
CA VAL B 159 36.80 4.57 -13.17
C VAL B 159 35.95 5.48 -14.05
N LEU B 160 34.65 5.54 -13.78
CA LEU B 160 33.74 6.34 -14.57
C LEU B 160 32.49 6.60 -13.74
N MET B 161 32.04 7.85 -13.73
CA MET B 161 30.84 8.26 -13.00
C MET B 161 29.97 9.09 -13.94
N ALA B 162 28.82 8.54 -14.33
CA ALA B 162 27.89 9.23 -15.22
C ALA B 162 26.74 9.76 -14.35
N THR B 163 26.83 11.04 -14.00
CA THR B 163 25.86 11.69 -13.14
C THR B 163 25.28 12.91 -13.85
N ASN B 164 24.19 13.43 -13.28
CA ASN B 164 23.51 14.60 -13.81
C ASN B 164 23.79 15.86 -13.01
N ARG B 165 23.85 15.75 -11.68
CA ARG B 165 24.07 16.90 -10.82
C ARG B 165 25.49 16.86 -10.25
N PRO B 166 26.31 17.89 -10.46
CA PRO B 166 27.68 17.90 -9.95
C PRO B 166 27.82 18.41 -8.52
N ASP B 167 26.75 18.45 -7.73
CA ASP B 167 26.78 19.00 -6.39
C ASP B 167 27.31 18.00 -5.35
N THR B 168 27.97 16.94 -5.78
CA THR B 168 28.53 15.95 -4.86
C THR B 168 29.86 16.49 -4.33
N LEU B 169 29.89 16.85 -3.05
CA LEU B 169 31.08 17.46 -2.47
C LEU B 169 32.20 16.43 -2.29
N ASP B 170 31.92 15.33 -1.60
CA ASP B 170 32.96 14.36 -1.30
C ASP B 170 33.51 13.66 -2.54
N PRO B 171 32.69 13.20 -3.51
CA PRO B 171 33.30 12.61 -4.72
C PRO B 171 34.11 13.61 -5.54
N ALA B 172 33.81 14.91 -5.43
CA ALA B 172 34.57 15.90 -6.18
C ALA B 172 35.97 16.09 -5.61
N LEU B 173 36.14 15.88 -4.31
CA LEU B 173 37.45 15.99 -3.68
C LEU B 173 38.19 14.66 -3.59
N MET B 174 37.46 13.54 -3.64
CA MET B 174 38.09 12.22 -3.65
C MET B 174 38.40 11.72 -5.06
N ARG B 175 37.78 12.31 -6.09
CA ARG B 175 38.04 11.86 -7.45
C ARG B 175 39.46 12.13 -7.95
N PRO B 176 40.21 13.15 -7.51
CA PRO B 176 41.60 13.26 -7.97
C PRO B 176 42.51 12.12 -7.54
N GLY B 177 42.06 11.28 -6.61
CA GLY B 177 42.85 10.14 -6.18
C GLY B 177 43.02 9.09 -7.24
N ARG B 178 41.91 8.61 -7.80
CA ARG B 178 41.94 7.57 -8.82
C ARG B 178 41.18 7.92 -10.09
N LEU B 179 40.14 8.75 -10.03
CA LEU B 179 39.46 9.19 -11.23
C LEU B 179 40.26 10.29 -11.92
N ASP B 180 39.93 10.53 -13.19
CA ASP B 180 40.64 11.51 -13.99
C ASP B 180 39.75 11.95 -15.14
N ARG B 181 40.29 12.80 -16.01
CA ARG B 181 39.62 13.27 -17.22
C ARG B 181 38.32 14.00 -16.87
N LYS B 182 38.48 15.16 -16.22
CA LYS B 182 37.35 16.00 -15.81
C LYS B 182 36.83 16.78 -17.01
N ILE B 183 36.23 16.04 -17.94
CA ILE B 183 35.69 16.62 -19.16
C ILE B 183 34.17 16.71 -19.05
N GLU B 184 33.57 17.49 -19.94
CA GLU B 184 32.13 17.69 -19.95
C GLU B 184 31.46 16.54 -20.68
N PHE B 185 30.16 16.70 -20.96
CA PHE B 185 29.39 15.65 -21.63
C PHE B 185 29.48 15.73 -23.15
N SER B 186 29.79 16.90 -23.72
CA SER B 186 29.92 17.08 -25.16
C SER B 186 28.60 16.72 -25.87
N LEU B 187 27.58 17.54 -25.60
CA LEU B 187 26.24 17.40 -26.17
C LEU B 187 26.29 17.22 -27.69
N PRO B 188 25.36 16.44 -28.26
CA PRO B 188 25.41 16.19 -29.70
C PRO B 188 25.16 17.46 -30.51
N ASP B 189 25.95 17.62 -31.57
CA ASP B 189 25.83 18.78 -32.45
C ASP B 189 24.80 18.48 -33.54
N LEU B 190 24.72 19.35 -34.55
CA LEU B 190 23.71 19.18 -35.58
C LEU B 190 24.05 18.05 -36.54
N GLU B 191 25.33 17.91 -36.90
CA GLU B 191 25.76 16.91 -37.88
C GLU B 191 26.16 15.59 -37.25
N GLY B 192 25.77 15.33 -36.01
CA GLY B 192 26.13 14.10 -35.34
C GLY B 192 25.22 12.92 -35.66
N ARG B 193 23.94 13.21 -35.91
CA ARG B 193 22.95 12.15 -36.10
C ARG B 193 23.05 11.46 -37.45
N THR B 194 23.81 12.03 -38.40
CA THR B 194 23.89 11.43 -39.73
C THR B 194 24.53 10.04 -39.68
N HIS B 195 25.41 9.79 -38.72
CA HIS B 195 25.97 8.45 -38.56
C HIS B 195 24.97 7.52 -37.89
N ILE B 196 24.18 8.03 -36.95
CA ILE B 196 23.10 7.26 -36.36
C ILE B 196 22.13 6.79 -37.44
N PHE B 197 21.84 7.65 -38.41
CA PHE B 197 21.00 7.23 -39.53
C PHE B 197 21.75 6.28 -40.46
N LYS B 198 23.05 6.51 -40.65
CA LYS B 198 23.83 5.68 -41.57
C LYS B 198 23.88 4.23 -41.11
N ILE B 199 24.18 4.00 -39.84
CA ILE B 199 24.23 2.62 -39.34
C ILE B 199 22.87 2.13 -38.87
N HIS B 200 21.91 3.03 -38.64
CA HIS B 200 20.53 2.62 -38.41
C HIS B 200 19.79 2.31 -39.71
N ALA B 201 20.43 2.51 -40.86
CA ALA B 201 19.86 2.11 -42.14
C ALA B 201 20.00 0.61 -42.40
N ARG B 202 20.47 -0.17 -41.43
CA ARG B 202 20.61 -1.61 -41.57
C ARG B 202 19.30 -2.35 -41.38
N SER B 203 18.19 -1.64 -41.22
CA SER B 203 16.87 -2.27 -41.07
C SER B 203 16.35 -2.67 -42.44
N MET B 204 15.04 -2.91 -42.54
CA MET B 204 14.40 -3.21 -43.81
C MET B 204 14.77 -2.16 -44.86
N SER B 205 14.74 -2.57 -46.12
CA SER B 205 15.25 -1.75 -47.22
C SER B 205 14.62 -0.36 -47.24
N VAL B 206 15.44 0.65 -47.01
CA VAL B 206 15.01 2.04 -47.01
C VAL B 206 15.37 2.67 -48.35
N GLU B 207 14.43 3.44 -48.91
CA GLU B 207 14.68 4.12 -50.16
C GLU B 207 15.82 5.13 -50.00
N ARG B 208 16.69 5.19 -51.02
CA ARG B 208 17.85 6.07 -50.97
C ARG B 208 17.48 7.54 -51.13
N ASP B 209 16.20 7.86 -51.35
CA ASP B 209 15.79 9.25 -51.48
C ASP B 209 15.85 10.00 -50.15
N ILE B 210 15.84 9.29 -49.04
CA ILE B 210 15.87 9.90 -47.71
C ILE B 210 17.31 10.37 -47.46
N ARG B 211 17.54 11.67 -47.56
CA ARG B 211 18.85 12.23 -47.26
C ARG B 211 19.05 12.26 -45.75
N PHE B 212 20.11 11.60 -45.27
CA PHE B 212 20.36 11.53 -43.83
C PHE B 212 20.76 12.87 -43.25
N GLU B 213 21.35 13.75 -44.05
CA GLU B 213 21.74 15.07 -43.53
C GLU B 213 20.53 15.96 -43.29
N LEU B 214 19.51 15.85 -44.16
CA LEU B 214 18.32 16.68 -44.00
C LEU B 214 17.52 16.24 -42.79
N LEU B 215 17.16 14.95 -42.72
CA LEU B 215 16.44 14.44 -41.56
C LEU B 215 17.27 14.53 -40.29
N ALA B 216 18.60 14.54 -40.41
CA ALA B 216 19.46 14.69 -39.24
C ALA B 216 19.45 16.14 -38.74
N ARG B 217 19.46 17.11 -39.67
CA ARG B 217 19.46 18.52 -39.27
C ARG B 217 18.07 19.07 -38.98
N LEU B 218 17.01 18.29 -39.26
CA LEU B 218 15.65 18.72 -38.98
C LEU B 218 15.11 18.10 -37.69
N CYS B 219 15.96 17.92 -36.69
CA CYS B 219 15.54 17.40 -35.39
C CYS B 219 16.52 17.86 -34.32
N PRO B 220 16.41 19.12 -33.89
CA PRO B 220 17.31 19.64 -32.87
C PRO B 220 16.86 19.29 -31.46
N ASN B 221 17.83 19.27 -30.54
CA ASN B 221 17.59 18.98 -29.13
C ASN B 221 16.88 17.64 -28.94
N SER B 222 17.47 16.60 -29.52
CA SER B 222 16.91 15.25 -29.46
C SER B 222 17.94 14.31 -28.85
N THR B 223 17.59 13.72 -27.71
CA THR B 223 18.49 12.80 -27.02
C THR B 223 18.66 11.50 -27.81
N GLY B 224 19.58 10.66 -27.35
CA GLY B 224 19.81 9.39 -28.02
C GLY B 224 18.61 8.47 -27.97
N ALA B 225 17.90 8.46 -26.84
CA ALA B 225 16.67 7.69 -26.75
C ALA B 225 15.57 8.30 -27.62
N GLU B 226 15.58 9.62 -27.78
CA GLU B 226 14.59 10.28 -28.63
C GLU B 226 14.83 9.94 -30.09
N ILE B 227 16.07 10.04 -30.55
CA ILE B 227 16.37 9.70 -31.95
C ILE B 227 16.23 8.20 -32.18
N ARG B 228 16.43 7.39 -31.13
CA ARG B 228 16.17 5.96 -31.27
C ARG B 228 14.67 5.70 -31.40
N SER B 229 13.85 6.45 -30.67
CA SER B 229 12.40 6.33 -30.83
C SER B 229 11.93 6.85 -32.18
N VAL B 230 12.66 7.82 -32.75
CA VAL B 230 12.34 8.29 -34.10
C VAL B 230 12.71 7.24 -35.12
N CYS B 231 13.86 6.57 -34.93
CA CYS B 231 14.25 5.50 -35.83
C CYS B 231 13.33 4.29 -35.69
N THR B 232 12.70 4.13 -34.53
CA THR B 232 11.73 3.04 -34.36
C THR B 232 10.38 3.41 -34.97
N GLU B 233 9.95 4.66 -34.81
CA GLU B 233 8.68 5.10 -35.38
C GLU B 233 8.76 5.34 -36.89
N ALA B 234 9.97 5.41 -37.45
CA ALA B 234 10.09 5.48 -38.90
C ALA B 234 9.63 4.18 -39.54
N GLY B 235 10.18 3.04 -39.07
CA GLY B 235 9.72 1.76 -39.55
C GLY B 235 8.35 1.38 -39.02
N MET B 236 8.00 1.89 -37.84
CA MET B 236 6.66 1.65 -37.29
C MET B 236 5.60 2.28 -38.19
N PHE B 237 5.68 3.60 -38.39
CA PHE B 237 4.75 4.28 -39.28
C PHE B 237 5.00 3.95 -40.75
N ALA B 238 6.09 3.25 -41.07
CA ALA B 238 6.34 2.80 -42.43
C ALA B 238 5.69 1.45 -42.71
N ILE B 239 5.53 0.61 -41.69
CA ILE B 239 4.88 -0.68 -41.86
C ILE B 239 3.38 -0.62 -41.52
N ARG B 240 2.97 0.35 -40.70
CA ARG B 240 1.55 0.49 -40.37
C ARG B 240 0.69 0.73 -41.60
N ALA B 241 1.26 1.28 -42.67
CA ALA B 241 0.54 1.52 -43.91
C ALA B 241 0.51 0.31 -44.82
N ARG B 242 0.97 -0.85 -44.33
CA ARG B 242 1.00 -2.10 -45.10
C ARG B 242 1.83 -1.95 -46.38
N ARG B 243 2.89 -1.15 -46.32
CA ARG B 243 3.78 -0.93 -47.44
C ARG B 243 5.02 -1.80 -47.29
N LYS B 244 5.98 -1.63 -48.21
CA LYS B 244 7.24 -2.37 -48.17
C LYS B 244 8.47 -1.48 -48.19
N ILE B 245 8.32 -0.16 -48.36
CA ILE B 245 9.44 0.76 -48.39
C ILE B 245 9.12 1.95 -47.49
N ALA B 246 10.17 2.58 -46.99
CA ALA B 246 10.06 3.73 -46.11
C ALA B 246 10.56 4.99 -46.82
N THR B 247 9.73 6.02 -46.87
CA THR B 247 10.07 7.29 -47.49
C THR B 247 9.80 8.41 -46.51
N GLU B 248 10.67 9.42 -46.52
CA GLU B 248 10.54 10.54 -45.58
C GLU B 248 9.26 11.33 -45.80
N LYS B 249 8.69 11.28 -47.02
CA LYS B 249 7.45 11.98 -47.29
C LYS B 249 6.24 11.30 -46.64
N ASP B 250 6.39 10.06 -46.21
CA ASP B 250 5.29 9.35 -45.58
C ASP B 250 5.15 9.71 -44.10
N PHE B 251 6.24 10.10 -43.44
CA PHE B 251 6.18 10.37 -42.01
C PHE B 251 6.95 11.63 -41.60
N LEU B 252 7.16 12.57 -42.54
CA LEU B 252 7.80 13.83 -42.15
C LEU B 252 6.93 14.62 -41.20
N GLU B 253 5.60 14.59 -41.42
CA GLU B 253 4.68 15.22 -40.47
C GLU B 253 4.74 14.54 -39.11
N ALA B 254 4.96 13.22 -39.09
CA ALA B 254 5.12 12.51 -37.83
C ALA B 254 6.42 12.87 -37.15
N VAL B 255 7.45 13.22 -37.92
CA VAL B 255 8.73 13.61 -37.34
C VAL B 255 8.66 15.01 -36.76
N ASN B 256 8.41 16.00 -37.61
CA ASN B 256 8.37 17.39 -37.13
C ASN B 256 7.20 17.62 -36.17
N LYS B 257 6.18 16.75 -36.20
CA LYS B 257 5.12 16.80 -35.20
C LYS B 257 5.57 16.15 -33.90
N VAL B 258 6.26 15.00 -34.00
CA VAL B 258 6.70 14.29 -32.79
C VAL B 258 7.83 15.00 -32.08
N ILE B 259 8.51 15.95 -32.72
CA ILE B 259 9.51 16.77 -32.06
C ILE B 259 8.98 18.17 -31.76
N LYS B 260 8.16 18.72 -32.65
CA LYS B 260 7.65 20.07 -32.46
C LYS B 260 6.51 20.09 -31.45
N SER B 261 5.43 19.36 -31.73
CA SER B 261 4.28 19.34 -30.84
C SER B 261 4.63 18.72 -29.49
N TYR B 262 5.67 17.89 -29.46
CA TYR B 262 6.14 17.27 -28.22
C TYR B 262 7.40 17.95 -27.67
N ALA B 263 7.80 19.09 -28.24
CA ALA B 263 8.93 19.85 -27.73
C ALA B 263 8.62 21.34 -27.60
N LYS B 264 7.36 21.75 -27.77
CA LYS B 264 7.00 23.14 -27.56
C LYS B 264 7.10 23.53 -26.09
N GLY C 23 -21.43 3.92 -31.39
CA GLY C 23 -20.80 4.76 -32.39
C GLY C 23 -19.28 4.73 -32.33
N LEU C 24 -18.74 3.74 -31.60
CA LEU C 24 -17.30 3.59 -31.44
C LEU C 24 -16.83 2.16 -31.72
N ASP C 25 -17.60 1.40 -32.49
CA ASP C 25 -17.20 0.01 -32.78
C ASP C 25 -15.93 -0.03 -33.61
N ASN C 26 -15.81 0.86 -34.61
CA ASN C 26 -14.57 0.92 -35.37
C ASN C 26 -13.42 1.47 -34.53
N GLN C 27 -13.73 2.35 -33.57
CA GLN C 27 -12.70 2.86 -32.68
C GLN C 27 -12.25 1.79 -31.69
N ILE C 28 -13.21 1.07 -31.10
CA ILE C 28 -12.86 0.04 -30.12
C ILE C 28 -12.21 -1.17 -30.78
N GLN C 29 -12.48 -1.40 -32.06
CA GLN C 29 -11.76 -2.46 -32.77
C GLN C 29 -10.42 -1.99 -33.30
N GLU C 30 -10.28 -0.68 -33.57
CA GLU C 30 -8.99 -0.15 -33.96
C GLU C 30 -8.01 -0.17 -32.79
N ILE C 31 -8.42 0.39 -31.65
CA ILE C 31 -7.57 0.33 -30.47
C ILE C 31 -7.49 -1.09 -29.93
N LYS C 32 -8.54 -1.89 -30.15
CA LYS C 32 -8.50 -3.30 -29.75
C LYS C 32 -7.44 -4.06 -30.52
N GLU C 33 -7.33 -3.81 -31.83
CA GLU C 33 -6.24 -4.39 -32.60
C GLU C 33 -4.90 -3.76 -32.23
N SER C 34 -4.91 -2.50 -31.80
CA SER C 34 -3.68 -1.84 -31.38
C SER C 34 -3.16 -2.37 -30.05
N VAL C 35 -4.01 -2.99 -29.24
CA VAL C 35 -3.59 -3.53 -27.94
C VAL C 35 -3.55 -5.04 -27.91
N GLU C 36 -4.12 -5.73 -28.90
CA GLU C 36 -4.12 -7.19 -28.93
C GLU C 36 -3.04 -7.76 -29.84
N LEU C 37 -2.36 -6.92 -30.62
CA LEU C 37 -1.27 -7.43 -31.46
C LEU C 37 -0.12 -8.05 -30.66
N PRO C 38 0.24 -7.58 -29.47
CA PRO C 38 1.24 -8.31 -28.67
C PRO C 38 0.62 -9.54 -28.02
N LEU C 39 1.32 -10.67 -28.10
CA LEU C 39 1.03 -11.97 -27.50
C LEU C 39 -0.06 -12.72 -28.27
N THR C 40 -0.74 -12.08 -29.22
CA THR C 40 -1.71 -12.76 -30.06
C THR C 40 -1.52 -12.31 -31.50
N HIS C 41 -1.82 -13.24 -32.43
CA HIS C 41 -1.61 -13.02 -33.86
C HIS C 41 -0.17 -12.62 -34.11
N PRO C 42 0.79 -13.54 -33.94
CA PRO C 42 2.21 -13.16 -33.99
C PRO C 42 2.78 -13.05 -35.39
N GLU C 43 2.09 -13.55 -36.41
CA GLU C 43 2.65 -13.49 -37.76
C GLU C 43 2.75 -12.06 -38.27
N TYR C 44 1.90 -11.15 -37.77
CA TYR C 44 1.97 -9.74 -38.10
C TYR C 44 2.39 -8.88 -36.91
N TYR C 45 3.19 -9.45 -36.01
CA TYR C 45 3.67 -8.74 -34.83
C TYR C 45 5.18 -8.76 -34.69
N GLU C 46 5.83 -9.89 -34.99
CA GLU C 46 7.27 -10.01 -34.86
C GLU C 46 7.97 -10.41 -36.15
N GLU C 47 7.31 -11.14 -37.04
CA GLU C 47 7.93 -11.48 -38.32
C GLU C 47 8.08 -10.25 -39.21
N MET C 48 7.01 -9.44 -39.29
CA MET C 48 7.07 -8.21 -40.08
C MET C 48 7.80 -7.10 -39.35
N GLY C 49 7.86 -7.17 -38.02
CA GLY C 49 8.62 -6.21 -37.24
C GLY C 49 7.83 -4.99 -36.79
N ILE C 50 6.69 -5.22 -36.14
CA ILE C 50 5.90 -4.11 -35.61
C ILE C 50 6.53 -3.57 -34.32
N LYS C 51 6.50 -4.40 -33.26
CA LYS C 51 7.10 -4.12 -31.96
C LYS C 51 6.77 -2.72 -31.44
N PRO C 52 5.55 -2.48 -30.96
CA PRO C 52 5.26 -1.24 -30.22
C PRO C 52 5.36 -1.46 -28.71
N PRO C 53 6.58 -1.53 -28.13
CA PRO C 53 6.73 -1.90 -26.71
C PRO C 53 6.56 -0.73 -25.75
N LYS C 54 5.53 0.08 -25.97
CA LYS C 54 5.30 1.25 -25.13
C LYS C 54 3.88 1.39 -24.60
N GLY C 55 2.88 0.86 -25.29
CA GLY C 55 1.51 0.97 -24.84
C GLY C 55 0.81 2.22 -25.35
N VAL C 56 -0.33 2.51 -24.74
CA VAL C 56 -1.15 3.67 -25.09
C VAL C 56 -1.49 4.43 -23.82
N ILE C 57 -2.05 5.62 -24.00
CA ILE C 57 -2.51 6.47 -22.90
C ILE C 57 -3.93 6.92 -23.20
N LEU C 58 -4.82 6.78 -22.21
CA LEU C 58 -6.22 7.10 -22.37
C LEU C 58 -6.62 8.17 -21.36
N TYR C 59 -7.79 8.77 -21.59
CA TYR C 59 -8.34 9.79 -20.72
C TYR C 59 -9.78 10.05 -21.12
N GLY C 60 -10.61 10.40 -20.13
CA GLY C 60 -12.00 10.71 -20.37
C GLY C 60 -12.42 12.01 -19.72
N PRO C 61 -13.14 12.84 -20.46
CA PRO C 61 -13.63 14.11 -19.90
C PRO C 61 -14.59 13.90 -18.75
N PRO C 62 -15.50 12.90 -18.80
CA PRO C 62 -16.33 12.65 -17.60
C PRO C 62 -15.57 11.89 -16.53
N GLY C 63 -14.57 11.11 -16.94
CA GLY C 63 -13.77 10.33 -16.00
C GLY C 63 -14.56 9.22 -15.32
N THR C 64 -14.55 9.22 -13.99
CA THR C 64 -15.29 8.31 -13.12
C THR C 64 -14.76 6.88 -13.22
N GLY C 65 -13.80 6.60 -14.11
CA GLY C 65 -13.26 5.27 -14.26
C GLY C 65 -14.18 4.26 -14.93
N LYS C 66 -15.46 4.57 -15.07
CA LYS C 66 -16.40 3.62 -15.66
C LYS C 66 -16.44 3.71 -17.18
N THR C 67 -16.14 4.87 -17.75
CA THR C 67 -16.03 4.98 -19.20
C THR C 67 -14.76 4.29 -19.71
N LEU C 68 -13.61 4.64 -19.11
CA LEU C 68 -12.37 3.98 -19.49
C LEU C 68 -12.36 2.51 -19.06
N LEU C 69 -13.04 2.19 -17.96
CA LEU C 69 -13.18 0.79 -17.57
C LEU C 69 -14.08 0.03 -18.55
N ALA C 70 -15.08 0.72 -19.12
CA ALA C 70 -15.94 0.10 -20.12
C ALA C 70 -15.28 0.01 -21.49
N LYS C 71 -14.26 0.83 -21.74
CA LYS C 71 -13.50 0.73 -22.99
C LYS C 71 -12.40 -0.32 -22.90
N ALA C 72 -11.67 -0.36 -21.79
CA ALA C 72 -10.62 -1.35 -21.58
C ALA C 72 -11.15 -2.67 -21.04
N VAL C 73 -12.44 -2.76 -20.74
CA VAL C 73 -13.01 -4.00 -20.22
C VAL C 73 -13.07 -5.09 -21.28
N ALA C 74 -12.95 -4.73 -22.55
CA ALA C 74 -12.95 -5.72 -23.62
C ALA C 74 -11.72 -6.62 -23.54
N ASN C 75 -10.62 -6.13 -22.97
CA ASN C 75 -9.42 -6.92 -22.79
C ASN C 75 -9.46 -7.77 -21.52
N GLN C 76 -10.33 -7.43 -20.58
CA GLN C 76 -10.46 -8.18 -19.33
C GLN C 76 -11.25 -9.47 -19.49
N THR C 77 -11.76 -9.75 -20.69
CA THR C 77 -12.57 -10.96 -20.89
C THR C 77 -11.72 -12.22 -20.70
N SER C 78 -10.67 -12.38 -21.49
CA SER C 78 -9.78 -13.54 -21.41
C SER C 78 -8.34 -13.05 -21.33
N ALA C 79 -7.92 -12.66 -20.12
CA ALA C 79 -6.56 -12.16 -19.88
C ALA C 79 -6.34 -11.95 -18.40
N THR C 80 -5.11 -11.56 -18.02
CA THR C 80 -4.79 -11.18 -16.66
C THR C 80 -4.69 -9.67 -16.57
N PHE C 81 -5.36 -9.09 -15.59
CA PHE C 81 -5.47 -7.64 -15.46
C PHE C 81 -4.94 -7.18 -14.10
N LEU C 82 -4.38 -5.98 -14.09
CA LEU C 82 -3.90 -5.34 -12.87
C LEU C 82 -4.48 -3.93 -12.82
N ARG C 83 -4.98 -3.54 -11.64
CA ARG C 83 -5.68 -2.27 -11.47
C ARG C 83 -5.06 -1.50 -10.32
N VAL C 84 -4.47 -0.34 -10.62
CA VAL C 84 -3.94 0.58 -9.62
C VAL C 84 -4.57 1.93 -9.87
N VAL C 85 -5.48 2.34 -8.98
CA VAL C 85 -6.24 3.58 -9.15
C VAL C 85 -5.70 4.62 -8.19
N GLY C 86 -5.36 5.79 -8.73
CA GLY C 86 -4.91 6.90 -7.94
C GLY C 86 -3.44 6.83 -7.57
N SER C 87 -2.89 8.00 -7.22
CA SER C 87 -1.50 8.13 -6.79
C SER C 87 -1.43 8.72 -5.38
N GLU C 88 -2.47 8.51 -4.58
CA GLU C 88 -2.50 9.04 -3.22
C GLU C 88 -1.50 8.36 -2.31
N LEU C 89 -1.08 7.14 -2.64
CA LEU C 89 -0.15 6.38 -1.81
C LEU C 89 1.24 7.01 -1.72
N ILE C 90 1.49 8.11 -2.40
CA ILE C 90 2.76 8.81 -2.32
C ILE C 90 2.67 10.01 -1.39
N GLN C 91 1.58 10.78 -1.46
CA GLN C 91 1.43 11.96 -0.61
C GLN C 91 0.94 11.61 0.78
N LYS C 92 0.23 10.49 0.94
CA LYS C 92 -0.30 10.10 2.24
C LYS C 92 0.77 9.60 3.20
N TYR C 93 1.98 9.31 2.70
CA TYR C 93 3.06 8.80 3.53
C TYR C 93 4.34 9.55 3.16
N LEU C 94 5.43 9.20 3.84
CA LEU C 94 6.72 9.81 3.57
C LEU C 94 7.16 9.50 2.13
N GLY C 95 8.07 10.32 1.62
CA GLY C 95 8.51 10.19 0.25
C GLY C 95 9.42 8.99 0.03
N ASP C 96 8.84 7.79 0.10
CA ASP C 96 9.62 6.57 -0.13
C ASP C 96 10.16 6.52 -1.55
N GLY C 97 9.47 7.15 -2.51
CA GLY C 97 9.94 7.22 -3.86
C GLY C 97 9.27 6.23 -4.80
N PRO C 98 9.95 5.90 -5.89
CA PRO C 98 9.35 5.01 -6.90
C PRO C 98 9.55 3.53 -6.59
N LYS C 99 9.88 3.20 -5.33
CA LYS C 99 10.13 1.82 -4.97
C LYS C 99 8.89 0.95 -5.20
N LEU C 100 7.70 1.49 -4.98
CA LEU C 100 6.48 0.72 -5.24
C LEU C 100 6.30 0.49 -6.73
N VAL C 101 6.68 1.47 -7.56
CA VAL C 101 6.65 1.27 -9.01
C VAL C 101 7.68 0.23 -9.43
N ARG C 102 8.79 0.13 -8.69
CA ARG C 102 9.77 -0.91 -8.97
C ARG C 102 9.25 -2.28 -8.57
N GLU C 103 8.48 -2.36 -7.49
CA GLU C 103 7.85 -3.61 -7.12
C GLU C 103 6.81 -4.04 -8.16
N LEU C 104 6.02 -3.08 -8.66
CA LEU C 104 5.09 -3.38 -9.73
C LEU C 104 5.82 -3.76 -11.02
N PHE C 105 7.05 -3.25 -11.20
CA PHE C 105 7.83 -3.59 -12.38
C PHE C 105 8.39 -5.00 -12.29
N ARG C 106 8.90 -5.39 -11.12
CA ARG C 106 9.43 -6.75 -10.98
C ARG C 106 8.32 -7.78 -10.93
N VAL C 107 7.16 -7.43 -10.38
CA VAL C 107 6.03 -8.36 -10.41
C VAL C 107 5.38 -8.38 -11.79
N ALA C 108 5.53 -7.31 -12.58
CA ALA C 108 5.09 -7.36 -13.97
C ALA C 108 6.06 -8.16 -14.83
N GLU C 109 7.34 -8.19 -14.45
CA GLU C 109 8.30 -9.03 -15.15
C GLU C 109 8.08 -10.50 -14.79
N GLU C 110 7.81 -10.79 -13.52
CA GLU C 110 7.47 -12.14 -13.11
C GLU C 110 6.06 -12.55 -13.57
N HIS C 111 5.24 -11.59 -13.98
CA HIS C 111 3.89 -11.83 -14.45
C HIS C 111 3.69 -11.20 -15.83
N ALA C 112 4.61 -11.51 -16.74
CA ALA C 112 4.58 -10.95 -18.10
C ALA C 112 3.23 -11.11 -18.80
N PRO C 113 2.56 -12.28 -18.78
CA PRO C 113 1.24 -12.35 -19.43
C PRO C 113 0.18 -11.61 -18.65
N SER C 114 0.24 -10.28 -18.68
CA SER C 114 -0.72 -9.44 -17.97
C SER C 114 -0.84 -8.12 -18.71
N ILE C 115 -1.64 -7.21 -18.14
CA ILE C 115 -1.85 -5.88 -18.70
C ILE C 115 -1.76 -4.86 -17.57
N VAL C 116 -0.83 -3.93 -17.67
CA VAL C 116 -0.66 -2.90 -16.64
C VAL C 116 -1.58 -1.74 -16.97
N PHE C 117 -2.35 -1.29 -15.98
CA PHE C 117 -3.28 -0.19 -16.14
C PHE C 117 -3.28 0.66 -14.88
N ILE C 118 -3.04 1.96 -15.03
CA ILE C 118 -3.03 2.91 -13.93
C ILE C 118 -4.11 3.95 -14.20
N ASP C 119 -4.92 4.24 -13.18
CA ASP C 119 -6.04 5.16 -13.31
C ASP C 119 -5.93 6.26 -12.26
N GLU C 120 -6.56 7.40 -12.57
CA GLU C 120 -6.57 8.56 -11.68
C GLU C 120 -5.16 9.06 -11.38
N ILE C 121 -4.39 9.28 -12.44
CA ILE C 121 -3.02 9.80 -12.33
C ILE C 121 -3.13 11.31 -12.13
N ASP C 122 -2.98 11.76 -10.88
CA ASP C 122 -3.07 13.17 -10.56
C ASP C 122 -1.83 13.64 -9.79
N GLY C 135 9.96 18.09 -0.65
CA GLY C 135 9.01 19.05 -1.15
C GLY C 135 8.84 18.99 -2.66
N GLU C 136 8.86 20.17 -3.30
CA GLU C 136 8.72 20.22 -4.75
C GLU C 136 9.93 19.63 -5.46
N ARG C 137 11.12 19.75 -4.86
CA ARG C 137 12.32 19.19 -5.48
C ARG C 137 12.29 17.67 -5.50
N GLU C 138 11.55 17.05 -4.59
CA GLU C 138 11.44 15.59 -4.57
C GLU C 138 10.40 15.11 -5.58
N ILE C 139 9.30 15.86 -5.76
CA ILE C 139 8.28 15.47 -6.73
C ILE C 139 8.84 15.53 -8.14
N GLN C 140 9.74 16.48 -8.41
CA GLN C 140 10.33 16.58 -9.74
C GLN C 140 11.32 15.46 -10.01
N ARG C 141 12.10 15.05 -9.01
CA ARG C 141 13.08 13.98 -9.23
C ARG C 141 12.42 12.61 -9.26
N THR C 142 11.35 12.41 -8.49
CA THR C 142 10.60 11.16 -8.61
C THR C 142 9.70 11.15 -9.82
N MET C 143 9.37 12.33 -10.37
CA MET C 143 8.63 12.39 -11.63
C MET C 143 9.52 12.15 -12.83
N LEU C 144 10.78 12.61 -12.76
CA LEU C 144 11.74 12.29 -13.81
C LEU C 144 12.19 10.84 -13.70
N GLU C 145 12.35 10.34 -12.47
CA GLU C 145 12.70 8.93 -12.28
C GLU C 145 11.56 8.03 -12.73
N LEU C 146 10.32 8.42 -12.45
CA LEU C 146 9.17 7.69 -12.97
C LEU C 146 9.06 7.85 -14.49
N LEU C 147 9.55 8.97 -15.03
CA LEU C 147 9.53 9.19 -16.47
C LEU C 147 10.49 8.24 -17.18
N ASN C 148 11.71 8.10 -16.66
CA ASN C 148 12.67 7.18 -17.26
C ASN C 148 12.29 5.73 -16.97
N GLN C 149 11.69 5.47 -15.80
CA GLN C 149 11.30 4.10 -15.47
C GLN C 149 10.15 3.63 -16.34
N LEU C 150 9.17 4.52 -16.61
CA LEU C 150 8.03 4.14 -17.43
C LEU C 150 8.44 3.87 -18.87
N ASP C 151 9.48 4.56 -19.36
CA ASP C 151 9.95 4.33 -20.73
C ASP C 151 10.58 2.95 -20.88
N GLY C 152 11.28 2.48 -19.85
CA GLY C 152 11.92 1.19 -19.90
C GLY C 152 13.13 1.17 -20.82
N PHE C 153 14.18 1.91 -20.46
CA PHE C 153 15.38 1.95 -21.28
C PHE C 153 16.11 0.61 -21.30
N ASP C 154 16.07 -0.13 -20.19
CA ASP C 154 16.74 -1.42 -20.07
C ASP C 154 15.75 -2.58 -20.07
N SER C 155 14.65 -2.44 -20.79
CA SER C 155 13.63 -3.48 -20.84
C SER C 155 12.93 -3.44 -22.19
N ARG C 156 12.78 -4.59 -22.81
CA ARG C 156 12.10 -4.70 -24.09
C ARG C 156 10.61 -4.96 -23.86
N GLY C 157 9.90 -5.31 -24.92
CA GLY C 157 8.47 -5.59 -24.82
C GLY C 157 8.18 -6.83 -24.00
N ASP C 158 7.64 -6.64 -22.79
CA ASP C 158 7.33 -7.76 -21.91
C ASP C 158 5.89 -7.65 -21.40
N VAL C 159 5.39 -6.42 -21.29
CA VAL C 159 4.03 -6.18 -20.79
C VAL C 159 3.57 -4.84 -21.35
N LYS C 160 2.26 -4.67 -21.45
CA LYS C 160 1.66 -3.45 -21.95
C LYS C 160 1.21 -2.56 -20.79
N VAL C 161 1.50 -1.27 -20.90
CA VAL C 161 1.17 -0.29 -19.88
C VAL C 161 0.20 0.73 -20.48
N ILE C 162 -0.91 0.95 -19.79
CA ILE C 162 -1.94 1.89 -20.23
C ILE C 162 -2.15 2.91 -19.11
N MET C 163 -2.06 4.19 -19.46
CA MET C 163 -2.24 5.27 -18.51
C MET C 163 -3.63 5.88 -18.64
N ALA C 164 -4.13 6.41 -17.53
CA ALA C 164 -5.46 7.00 -17.49
C ALA C 164 -5.50 8.07 -16.41
N THR C 165 -6.24 9.13 -16.68
CA THR C 165 -6.37 10.25 -15.75
C THR C 165 -7.67 10.99 -16.07
N ASN C 166 -7.96 12.01 -15.25
CA ASN C 166 -9.17 12.80 -15.46
C ASN C 166 -9.02 13.71 -16.68
N ARG C 167 -7.97 14.54 -16.69
CA ARG C 167 -7.71 15.46 -17.78
C ARG C 167 -6.25 15.35 -18.19
N ILE C 168 -6.02 15.24 -19.51
CA ILE C 168 -4.66 15.14 -20.01
C ILE C 168 -3.94 16.49 -19.95
N GLU C 169 -4.68 17.59 -19.81
CA GLU C 169 -4.06 18.91 -19.76
C GLU C 169 -3.49 19.22 -18.38
N THR C 170 -3.97 18.57 -17.33
CA THR C 170 -3.44 18.82 -15.99
C THR C 170 -2.05 18.21 -15.82
N LEU C 171 -1.84 17.01 -16.35
CA LEU C 171 -0.55 16.36 -16.25
C LEU C 171 0.46 17.02 -17.19
N ASP C 172 1.73 16.83 -16.88
CA ASP C 172 2.79 17.40 -17.70
C ASP C 172 2.88 16.64 -19.03
N PRO C 173 3.08 17.35 -20.15
CA PRO C 173 3.16 16.68 -21.45
C PRO C 173 4.39 15.80 -21.63
N ALA C 174 5.30 15.75 -20.66
CA ALA C 174 6.48 14.92 -20.79
C ALA C 174 6.16 13.43 -20.73
N LEU C 175 5.03 13.05 -20.12
CA LEU C 175 4.63 11.66 -20.00
C LEU C 175 4.06 11.09 -21.29
N ILE C 176 4.08 11.85 -22.39
CA ILE C 176 3.48 11.39 -23.63
C ILE C 176 4.43 10.45 -24.38
N ARG C 177 5.69 10.86 -24.56
CA ARG C 177 6.62 10.07 -25.35
C ARG C 177 6.85 8.65 -24.82
N PRO C 178 7.04 8.42 -23.52
CA PRO C 178 7.20 7.03 -23.07
C PRO C 178 5.95 6.19 -23.26
N GLY C 179 4.80 6.68 -22.82
CA GLY C 179 3.57 5.91 -22.91
C GLY C 179 2.93 5.89 -24.28
N ARG C 180 2.51 7.05 -24.78
CA ARG C 180 1.79 7.15 -26.04
C ARG C 180 2.79 7.43 -27.15
N ILE C 181 3.14 6.39 -27.92
CA ILE C 181 4.03 6.54 -29.05
C ILE C 181 3.35 5.96 -30.29
N ASP C 182 2.27 5.20 -30.09
CA ASP C 182 1.54 4.59 -31.18
C ASP C 182 0.37 5.46 -31.65
N ARG C 183 -0.59 5.71 -30.76
CA ARG C 183 -1.78 6.46 -31.10
C ARG C 183 -2.60 6.79 -29.86
N LYS C 184 -3.29 7.92 -29.87
CA LYS C 184 -4.18 8.31 -28.78
C LYS C 184 -5.58 8.54 -29.32
N ILE C 185 -6.57 8.38 -28.44
CA ILE C 185 -7.97 8.57 -28.81
C ILE C 185 -8.67 9.38 -27.72
N GLU C 186 -9.60 10.22 -28.14
CA GLU C 186 -10.40 11.04 -27.25
C GLU C 186 -11.84 10.50 -27.20
N PHE C 187 -12.53 10.82 -26.12
CA PHE C 187 -13.88 10.32 -25.94
C PHE C 187 -14.84 11.04 -26.88
N PRO C 188 -15.61 10.31 -27.70
CA PRO C 188 -16.47 10.96 -28.69
C PRO C 188 -17.67 11.65 -28.08
N LEU C 189 -18.56 12.13 -28.93
CA LEU C 189 -19.76 12.85 -28.56
C LEU C 189 -20.95 11.90 -28.55
N PRO C 190 -22.11 12.34 -28.02
CA PRO C 190 -23.30 11.48 -28.06
C PRO C 190 -23.81 11.26 -29.48
N ASP C 191 -23.14 10.38 -30.22
CA ASP C 191 -23.39 10.02 -31.61
C ASP C 191 -24.69 9.24 -31.81
N GLU C 192 -25.52 9.10 -30.77
CA GLU C 192 -26.82 8.43 -30.76
C GLU C 192 -26.74 6.95 -31.07
N LYS C 193 -25.53 6.38 -31.12
CA LYS C 193 -25.36 4.95 -31.33
C LYS C 193 -24.67 4.25 -30.17
N THR C 194 -23.75 4.91 -29.47
CA THR C 194 -23.07 4.30 -28.33
C THR C 194 -24.04 4.14 -27.16
N LYS C 195 -24.68 5.23 -26.75
CA LYS C 195 -25.68 5.15 -25.68
C LYS C 195 -26.91 4.35 -26.10
N LYS C 196 -27.17 4.25 -27.41
CA LYS C 196 -28.27 3.40 -27.86
C LYS C 196 -27.92 1.93 -27.73
N ARG C 197 -26.67 1.56 -28.08
CA ARG C 197 -26.25 0.18 -27.92
C ARG C 197 -26.14 -0.21 -26.45
N ILE C 198 -25.55 0.66 -25.63
CA ILE C 198 -25.45 0.39 -24.20
C ILE C 198 -26.83 0.32 -23.57
N PHE C 199 -27.74 1.21 -23.99
CA PHE C 199 -29.10 1.18 -23.49
C PHE C 199 -29.82 -0.09 -23.93
N GLN C 200 -29.49 -0.60 -25.12
CA GLN C 200 -30.06 -1.85 -25.57
C GLN C 200 -29.54 -3.04 -24.76
N ILE C 201 -28.25 -3.00 -24.41
CA ILE C 201 -27.68 -4.08 -23.59
C ILE C 201 -28.27 -4.07 -22.20
N HIS C 202 -28.40 -2.88 -21.59
CA HIS C 202 -28.98 -2.80 -20.26
C HIS C 202 -30.48 -3.08 -20.27
N THR C 203 -31.16 -2.83 -21.39
CA THR C 203 -32.59 -3.08 -21.52
C THR C 203 -32.88 -4.26 -22.44
N SER C 204 -31.98 -5.24 -22.47
CA SER C 204 -32.22 -6.42 -23.29
C SER C 204 -33.29 -7.32 -22.68
N ARG C 205 -33.49 -7.26 -21.36
CA ARG C 205 -34.48 -8.07 -20.69
C ARG C 205 -35.45 -7.25 -19.84
N MET C 206 -35.36 -5.92 -19.85
CA MET C 206 -36.24 -5.08 -19.07
C MET C 206 -37.59 -4.94 -19.77
N THR C 207 -38.58 -4.43 -19.02
CA THR C 207 -39.93 -4.22 -19.51
C THR C 207 -40.20 -2.72 -19.55
N LEU C 208 -40.31 -2.17 -20.76
CA LEU C 208 -40.56 -0.75 -20.95
C LEU C 208 -41.81 -0.57 -21.81
N ALA C 209 -42.55 0.51 -21.54
CA ALA C 209 -43.77 0.79 -22.27
C ALA C 209 -43.46 1.27 -23.68
N ASP C 210 -44.49 1.31 -24.52
CA ASP C 210 -44.32 1.71 -25.91
C ASP C 210 -44.06 3.20 -26.06
N ASP C 211 -44.52 4.02 -25.11
CA ASP C 211 -44.29 5.46 -25.20
C ASP C 211 -42.87 5.87 -24.81
N VAL C 212 -42.03 4.92 -24.39
CA VAL C 212 -40.66 5.22 -23.98
C VAL C 212 -39.80 5.34 -25.23
N THR C 213 -39.62 6.56 -25.72
CA THR C 213 -38.78 6.77 -26.89
C THR C 213 -37.31 6.81 -26.49
N LEU C 214 -36.44 6.66 -27.49
CA LEU C 214 -35.00 6.59 -27.27
C LEU C 214 -34.25 7.82 -27.78
N ASP C 215 -34.72 8.44 -28.86
CA ASP C 215 -33.97 9.54 -29.46
C ASP C 215 -33.88 10.73 -28.52
N ASP C 216 -34.95 11.03 -27.78
CA ASP C 216 -34.89 12.14 -26.82
C ASP C 216 -33.95 11.84 -25.67
N LEU C 217 -33.80 10.56 -25.31
CA LEU C 217 -32.92 10.19 -24.21
C LEU C 217 -31.45 10.23 -24.63
N ILE C 218 -31.12 9.52 -25.71
CA ILE C 218 -29.73 9.47 -26.17
C ILE C 218 -29.30 10.80 -26.77
N MET C 219 -30.24 11.66 -27.15
CA MET C 219 -29.92 12.97 -27.69
C MET C 219 -29.89 14.04 -26.62
N ALA C 220 -30.76 13.93 -25.61
CA ALA C 220 -30.79 14.93 -24.54
C ALA C 220 -29.57 14.83 -23.65
N LYS C 221 -29.09 13.61 -23.38
CA LYS C 221 -27.92 13.43 -22.54
C LYS C 221 -26.66 13.90 -23.27
N ASP C 222 -25.69 14.35 -22.49
CA ASP C 222 -24.43 14.82 -23.05
C ASP C 222 -23.32 14.59 -22.03
N ASP C 223 -22.34 13.76 -22.40
CA ASP C 223 -21.20 13.43 -21.54
C ASP C 223 -21.66 12.72 -20.26
N LEU C 224 -22.38 11.62 -20.45
CA LEU C 224 -22.82 10.76 -19.36
C LEU C 224 -22.27 9.36 -19.57
N SER C 225 -21.71 8.79 -18.51
CA SER C 225 -21.11 7.46 -18.58
C SER C 225 -22.19 6.39 -18.49
N GLY C 226 -21.75 5.12 -18.49
CA GLY C 226 -22.69 4.02 -18.38
C GLY C 226 -23.35 3.92 -17.02
N ALA C 227 -22.66 4.37 -15.96
CA ALA C 227 -23.24 4.37 -14.63
C ALA C 227 -24.29 5.44 -14.44
N ASP C 228 -24.36 6.43 -15.32
CA ASP C 228 -25.40 7.46 -15.23
C ASP C 228 -26.70 6.96 -15.84
N ILE C 229 -26.63 6.37 -17.04
CA ILE C 229 -27.83 5.80 -17.63
C ILE C 229 -28.28 4.56 -16.86
N LYS C 230 -27.32 3.78 -16.36
CA LYS C 230 -27.67 2.66 -15.49
C LYS C 230 -28.22 3.13 -14.16
N ALA C 231 -27.77 4.31 -13.69
CA ALA C 231 -28.29 4.85 -12.43
C ALA C 231 -29.71 5.37 -12.60
N ILE C 232 -30.01 6.04 -13.72
CA ILE C 232 -31.35 6.55 -13.92
C ILE C 232 -32.31 5.43 -14.29
N CYS C 233 -31.81 4.36 -14.94
CA CYS C 233 -32.66 3.19 -15.16
C CYS C 233 -32.91 2.45 -13.85
N THR C 234 -31.90 2.40 -12.97
CA THR C 234 -32.06 1.71 -11.70
C THR C 234 -33.04 2.45 -10.80
N GLU C 235 -32.87 3.77 -10.64
CA GLU C 235 -33.81 4.55 -9.86
C GLU C 235 -35.16 4.68 -10.56
N ALA C 236 -35.21 4.49 -11.87
CA ALA C 236 -36.48 4.50 -12.57
C ALA C 236 -37.28 3.23 -12.29
N GLY C 237 -36.61 2.08 -12.31
CA GLY C 237 -37.29 0.84 -11.95
C GLY C 237 -37.63 0.78 -10.48
N LEU C 238 -36.76 1.33 -9.62
CA LEU C 238 -37.04 1.37 -8.19
C LEU C 238 -38.16 2.35 -7.88
N MET C 239 -38.29 3.41 -8.65
CA MET C 239 -39.40 4.35 -8.46
C MET C 239 -40.70 3.78 -9.03
N ALA C 240 -40.62 2.99 -10.11
CA ALA C 240 -41.79 2.32 -10.64
C ALA C 240 -42.21 1.14 -9.78
N LEU C 241 -41.32 0.62 -8.94
CA LEU C 241 -41.66 -0.46 -8.03
C LEU C 241 -42.53 0.00 -6.86
N ARG C 242 -42.63 1.32 -6.64
CA ARG C 242 -43.43 1.83 -5.54
C ARG C 242 -44.90 1.49 -5.67
N GLU C 243 -45.37 1.15 -6.87
CA GLU C 243 -46.76 0.79 -7.11
C GLU C 243 -46.88 -0.62 -7.67
N ARG C 244 -45.87 -1.46 -7.41
CA ARG C 244 -45.85 -2.85 -7.88
C ARG C 244 -45.96 -2.95 -9.39
N ARG C 245 -45.48 -1.92 -10.09
CA ARG C 245 -45.53 -1.89 -11.55
C ARG C 245 -44.23 -2.49 -12.10
N MET C 246 -44.33 -3.66 -12.72
CA MET C 246 -43.17 -4.31 -13.31
C MET C 246 -42.70 -3.62 -14.60
N LYS C 247 -43.50 -2.72 -15.15
CA LYS C 247 -43.18 -2.01 -16.38
C LYS C 247 -42.94 -0.54 -16.07
N VAL C 248 -41.85 0.01 -16.62
CA VAL C 248 -41.47 1.40 -16.38
C VAL C 248 -41.98 2.26 -17.53
N THR C 249 -42.69 3.34 -17.19
CA THR C 249 -43.21 4.25 -18.18
C THR C 249 -42.18 5.36 -18.46
N ASN C 250 -42.45 6.12 -19.53
CA ASN C 250 -41.55 7.20 -19.90
C ASN C 250 -41.67 8.40 -18.96
N GLU C 251 -42.87 8.68 -18.48
CA GLU C 251 -43.05 9.79 -17.54
C GLU C 251 -42.36 9.53 -16.22
N ASP C 252 -42.32 8.27 -15.78
CA ASP C 252 -41.57 7.92 -14.57
C ASP C 252 -40.07 7.89 -14.84
N PHE C 253 -39.66 7.59 -16.07
CA PHE C 253 -38.24 7.61 -16.42
C PHE C 253 -37.70 9.03 -16.41
N LYS C 254 -38.44 9.97 -17.03
CA LYS C 254 -38.03 11.36 -16.99
C LYS C 254 -38.22 11.96 -15.60
N LYS C 255 -39.25 11.52 -14.87
CA LYS C 255 -39.44 11.99 -13.50
C LYS C 255 -38.28 11.56 -12.61
N SER C 256 -37.75 10.36 -12.83
CA SER C 256 -36.55 9.94 -12.12
C SER C 256 -35.32 10.67 -12.62
N LYS C 257 -35.29 10.99 -13.92
CA LYS C 257 -34.18 11.75 -14.48
C LYS C 257 -34.12 13.17 -13.93
N GLU C 258 -35.26 13.71 -13.47
CA GLU C 258 -35.26 15.06 -12.90
C GLU C 258 -34.42 15.13 -11.64
N ASN C 259 -34.25 14.01 -10.93
CA ASN C 259 -33.44 14.00 -9.72
C ASN C 259 -31.95 14.09 -10.04
N VAL C 260 -31.51 13.43 -11.10
CA VAL C 260 -30.11 13.48 -11.49
C VAL C 260 -29.80 14.81 -12.18
N LEU C 261 -30.68 15.25 -13.08
CA LEU C 261 -30.47 16.54 -13.74
C LEU C 261 -30.52 17.68 -12.75
N TYR C 262 -31.38 17.59 -11.73
CA TYR C 262 -31.42 18.61 -10.70
C TYR C 262 -30.25 18.49 -9.73
N LYS C 263 -29.74 17.28 -9.51
CA LYS C 263 -28.64 17.08 -8.59
C LYS C 263 -27.33 17.58 -9.18
N LYS C 264 -27.11 17.35 -10.48
CA LYS C 264 -25.88 17.79 -11.11
C LYS C 264 -25.81 19.30 -11.27
N GLN C 265 -26.94 19.98 -11.30
CA GLN C 265 -26.98 21.43 -11.43
C GLN C 265 -27.05 22.15 -10.08
N GLU C 266 -27.27 21.41 -8.98
CA GLU C 266 -27.34 22.05 -7.67
C GLU C 266 -25.96 22.50 -7.20
N GLY C 267 -24.90 21.78 -7.57
CA GLY C 267 -23.56 22.13 -7.18
C GLY C 267 -22.58 22.19 -8.35
N ASP D 27 -23.67 28.33 49.07
CA ASP D 27 -24.53 27.42 49.81
C ASP D 27 -25.17 26.39 48.87
N ILE D 28 -24.62 26.27 47.66
CA ILE D 28 -25.13 25.34 46.68
C ILE D 28 -24.14 24.23 46.34
N GLN D 29 -22.83 24.48 46.48
CA GLN D 29 -21.85 23.44 46.18
C GLN D 29 -21.86 22.35 47.23
N LYS D 30 -21.87 22.73 48.51
CA LYS D 30 -21.91 21.75 49.58
C LYS D 30 -23.26 21.04 49.66
N GLN D 31 -24.32 21.66 49.14
CA GLN D 31 -25.64 21.02 49.12
C GLN D 31 -25.77 20.06 47.95
N GLU D 32 -25.25 20.45 46.78
CA GLU D 32 -25.29 19.55 45.62
C GLU D 32 -24.36 18.36 45.82
N VAL D 33 -23.12 18.62 46.26
CA VAL D 33 -22.19 17.52 46.53
C VAL D 33 -22.64 16.73 47.75
N ARG D 34 -23.23 17.39 48.74
CA ARG D 34 -23.73 16.69 49.92
C ARG D 34 -24.83 15.71 49.54
N GLU D 35 -25.89 16.21 48.90
CA GLU D 35 -26.98 15.36 48.44
C GLU D 35 -26.58 14.45 47.29
N ALA D 36 -25.38 14.62 46.73
CA ALA D 36 -24.88 13.75 45.68
C ALA D 36 -23.86 12.74 46.19
N VAL D 37 -23.49 12.79 47.48
CA VAL D 37 -22.52 11.88 48.04
C VAL D 37 -23.14 11.09 49.19
N GLU D 38 -23.70 11.79 50.19
CA GLU D 38 -24.15 11.11 51.39
C GLU D 38 -25.58 10.62 51.29
N LEU D 39 -26.42 11.23 50.44
CA LEU D 39 -27.80 10.78 50.30
C LEU D 39 -27.91 9.50 49.49
N PRO D 40 -27.24 9.36 48.34
CA PRO D 40 -27.31 8.08 47.62
C PRO D 40 -26.57 6.94 48.31
N LEU D 41 -25.78 7.22 49.34
CA LEU D 41 -24.98 6.18 49.97
C LEU D 41 -25.81 5.24 50.83
N THR D 42 -26.98 5.67 51.32
CA THR D 42 -27.79 4.84 52.19
C THR D 42 -29.27 4.94 51.87
N HIS D 43 -29.62 5.25 50.61
CA HIS D 43 -31.01 5.36 50.20
C HIS D 43 -31.21 4.67 48.85
N PHE D 44 -30.62 3.50 48.68
CA PHE D 44 -30.70 2.80 47.39
C PHE D 44 -32.13 2.32 47.12
N GLU D 45 -32.85 1.89 48.17
CA GLU D 45 -34.20 1.39 47.97
C GLU D 45 -35.13 2.48 47.47
N LEU D 46 -34.88 3.74 47.85
CA LEU D 46 -35.72 4.83 47.35
C LEU D 46 -35.47 5.08 45.87
N TYR D 47 -34.23 4.91 45.40
CA TYR D 47 -33.97 4.98 43.96
C TYR D 47 -34.55 3.77 43.25
N LYS D 48 -34.64 2.62 43.94
CA LYS D 48 -35.35 1.48 43.37
C LYS D 48 -36.84 1.77 43.24
N GLN D 49 -37.40 2.58 44.15
CA GLN D 49 -38.81 2.94 44.06
C GLN D 49 -39.06 3.97 42.96
N ILE D 50 -38.29 5.05 42.96
CA ILE D 50 -38.52 6.11 41.97
C ILE D 50 -38.00 5.70 40.60
N GLY D 51 -36.99 4.83 40.55
CA GLY D 51 -36.47 4.37 39.27
C GLY D 51 -35.49 5.31 38.61
N ILE D 52 -34.68 6.03 39.37
CA ILE D 52 -33.68 6.94 38.85
C ILE D 52 -32.32 6.56 39.42
N ASP D 53 -31.37 6.28 38.55
CA ASP D 53 -30.04 5.89 38.99
C ASP D 53 -29.30 7.08 39.58
N PRO D 54 -28.74 6.97 40.78
CA PRO D 54 -27.99 8.09 41.37
C PRO D 54 -26.62 8.23 40.75
N PRO D 55 -26.26 9.43 40.27
CA PRO D 55 -24.92 9.64 39.73
C PRO D 55 -23.90 9.76 40.84
N ARG D 56 -22.74 9.13 40.65
CA ARG D 56 -21.68 9.12 41.65
C ARG D 56 -20.32 9.54 41.11
N GLY D 57 -20.15 9.67 39.80
CA GLY D 57 -18.86 10.01 39.23
C GLY D 57 -18.48 11.46 39.39
N VAL D 58 -17.44 11.73 40.17
CA VAL D 58 -16.90 13.08 40.38
C VAL D 58 -15.54 13.15 39.70
N LEU D 59 -15.41 14.06 38.74
CA LEU D 59 -14.19 14.21 37.95
C LEU D 59 -13.46 15.48 38.36
N MET D 60 -12.14 15.39 38.50
CA MET D 60 -11.29 16.52 38.83
C MET D 60 -10.30 16.76 37.69
N TYR D 61 -10.09 18.03 37.36
CA TYR D 61 -9.24 18.39 36.24
C TYR D 61 -8.56 19.73 36.55
N GLY D 62 -7.58 20.07 35.71
CA GLY D 62 -6.83 21.29 35.87
C GLY D 62 -5.34 21.04 36.02
N PRO D 63 -4.58 21.33 34.97
CA PRO D 63 -3.12 21.14 35.03
C PRO D 63 -2.44 22.03 36.05
N PRO D 64 -2.90 23.27 36.30
CA PRO D 64 -2.25 24.05 37.37
C PRO D 64 -2.37 23.43 38.74
N GLY D 65 -3.59 23.10 39.17
CA GLY D 65 -3.78 22.50 40.48
C GLY D 65 -3.78 20.99 40.45
N CYS D 66 -2.79 20.38 41.11
CA CYS D 66 -2.71 18.93 41.14
C CYS D 66 -3.84 18.34 41.99
N GLY D 67 -3.89 18.71 43.26
CA GLY D 67 -4.95 18.20 44.13
C GLY D 67 -4.80 16.72 44.37
N LYS D 68 -5.91 15.98 44.22
CA LYS D 68 -5.96 14.53 44.37
C LYS D 68 -5.61 14.10 45.79
N THR D 69 -5.44 15.05 46.70
CA THR D 69 -5.15 14.76 48.10
C THR D 69 -6.06 15.51 49.05
N MET D 70 -6.35 16.77 48.78
CA MET D 70 -7.21 17.55 49.67
C MET D 70 -8.66 17.10 49.56
N LEU D 71 -9.16 16.96 48.33
CA LEU D 71 -10.53 16.49 48.13
C LEU D 71 -10.64 14.97 48.25
N ALA D 72 -9.60 14.25 47.82
CA ALA D 72 -9.63 12.79 47.94
C ALA D 72 -9.57 12.35 49.39
N LYS D 73 -8.71 12.98 50.18
CA LYS D 73 -8.65 12.66 51.60
C LYS D 73 -9.73 13.36 52.40
N ALA D 74 -10.25 14.49 51.91
CA ALA D 74 -11.36 15.15 52.59
C ALA D 74 -12.63 14.31 52.47
N VAL D 75 -13.03 13.97 51.25
CA VAL D 75 -14.19 13.10 51.07
C VAL D 75 -13.90 11.71 51.62
N ALA D 76 -12.66 11.25 51.50
CA ALA D 76 -12.27 9.94 52.04
C ALA D 76 -12.15 9.93 53.55
N HIS D 77 -12.27 11.08 54.22
CA HIS D 77 -12.20 11.14 55.67
C HIS D 77 -13.40 11.81 56.31
N HIS D 78 -14.39 12.27 55.54
CA HIS D 78 -15.60 12.80 56.15
C HIS D 78 -16.43 11.71 56.79
N THR D 79 -16.33 10.48 56.30
CA THR D 79 -17.08 9.34 56.83
C THR D 79 -16.09 8.31 57.37
N THR D 80 -16.38 7.81 58.58
CA THR D 80 -15.51 6.82 59.23
C THR D 80 -15.96 5.42 58.80
N ALA D 81 -15.44 5.01 57.65
CA ALA D 81 -15.75 3.69 57.09
C ALA D 81 -14.52 3.17 56.38
N ALA D 82 -14.69 2.07 55.63
CA ALA D 82 -13.58 1.47 54.91
C ALA D 82 -13.37 2.17 53.57
N PHE D 83 -12.12 2.16 53.12
CA PHE D 83 -11.76 2.76 51.84
C PHE D 83 -10.63 1.96 51.22
N ILE D 84 -10.68 1.79 49.90
CA ILE D 84 -9.70 1.00 49.16
C ILE D 84 -9.16 1.88 48.04
N ARG D 85 -7.98 2.43 48.22
CA ARG D 85 -7.32 3.22 47.19
C ARG D 85 -6.45 2.32 46.32
N VAL D 86 -6.21 2.75 45.09
CA VAL D 86 -5.47 1.98 44.10
C VAL D 86 -4.45 2.88 43.42
N VAL D 87 -3.22 2.40 43.31
CA VAL D 87 -2.19 3.11 42.58
C VAL D 87 -2.47 3.00 41.09
N GLY D 88 -2.13 4.05 40.34
CA GLY D 88 -2.43 4.12 38.91
C GLY D 88 -1.97 2.94 38.08
N SER D 89 -0.99 2.18 38.57
CA SER D 89 -0.47 1.01 37.88
C SER D 89 -0.69 -0.26 38.70
N GLU D 90 -1.90 -0.41 39.27
CA GLU D 90 -2.18 -1.54 40.13
C GLU D 90 -2.53 -2.81 39.36
N PHE D 91 -2.93 -2.68 38.09
CA PHE D 91 -3.35 -3.83 37.29
C PHE D 91 -2.52 -4.03 36.04
N VAL D 92 -1.49 -3.21 35.82
CA VAL D 92 -0.67 -3.30 34.61
C VAL D 92 0.37 -4.38 34.86
N GLN D 93 0.00 -5.63 34.57
CA GLN D 93 0.91 -6.77 34.68
C GLN D 93 0.91 -7.59 33.40
N LYS D 94 0.62 -6.93 32.26
CA LYS D 94 0.62 -7.54 30.92
C LYS D 94 -0.12 -8.88 30.88
N TYR D 95 -1.09 -9.05 31.77
CA TYR D 95 -1.92 -10.25 31.82
C TYR D 95 -3.29 -9.95 31.24
N LEU D 96 -3.79 -10.86 30.39
CA LEU D 96 -5.07 -10.66 29.74
C LEU D 96 -6.24 -11.17 30.59
N GLY D 97 -6.06 -12.28 31.30
CA GLY D 97 -7.12 -12.84 32.10
C GLY D 97 -7.14 -12.43 33.55
N GLU D 98 -6.05 -11.87 34.06
CA GLU D 98 -5.99 -11.44 35.46
C GLU D 98 -6.71 -10.13 35.70
N GLY D 99 -6.85 -9.28 34.68
CA GLY D 99 -7.49 -8.00 34.81
C GLY D 99 -8.91 -8.08 35.32
N PRO D 100 -9.80 -8.72 34.55
CA PRO D 100 -11.20 -8.84 34.99
C PRO D 100 -11.35 -9.52 36.34
N ARG D 101 -10.44 -10.44 36.69
CA ARG D 101 -10.50 -11.06 38.01
C ARG D 101 -10.12 -10.07 39.10
N MET D 102 -9.12 -9.22 38.84
CA MET D 102 -8.70 -8.25 39.85
C MET D 102 -9.76 -7.17 40.05
N VAL D 103 -10.26 -6.60 38.95
CA VAL D 103 -11.27 -5.54 39.09
C VAL D 103 -12.59 -6.11 39.57
N ARG D 104 -12.89 -7.37 39.24
CA ARG D 104 -14.11 -8.00 39.73
C ARG D 104 -14.00 -8.31 41.22
N ASP D 105 -12.82 -8.72 41.69
CA ASP D 105 -12.64 -8.99 43.11
C ASP D 105 -12.63 -7.70 43.93
N VAL D 106 -11.97 -6.66 43.43
CA VAL D 106 -11.99 -5.38 44.13
C VAL D 106 -13.39 -4.79 44.15
N PHE D 107 -14.12 -4.92 43.03
CA PHE D 107 -15.48 -4.39 42.98
C PHE D 107 -16.42 -5.20 43.86
N ARG D 108 -16.20 -6.51 44.00
CA ARG D 108 -17.09 -7.32 44.82
C ARG D 108 -16.79 -7.18 46.31
N LEU D 109 -15.52 -6.95 46.68
CA LEU D 109 -15.22 -6.63 48.06
C LEU D 109 -15.57 -5.19 48.41
N ALA D 110 -15.70 -4.32 47.41
CA ALA D 110 -16.11 -2.95 47.64
C ALA D 110 -17.63 -2.80 47.70
N LYS D 111 -18.37 -3.65 46.97
CA LYS D 111 -19.82 -3.65 47.05
C LYS D 111 -20.36 -4.63 48.09
N GLU D 112 -19.51 -5.52 48.60
CA GLU D 112 -19.93 -6.52 49.58
C GLU D 112 -19.31 -6.32 50.95
N ASN D 113 -18.04 -5.91 51.03
CA ASN D 113 -17.39 -5.75 52.32
C ASN D 113 -17.94 -4.52 53.05
N ALA D 114 -17.77 -3.34 52.47
CA ALA D 114 -18.23 -2.10 53.08
C ALA D 114 -18.27 -1.03 52.01
N PRO D 115 -19.15 -0.02 52.15
CA PRO D 115 -19.21 1.05 51.15
C PRO D 115 -17.94 1.90 51.15
N ALA D 116 -17.14 1.78 50.09
CA ALA D 116 -15.88 2.50 49.96
C ALA D 116 -15.94 3.41 48.74
N ILE D 117 -15.09 4.44 48.76
CA ILE D 117 -14.97 5.40 47.67
C ILE D 117 -13.65 5.13 46.97
N ILE D 118 -13.72 4.45 45.83
CA ILE D 118 -12.51 4.09 45.10
C ILE D 118 -12.01 5.31 44.34
N PHE D 119 -10.73 5.62 44.51
CA PHE D 119 -10.08 6.76 43.86
C PHE D 119 -9.13 6.23 42.79
N ILE D 120 -9.57 6.31 41.53
CA ILE D 120 -8.77 5.85 40.40
C ILE D 120 -7.93 7.02 39.89
N ASP D 121 -6.61 6.85 39.90
CA ASP D 121 -5.68 7.88 39.47
C ASP D 121 -4.86 7.38 38.28
N GLU D 122 -4.27 8.33 37.57
CA GLU D 122 -3.41 8.06 36.41
C GLU D 122 -4.16 7.24 35.35
N ILE D 123 -5.23 7.84 34.82
CA ILE D 123 -6.03 7.19 33.80
C ILE D 123 -5.55 7.52 32.38
N ASP D 124 -4.73 8.55 32.21
CA ASP D 124 -4.23 8.91 30.89
C ASP D 124 -3.25 7.87 30.33
N ALA D 125 -2.59 7.12 31.22
CA ALA D 125 -1.68 6.06 30.76
C ALA D 125 -2.42 4.78 30.40
N ILE D 126 -3.63 4.59 30.90
CA ILE D 126 -4.42 3.40 30.62
C ILE D 126 -5.61 3.72 29.71
N ALA D 127 -5.70 4.95 29.21
CA ALA D 127 -6.77 5.37 28.32
C ALA D 127 -6.21 5.89 26.99
N THR D 128 -5.19 5.21 26.48
CA THR D 128 -4.56 5.56 25.22
C THR D 128 -4.73 4.42 24.24
N LYS D 129 -5.10 4.75 23.00
CA LYS D 129 -5.29 3.75 21.95
C LYS D 129 -3.98 3.54 21.18
N ARG D 130 -3.93 2.41 20.48
CA ARG D 130 -2.75 2.06 19.71
C ARG D 130 -3.17 1.24 18.49
N PHE D 131 -2.59 1.57 17.33
CA PHE D 131 -2.94 0.87 16.11
C PHE D 131 -2.26 -0.49 16.03
N ASP D 132 -0.96 -0.54 16.31
CA ASP D 132 -0.20 -1.79 16.18
C ASP D 132 -0.66 -2.79 17.24
N ALA D 133 -0.95 -4.00 16.78
CA ALA D 133 -1.41 -5.07 17.67
C ALA D 133 -0.28 -5.78 18.40
N GLN D 134 0.97 -5.44 18.09
CA GLN D 134 2.10 -6.06 18.80
C GLN D 134 2.14 -5.64 20.26
N THR D 135 1.69 -4.43 20.57
CA THR D 135 1.63 -3.95 21.95
C THR D 135 0.26 -4.23 22.55
N GLY D 136 -0.04 -5.53 22.69
CA GLY D 136 -1.32 -5.96 23.21
C GLY D 136 -1.56 -5.63 24.67
N ALA D 137 -0.52 -5.20 25.40
CA ALA D 137 -0.70 -4.83 26.80
C ALA D 137 -1.41 -3.49 26.95
N ASP D 138 -1.16 -2.54 26.05
CA ASP D 138 -1.82 -1.25 26.12
C ASP D 138 -3.29 -1.37 25.74
N ARG D 139 -3.57 -2.06 24.63
CA ARG D 139 -4.96 -2.31 24.26
C ARG D 139 -5.64 -3.21 25.27
N GLU D 140 -4.88 -4.05 25.97
CA GLU D 140 -5.46 -4.91 26.99
C GLU D 140 -5.85 -4.11 28.23
N VAL D 141 -5.00 -3.17 28.66
CA VAL D 141 -5.33 -2.39 29.85
C VAL D 141 -6.39 -1.34 29.52
N GLN D 142 -6.44 -0.85 28.28
CA GLN D 142 -7.58 0.00 27.91
C GLN D 142 -8.85 -0.82 27.75
N ARG D 143 -8.73 -2.12 27.46
CA ARG D 143 -9.88 -3.01 27.51
C ARG D 143 -10.29 -3.32 28.95
N ILE D 144 -9.37 -3.20 29.91
CA ILE D 144 -9.73 -3.35 31.32
C ILE D 144 -10.44 -2.09 31.80
N LEU D 145 -9.90 -0.92 31.47
CA LEU D 145 -10.53 0.33 31.87
C LEU D 145 -11.90 0.50 31.21
N LEU D 146 -11.99 0.18 29.92
CA LEU D 146 -13.28 0.22 29.24
C LEU D 146 -14.18 -0.93 29.71
N GLU D 147 -13.60 -2.03 30.19
CA GLU D 147 -14.40 -3.14 30.68
C GLU D 147 -15.09 -2.78 31.99
N LEU D 148 -14.35 -2.18 32.92
CA LEU D 148 -14.98 -1.68 34.15
C LEU D 148 -15.87 -0.48 33.85
N LEU D 149 -15.54 0.29 32.81
CA LEU D 149 -16.41 1.39 32.40
C LEU D 149 -17.73 0.88 31.86
N ASN D 150 -17.76 -0.33 31.30
CA ASN D 150 -19.01 -0.93 30.86
C ASN D 150 -19.72 -1.62 32.02
N GLN D 151 -18.96 -2.24 32.92
CA GLN D 151 -19.57 -2.90 34.07
C GLN D 151 -20.22 -1.90 35.01
N MET D 152 -19.66 -0.70 35.14
CA MET D 152 -20.31 0.32 35.95
C MET D 152 -21.56 0.85 35.27
N ASP D 153 -21.61 0.79 33.94
CA ASP D 153 -22.83 1.17 33.23
C ASP D 153 -23.92 0.13 33.41
N GLY D 154 -23.55 -1.16 33.34
CA GLY D 154 -24.52 -2.21 33.57
C GLY D 154 -24.97 -2.34 35.01
N PHE D 155 -24.23 -1.74 35.94
CA PHE D 155 -24.55 -1.78 37.36
C PHE D 155 -25.02 -0.41 37.88
N ASP D 156 -25.58 0.42 37.00
CA ASP D 156 -26.07 1.74 37.42
C ASP D 156 -27.26 1.64 38.36
N GLN D 157 -27.92 0.48 38.41
CA GLN D 157 -29.13 0.32 39.23
C GLN D 157 -28.71 0.10 40.69
N ASN D 158 -28.31 1.20 41.32
CA ASN D 158 -28.02 1.25 42.75
C ASN D 158 -26.93 0.25 43.15
N VAL D 159 -25.72 0.50 42.66
CA VAL D 159 -24.56 -0.28 43.05
C VAL D 159 -24.05 0.21 44.40
N ASN D 160 -23.55 -0.71 45.22
CA ASN D 160 -23.11 -0.39 46.57
C ASN D 160 -21.63 -0.01 46.61
N VAL D 161 -21.23 0.94 45.76
CA VAL D 161 -19.84 1.39 45.72
C VAL D 161 -19.81 2.75 45.05
N LYS D 162 -18.95 3.62 45.56
CA LYS D 162 -18.70 4.93 44.97
C LYS D 162 -17.35 4.92 44.27
N VAL D 163 -17.31 5.47 43.06
CA VAL D 163 -16.11 5.47 42.22
C VAL D 163 -15.85 6.90 41.78
N ILE D 164 -14.88 7.56 42.42
CA ILE D 164 -14.44 8.88 42.00
C ILE D 164 -13.21 8.73 41.11
N MET D 165 -12.97 9.74 40.28
CA MET D 165 -11.89 9.69 39.31
C MET D 165 -11.26 11.06 39.18
N ALA D 166 -9.94 11.07 38.91
CA ALA D 166 -9.21 12.31 38.74
C ALA D 166 -8.19 12.14 37.61
N THR D 167 -7.87 13.25 36.95
CA THR D 167 -6.93 13.23 35.85
C THR D 167 -6.36 14.64 35.67
N ASN D 168 -5.32 14.73 34.85
CA ASN D 168 -4.69 16.01 34.53
C ASN D 168 -4.60 16.32 33.05
N ARG D 169 -4.75 15.33 32.17
CA ARG D 169 -4.69 15.51 30.73
C ARG D 169 -5.93 14.87 30.11
N ALA D 170 -7.01 15.64 30.01
CA ALA D 170 -8.26 15.13 29.45
C ALA D 170 -8.25 15.08 27.93
N ASP D 171 -7.29 15.75 27.29
CA ASP D 171 -7.22 15.72 25.83
C ASP D 171 -6.84 14.34 25.33
N THR D 172 -5.93 13.67 26.03
CA THR D 172 -5.53 12.32 25.63
C THR D 172 -6.59 11.28 25.97
N LEU D 173 -7.54 11.61 26.83
CA LEU D 173 -8.56 10.65 27.23
C LEU D 173 -9.54 10.40 26.09
N ASP D 174 -10.24 9.27 26.19
CA ASP D 174 -11.22 8.90 25.19
C ASP D 174 -12.57 9.55 25.51
N PRO D 175 -13.40 9.80 24.48
CA PRO D 175 -14.72 10.41 24.73
C PRO D 175 -15.66 9.55 25.55
N ALA D 176 -15.33 8.29 25.79
CA ALA D 176 -16.22 7.43 26.60
C ALA D 176 -16.14 7.78 28.07
N LEU D 177 -14.99 8.29 28.53
CA LEU D 177 -14.85 8.65 29.93
C LEU D 177 -15.67 9.90 30.27
N LEU D 178 -15.49 10.96 29.50
CA LEU D 178 -16.21 12.21 29.71
C LEU D 178 -17.62 12.19 29.14
N ARG D 179 -18.08 11.05 28.64
CA ARG D 179 -19.44 10.96 28.12
C ARG D 179 -20.43 11.03 29.28
N PRO D 180 -21.56 11.72 29.11
CA PRO D 180 -22.56 11.77 30.17
C PRO D 180 -23.07 10.37 30.53
N GLY D 181 -23.64 10.27 31.73
CA GLY D 181 -24.05 9.01 32.29
C GLY D 181 -22.98 8.29 33.07
N ARG D 182 -21.72 8.69 32.94
CA ARG D 182 -20.60 8.13 33.69
C ARG D 182 -20.04 9.10 34.71
N LEU D 183 -19.66 10.31 34.28
CA LEU D 183 -19.11 11.35 35.14
C LEU D 183 -20.01 12.58 35.01
N ASP D 184 -20.98 12.69 35.91
CA ASP D 184 -21.94 13.78 35.88
C ASP D 184 -21.54 14.96 36.76
N ARG D 185 -20.43 14.85 37.50
CA ARG D 185 -19.92 15.92 38.33
C ARG D 185 -18.48 16.22 37.94
N LYS D 186 -18.18 17.49 37.66
CA LYS D 186 -16.84 17.92 37.26
C LYS D 186 -16.47 19.12 38.13
N ILE D 187 -15.87 18.84 39.29
CA ILE D 187 -15.43 19.88 40.22
C ILE D 187 -14.06 20.38 39.74
N GLU D 188 -14.04 21.53 39.09
CA GLU D 188 -12.81 22.12 38.60
C GLU D 188 -12.16 22.97 39.69
N PHE D 189 -11.01 23.56 39.36
CA PHE D 189 -10.31 24.41 40.31
C PHE D 189 -9.75 25.66 39.61
N PRO D 190 -10.57 26.42 38.89
CA PRO D 190 -10.00 27.58 38.17
C PRO D 190 -9.68 28.75 39.07
N LEU D 191 -10.60 29.12 39.97
CA LEU D 191 -10.45 30.27 40.85
C LEU D 191 -11.30 30.09 42.10
N PRO D 192 -10.81 29.39 43.11
CA PRO D 192 -11.61 29.18 44.33
C PRO D 192 -11.76 30.46 45.13
N ASP D 193 -12.98 30.73 45.56
CA ASP D 193 -13.26 31.92 46.36
C ASP D 193 -12.74 31.75 47.78
N ARG D 194 -12.98 32.77 48.62
CA ARG D 194 -12.47 32.73 49.99
C ARG D 194 -13.19 31.70 50.85
N ARG D 195 -14.45 31.40 50.53
CA ARG D 195 -15.17 30.38 51.28
C ARG D 195 -14.54 29.01 51.09
N GLN D 196 -14.19 28.67 49.85
CA GLN D 196 -13.48 27.41 49.60
C GLN D 196 -12.10 27.41 50.22
N LYS D 197 -11.49 28.58 50.44
CA LYS D 197 -10.22 28.64 51.14
C LYS D 197 -10.41 28.35 52.63
N ARG D 198 -11.47 28.91 53.22
CA ARG D 198 -11.77 28.61 54.62
C ARG D 198 -12.15 27.16 54.82
N LEU D 199 -12.78 26.54 53.82
CA LEU D 199 -13.19 25.15 53.95
C LEU D 199 -12.00 24.20 53.73
N ILE D 200 -11.38 24.26 52.54
CA ILE D 200 -10.31 23.34 52.22
C ILE D 200 -9.05 23.63 53.03
N PHE D 201 -8.93 24.83 53.59
CA PHE D 201 -7.82 25.17 54.46
C PHE D 201 -8.15 25.01 55.94
N SER D 202 -9.44 25.06 56.30
CA SER D 202 -9.82 24.78 57.69
C SER D 202 -9.79 23.28 57.96
N THR D 203 -10.21 22.47 56.99
CA THR D 203 -10.15 21.01 57.15
C THR D 203 -8.72 20.48 57.17
N ILE D 204 -7.73 21.29 56.79
CA ILE D 204 -6.34 20.88 56.86
C ILE D 204 -5.59 21.59 57.99
N THR D 205 -6.03 22.77 58.42
CA THR D 205 -5.43 23.42 59.58
C THR D 205 -6.02 22.95 60.89
N SER D 206 -7.16 22.23 60.86
CA SER D 206 -7.75 21.71 62.07
C SER D 206 -6.90 20.62 62.72
N LYS D 207 -6.04 19.96 61.93
CA LYS D 207 -5.16 18.92 62.45
C LYS D 207 -3.74 19.42 62.71
N MET D 208 -3.41 20.63 62.28
CA MET D 208 -2.09 21.21 62.49
C MET D 208 -2.15 22.30 63.55
N ASN D 209 -0.96 22.77 63.94
CA ASN D 209 -0.85 23.80 64.97
C ASN D 209 -1.08 25.17 64.34
N LEU D 210 -2.21 25.77 64.64
CA LEU D 210 -2.56 27.09 64.12
C LEU D 210 -2.29 28.17 65.18
N SER D 211 -2.28 29.42 64.73
CA SER D 211 -2.06 30.56 65.59
C SER D 211 -2.71 31.79 64.95
N GLU D 212 -2.41 32.96 65.49
CA GLU D 212 -2.96 34.20 64.96
C GLU D 212 -2.20 34.70 63.74
N GLU D 213 -0.99 34.21 63.50
CA GLU D 213 -0.19 34.62 62.36
C GLU D 213 -0.33 33.68 61.16
N VAL D 214 -0.78 32.43 61.39
CA VAL D 214 -0.92 31.47 60.32
C VAL D 214 -2.01 31.93 59.35
N ASP D 215 -1.61 32.30 58.14
CA ASP D 215 -2.54 32.74 57.11
C ASP D 215 -2.00 32.32 55.76
N LEU D 216 -2.75 31.48 55.05
CA LEU D 216 -2.31 30.90 53.79
C LEU D 216 -3.07 31.47 52.59
N GLU D 217 -3.62 32.67 52.71
CA GLU D 217 -4.34 33.27 51.58
C GLU D 217 -3.36 33.79 50.54
N ASP D 218 -2.36 34.57 50.97
CA ASP D 218 -1.29 34.94 50.05
C ASP D 218 -0.38 33.77 49.75
N TYR D 219 -0.22 32.86 50.70
CA TYR D 219 0.57 31.65 50.52
C TYR D 219 -0.13 30.61 49.66
N VAL D 220 -1.37 30.88 49.23
CA VAL D 220 -2.00 30.11 48.17
C VAL D 220 -2.23 30.95 46.92
N ALA D 221 -2.22 32.29 47.03
CA ALA D 221 -2.31 33.13 45.85
C ALA D 221 -0.99 33.11 45.07
N ARG D 222 0.14 33.06 45.77
CA ARG D 222 1.43 33.00 45.08
C ARG D 222 1.60 31.68 44.33
N PRO D 223 1.30 30.51 44.90
CA PRO D 223 1.35 29.27 44.11
C PRO D 223 0.33 29.23 42.97
N ASP D 224 -0.54 30.23 42.85
CA ASP D 224 -1.37 30.39 41.66
C ASP D 224 -0.69 31.25 40.60
N LYS D 225 0.15 32.19 41.01
CA LYS D 225 1.00 32.91 40.06
C LYS D 225 2.07 31.98 39.51
N ILE D 226 2.90 31.40 40.39
CA ILE D 226 3.86 30.39 40.00
C ILE D 226 3.21 29.03 40.27
N SER D 227 2.74 28.37 39.21
CA SER D 227 1.98 27.14 39.36
C SER D 227 2.86 26.03 39.94
N GLY D 228 2.55 25.62 41.16
CA GLY D 228 3.25 24.52 41.81
C GLY D 228 2.30 23.39 42.12
N ALA D 229 2.78 22.16 41.93
CA ALA D 229 1.96 20.98 42.16
C ALA D 229 1.90 20.65 43.65
N ASP D 230 1.05 19.67 43.97
CA ASP D 230 0.91 19.04 45.30
C ASP D 230 1.19 20.02 46.44
N ILE D 231 0.40 21.10 46.46
CA ILE D 231 0.54 22.11 47.51
C ILE D 231 0.36 21.49 48.89
N ASN D 232 -0.59 20.56 49.01
CA ASN D 232 -0.80 19.89 50.29
C ASN D 232 0.43 19.08 50.69
N SER D 233 1.09 18.46 49.72
CA SER D 233 2.33 17.73 50.00
C SER D 233 3.45 18.69 50.39
N ILE D 234 3.42 19.92 49.86
CA ILE D 234 4.39 20.92 50.28
C ILE D 234 4.13 21.36 51.71
N CYS D 235 2.84 21.45 52.09
CA CYS D 235 2.52 21.71 53.49
C CYS D 235 2.95 20.57 54.39
N GLN D 236 2.85 19.33 53.91
CA GLN D 236 3.37 18.20 54.67
C GLN D 236 4.89 18.27 54.79
N GLU D 237 5.56 18.77 53.76
CA GLU D 237 7.00 19.00 53.87
C GLU D 237 7.29 20.10 54.89
N SER D 238 6.43 21.11 54.98
CA SER D 238 6.56 22.11 56.02
C SER D 238 6.38 21.49 57.41
N GLY D 239 5.49 20.50 57.53
CA GLY D 239 5.41 19.75 58.78
C GLY D 239 6.63 18.90 59.02
N MET D 240 7.32 18.48 57.96
CA MET D 240 8.56 17.74 58.12
C MET D 240 9.72 18.63 58.50
N LEU D 241 9.66 19.93 58.17
CA LEU D 241 10.64 20.89 58.64
C LEU D 241 10.30 21.45 60.01
N ALA D 242 9.04 21.39 60.42
CA ALA D 242 8.61 21.83 61.74
C ALA D 242 8.52 20.68 62.74
N VAL D 243 8.79 19.44 62.30
CA VAL D 243 8.78 18.29 63.20
C VAL D 243 10.10 18.11 63.92
N ARG D 244 11.09 18.96 63.65
CA ARG D 244 12.41 18.87 64.26
C ARG D 244 12.41 19.24 65.74
N GLU D 245 11.25 19.47 66.34
CA GLU D 245 11.09 19.81 67.75
C GLU D 245 11.77 21.14 68.11
N ASN D 246 12.02 21.99 67.12
CA ASN D 246 12.55 23.32 67.39
C ASN D 246 11.48 24.37 67.56
N ARG D 247 10.28 24.12 67.03
CA ARG D 247 9.17 25.06 67.16
C ARG D 247 7.87 24.26 67.12
N TYR D 248 7.06 24.37 68.18
CA TYR D 248 5.85 23.57 68.27
C TYR D 248 4.81 24.01 67.24
N ILE D 249 4.55 25.31 67.15
CA ILE D 249 3.54 25.85 66.24
C ILE D 249 4.24 26.21 64.93
N VAL D 250 3.76 25.66 63.82
CA VAL D 250 4.32 25.97 62.51
C VAL D 250 3.95 27.40 62.13
N LEU D 251 4.91 28.14 61.60
CA LEU D 251 4.70 29.54 61.28
C LEU D 251 5.05 29.84 59.82
N ALA D 252 5.08 31.12 59.46
CA ALA D 252 5.30 31.52 58.08
C ALA D 252 6.71 31.21 57.59
N LYS D 253 7.67 31.02 58.51
CA LYS D 253 9.04 30.71 58.08
C LYS D 253 9.11 29.37 57.36
N ASP D 254 8.45 28.35 57.89
CA ASP D 254 8.44 27.04 57.24
C ASP D 254 7.51 27.00 56.03
N PHE D 255 6.51 27.87 55.98
CA PHE D 255 5.64 27.94 54.82
C PHE D 255 6.36 28.58 53.63
N GLU D 256 6.87 29.80 53.81
CA GLU D 256 7.60 30.46 52.74
C GLU D 256 8.90 29.74 52.42
N LYS D 257 9.55 29.16 53.43
CA LYS D 257 10.76 28.38 53.17
C LYS D 257 10.44 27.12 52.38
N ALA D 258 9.38 26.41 52.75
CA ALA D 258 8.97 25.22 52.01
C ALA D 258 8.45 25.58 50.62
N TYR D 259 8.05 26.82 50.39
CA TYR D 259 7.61 27.25 49.07
C TYR D 259 8.77 27.67 48.18
N LYS D 260 9.78 28.33 48.75
CA LYS D 260 10.93 28.76 47.95
C LYS D 260 11.90 27.60 47.71
N THR D 261 11.97 26.64 48.62
CA THR D 261 12.86 25.50 48.44
C THR D 261 12.21 24.42 47.58
N VAL D 262 11.06 23.91 48.00
CA VAL D 262 10.35 22.89 47.26
C VAL D 262 8.91 23.32 46.99
N PRO E 40 34.71 21.43 54.44
CA PRO E 40 35.70 20.81 53.57
C PRO E 40 35.10 19.79 52.61
N LYS E 41 34.47 20.26 51.54
CA LYS E 41 33.85 19.38 50.56
C LYS E 41 34.13 19.84 49.13
N GLY E 42 35.24 20.55 48.93
CA GLY E 42 35.59 21.00 47.60
C GLY E 42 36.90 21.78 47.65
N CYS E 43 37.54 21.84 46.48
CA CYS E 43 38.80 22.54 46.34
C CYS E 43 39.00 22.94 44.88
N LEU E 44 39.68 24.07 44.68
CA LEU E 44 39.98 24.57 43.36
C LEU E 44 41.49 24.72 43.19
N LEU E 45 41.99 24.24 42.05
CA LEU E 45 43.42 24.33 41.72
C LEU E 45 43.53 24.96 40.34
N TYR E 46 43.84 26.26 40.31
CA TYR E 46 43.95 27.01 39.06
C TYR E 46 45.37 27.54 38.93
N GLY E 47 46.08 27.08 37.91
CA GLY E 47 47.42 27.56 37.62
C GLY E 47 47.47 28.27 36.28
N PRO E 48 47.58 29.60 36.32
CA PRO E 48 47.63 30.37 35.07
C PRO E 48 48.86 30.03 34.23
N PRO E 49 50.08 29.94 34.83
CA PRO E 49 51.23 29.58 33.99
C PRO E 49 51.44 28.07 33.87
N GLY E 50 51.52 27.59 32.63
CA GLY E 50 51.84 26.19 32.39
C GLY E 50 50.84 25.24 33.03
N THR E 51 51.36 24.19 33.67
CA THR E 51 50.55 23.17 34.31
C THR E 51 50.99 22.94 35.75
N GLY E 52 50.53 21.84 36.35
CA GLY E 52 50.90 21.52 37.71
C GLY E 52 49.77 20.88 38.48
N LYS E 53 48.53 21.19 38.09
CA LYS E 53 47.38 20.53 38.69
C LYS E 53 47.27 19.08 38.25
N THR E 54 47.65 18.78 37.01
CA THR E 54 47.64 17.41 36.51
C THR E 54 48.87 16.64 36.97
N LEU E 55 49.96 17.35 37.28
CA LEU E 55 51.15 16.69 37.82
C LEU E 55 50.89 16.19 39.25
N LEU E 56 50.30 17.04 40.09
CA LEU E 56 50.00 16.62 41.45
C LEU E 56 48.78 15.69 41.49
N ALA E 57 47.75 16.01 40.70
CA ALA E 57 46.59 15.12 40.62
C ALA E 57 46.98 13.75 40.06
N ARG E 58 47.99 13.71 39.21
CA ARG E 58 48.52 12.45 38.71
C ARG E 58 49.47 11.79 39.71
N ALA E 59 50.09 12.57 40.59
CA ALA E 59 50.98 11.99 41.59
C ALA E 59 50.19 11.32 42.70
N VAL E 60 49.12 11.96 43.17
CA VAL E 60 48.29 11.34 44.20
C VAL E 60 47.31 10.34 43.58
N ALA E 61 46.67 10.74 42.48
CA ALA E 61 45.76 9.83 41.78
C ALA E 61 46.49 8.62 41.22
N SER E 62 47.78 8.73 40.95
CA SER E 62 48.58 7.59 40.56
C SER E 62 49.19 6.87 41.76
N GLN E 63 49.34 7.56 42.89
CA GLN E 63 49.89 6.91 44.08
C GLN E 63 48.84 6.02 44.75
N LEU E 64 47.78 6.61 45.27
CA LEU E 64 46.69 5.83 45.87
C LEU E 64 45.35 6.10 45.22
N ASP E 65 44.89 7.35 45.21
CA ASP E 65 43.61 7.78 44.65
C ASP E 65 42.42 7.19 45.41
N CYS E 66 42.69 6.28 46.34
CA CYS E 66 41.69 5.61 47.17
C CYS E 66 40.72 4.77 46.34
N ASN E 67 40.87 4.80 45.03
CA ASN E 67 40.04 4.08 44.07
C ASN E 67 40.71 4.17 42.71
N PHE E 68 40.03 3.69 41.67
CA PHE E 68 40.45 3.90 40.28
C PHE E 68 39.19 4.13 39.47
N LEU E 69 38.78 5.39 39.35
CA LEU E 69 37.59 5.75 38.58
C LEU E 69 37.69 7.23 38.22
N LYS E 70 38.05 7.51 36.96
CA LYS E 70 38.16 8.88 36.48
C LYS E 70 36.85 9.34 35.86
N VAL E 71 36.44 10.56 36.18
CA VAL E 71 35.21 11.15 35.69
C VAL E 71 35.56 12.27 34.72
N VAL E 72 35.05 12.17 33.50
CA VAL E 72 35.33 13.16 32.47
C VAL E 72 34.50 14.42 32.74
N SER E 73 35.16 15.57 32.72
CA SER E 73 34.51 16.85 33.02
C SER E 73 33.90 17.51 31.78
N SER E 74 33.69 16.75 30.71
CA SER E 74 33.07 17.29 29.50
C SER E 74 31.87 16.48 29.01
N SER E 75 31.67 15.28 29.53
CA SER E 75 30.52 14.44 29.14
C SER E 75 29.41 14.59 30.17
N ILE E 76 28.76 15.75 30.14
CA ILE E 76 27.73 16.10 31.12
C ILE E 76 26.33 15.93 30.53
N VAL E 77 25.93 16.82 29.65
CA VAL E 77 24.57 16.80 29.12
C VAL E 77 24.23 15.64 28.20
N ASP E 78 24.65 15.78 26.97
CA ASP E 78 24.37 14.83 25.89
C ASP E 78 25.02 15.32 24.61
N LYS E 79 25.08 14.42 23.63
CA LYS E 79 25.22 14.82 22.23
C LYS E 79 23.87 14.94 21.53
N TYR E 80 22.82 14.36 22.11
CA TYR E 80 21.47 14.32 21.59
C TYR E 80 20.54 15.05 22.57
N ILE E 81 19.23 14.88 22.36
CA ILE E 81 18.24 15.50 23.25
C ILE E 81 18.58 15.20 24.71
N GLY E 82 18.53 16.24 25.54
CA GLY E 82 19.01 16.18 26.90
C GLY E 82 18.17 15.38 27.88
N GLU E 83 18.05 14.07 27.64
CA GLU E 83 17.28 13.19 28.52
C GLU E 83 18.18 12.21 29.27
N SER E 84 19.41 12.62 29.58
CA SER E 84 20.37 11.79 30.30
C SER E 84 20.34 12.04 31.80
N ALA E 85 19.21 12.49 32.35
CA ALA E 85 19.12 12.66 33.81
C ALA E 85 19.32 11.34 34.53
N ARG E 86 18.93 10.22 33.90
CA ARG E 86 19.21 8.92 34.47
C ARG E 86 20.70 8.60 34.44
N LEU E 87 21.44 9.21 33.51
CA LEU E 87 22.88 9.03 33.47
C LEU E 87 23.59 9.90 34.48
N ILE E 88 23.10 11.12 34.71
CA ILE E 88 23.68 11.98 35.75
C ILE E 88 23.40 11.40 37.13
N ARG E 89 22.12 11.15 37.43
CA ARG E 89 21.75 10.53 38.70
C ARG E 89 22.21 9.08 38.80
N GLU E 90 22.62 8.46 37.69
CA GLU E 90 23.20 7.13 37.76
C GLU E 90 24.67 7.20 38.12
N MET E 91 25.42 8.13 37.53
CA MET E 91 26.82 8.30 37.88
C MET E 91 26.97 8.78 39.32
N PHE E 92 26.18 9.79 39.70
CA PHE E 92 26.18 10.23 41.10
C PHE E 92 25.51 9.20 42.00
N ASN E 93 24.61 8.38 41.45
CA ASN E 93 24.02 7.28 42.22
C ASN E 93 25.06 6.24 42.59
N TYR E 94 26.04 6.00 41.70
CA TYR E 94 27.15 5.12 42.05
C TYR E 94 28.18 5.82 42.92
N ALA E 95 28.39 7.13 42.69
CA ALA E 95 29.31 7.88 43.53
C ALA E 95 28.83 7.96 44.97
N ARG E 96 27.51 7.91 45.19
CA ARG E 96 26.96 7.83 46.54
C ARG E 96 26.70 6.40 46.98
N ASP E 97 26.63 5.45 46.05
CA ASP E 97 26.49 4.05 46.42
C ASP E 97 27.78 3.51 47.01
N HIS E 98 28.90 3.73 46.32
CA HIS E 98 30.20 3.33 46.85
C HIS E 98 30.61 4.27 47.97
N GLN E 99 31.18 3.69 49.03
CA GLN E 99 31.58 4.52 50.18
C GLN E 99 32.79 5.39 49.86
N PRO E 100 33.88 4.88 49.29
CA PRO E 100 34.96 5.78 48.88
C PRO E 100 34.74 6.30 47.46
N CYS E 101 35.01 7.58 47.28
CA CYS E 101 34.81 8.22 45.98
C CYS E 101 35.59 9.52 45.92
N ILE E 102 36.35 9.70 44.84
CA ILE E 102 37.07 10.93 44.58
C ILE E 102 36.85 11.30 43.11
N ILE E 103 36.35 12.50 42.86
CA ILE E 103 35.98 12.95 41.52
C ILE E 103 36.92 14.08 41.12
N PHE E 104 37.47 13.99 39.91
CA PHE E 104 38.33 15.02 39.36
C PHE E 104 37.66 15.64 38.14
N MET E 105 37.84 16.95 37.98
CA MET E 105 37.28 17.68 36.85
C MET E 105 38.34 18.64 36.33
N ASP E 106 38.81 18.41 35.11
CA ASP E 106 39.86 19.21 34.49
C ASP E 106 39.31 19.94 33.28
N GLU E 107 39.85 21.13 33.02
CA GLU E 107 39.46 21.96 31.88
C GLU E 107 37.97 22.29 31.95
N ILE E 108 37.59 23.02 33.00
CA ILE E 108 36.19 23.40 33.21
C ILE E 108 35.86 24.75 32.61
N ASP E 109 36.85 25.50 32.12
CA ASP E 109 36.61 26.83 31.57
C ASP E 109 35.83 26.80 30.26
N ALA E 110 35.73 25.64 29.60
CA ALA E 110 34.98 25.58 28.36
C ALA E 110 33.49 25.37 28.58
N ILE E 111 33.11 24.78 29.71
CA ILE E 111 31.71 24.54 30.02
C ILE E 111 31.14 25.56 31.01
N GLY E 112 31.95 26.49 31.48
CA GLY E 112 31.49 27.50 32.42
C GLY E 112 31.31 28.86 31.79
N GLY E 113 30.79 28.88 30.56
CA GLY E 113 30.55 30.13 29.86
C GLY E 113 29.12 30.60 29.93
N SER E 121 17.43 28.95 23.64
CA SER E 121 17.00 27.56 23.81
C SER E 121 18.20 26.67 24.13
N ALA E 122 19.32 26.91 23.44
CA ALA E 122 20.51 26.11 23.67
C ALA E 122 21.19 26.44 25.00
N ASP E 123 20.95 27.63 25.54
CA ASP E 123 21.55 28.02 26.81
C ASP E 123 20.65 27.75 28.01
N ARG E 124 19.33 27.63 27.79
CA ARG E 124 18.42 27.35 28.90
C ARG E 124 18.67 25.97 29.49
N GLU E 125 19.09 25.01 28.67
CA GLU E 125 19.44 23.70 29.20
C GLU E 125 20.79 23.73 29.93
N ILE E 126 21.70 24.59 29.49
CA ILE E 126 22.98 24.74 30.18
C ILE E 126 22.77 25.35 31.57
N GLN E 127 22.05 26.47 31.63
CA GLN E 127 21.76 27.08 32.93
C GLN E 127 20.86 26.19 33.78
N ARG E 128 20.01 25.39 33.14
CA ARG E 128 19.18 24.45 33.91
C ARG E 128 20.04 23.36 34.54
N THR E 129 21.04 22.85 33.80
CA THR E 129 21.94 21.87 34.37
C THR E 129 22.85 22.49 35.43
N LEU E 130 23.18 23.78 35.30
CA LEU E 130 23.89 24.47 36.37
C LEU E 130 23.01 24.57 37.62
N MET E 131 21.71 24.81 37.44
CA MET E 131 20.80 24.76 38.58
C MET E 131 20.72 23.36 39.17
N GLU E 132 20.84 22.33 38.33
CA GLU E 132 20.89 20.96 38.83
C GLU E 132 22.17 20.73 39.63
N LEU E 133 23.27 21.34 39.22
CA LEU E 133 24.50 21.27 40.00
C LEU E 133 24.37 22.00 41.32
N LEU E 134 23.62 23.11 41.34
CA LEU E 134 23.36 23.80 42.60
C LEU E 134 22.50 22.96 43.52
N ASN E 135 21.50 22.26 42.97
CA ASN E 135 20.63 21.41 43.76
C ASN E 135 21.28 20.09 44.14
N GLN E 136 22.39 19.71 43.50
CA GLN E 136 23.09 18.48 43.82
C GLN E 136 24.36 18.72 44.63
N MET E 137 24.81 19.97 44.75
CA MET E 137 25.95 20.33 45.58
C MET E 137 25.56 21.10 46.83
N ASP E 138 24.43 21.82 46.80
CA ASP E 138 23.94 22.54 47.96
C ASP E 138 22.48 22.18 48.24
N GLY E 139 22.09 20.95 47.93
CA GLY E 139 20.74 20.48 48.18
C GLY E 139 20.60 19.80 49.52
N PHE E 140 19.65 18.87 49.60
CA PHE E 140 19.41 18.11 50.82
C PHE E 140 20.22 16.83 50.87
N ASP E 141 21.54 16.96 50.67
CA ASP E 141 22.45 15.81 50.70
C ASP E 141 23.76 16.27 51.34
N THR E 142 24.06 15.73 52.51
CA THR E 142 25.29 16.09 53.21
C THR E 142 26.51 15.52 52.48
N LEU E 143 27.41 16.40 52.05
CA LEU E 143 28.62 15.99 51.35
C LEU E 143 29.78 15.83 52.33
N HIS E 144 29.58 14.93 53.29
CA HIS E 144 30.55 14.73 54.36
C HIS E 144 31.59 13.66 54.02
N ARG E 145 31.36 12.84 52.99
CA ARG E 145 32.27 11.76 52.64
C ARG E 145 32.82 11.87 51.23
N VAL E 146 32.01 12.31 50.26
CA VAL E 146 32.47 12.44 48.89
C VAL E 146 33.30 13.70 48.75
N LYS E 147 34.32 13.64 47.89
CA LYS E 147 35.23 14.76 47.66
C LYS E 147 35.41 14.96 46.17
N MET E 148 35.29 16.21 45.72
CA MET E 148 35.45 16.58 44.32
C MET E 148 36.52 17.64 44.19
N ILE E 149 37.27 17.58 43.09
CA ILE E 149 38.35 18.52 42.79
C ILE E 149 38.10 19.08 41.40
N MET E 150 38.06 20.40 41.29
CA MET E 150 37.84 21.09 40.03
C MET E 150 39.15 21.72 39.54
N ALA E 151 39.39 21.63 38.23
CA ALA E 151 40.57 22.19 37.62
C ALA E 151 40.18 22.96 36.36
N THR E 152 41.00 23.95 36.02
CA THR E 152 40.72 24.83 34.88
C THR E 152 42.03 25.24 34.25
N ASN E 153 41.96 26.19 33.32
CA ASN E 153 43.14 26.75 32.66
C ASN E 153 43.32 28.23 32.93
N ARG E 154 42.29 29.05 32.70
CA ARG E 154 42.36 30.48 32.91
C ARG E 154 41.37 30.90 33.98
N PRO E 155 41.81 31.49 35.09
CA PRO E 155 40.89 31.92 36.15
C PRO E 155 40.26 33.27 35.87
N ASP E 156 39.45 33.34 34.80
CA ASP E 156 38.79 34.58 34.42
C ASP E 156 37.29 34.39 34.27
N THR E 157 36.87 33.18 33.87
CA THR E 157 35.47 32.85 33.63
C THR E 157 35.08 31.62 34.43
N LEU E 158 35.42 31.62 35.72
CA LEU E 158 35.19 30.48 36.59
C LEU E 158 33.88 30.55 37.36
N ASP E 159 32.85 31.18 36.79
CA ASP E 159 31.53 31.26 37.40
C ASP E 159 31.60 31.84 38.81
N PRO E 160 31.79 33.16 38.95
CA PRO E 160 31.88 33.76 40.28
C PRO E 160 30.68 33.47 41.16
N ALA E 161 29.54 33.13 40.54
CA ALA E 161 28.40 32.65 41.31
C ALA E 161 28.70 31.29 41.94
N LEU E 162 29.43 30.44 41.22
CA LEU E 162 29.88 29.17 41.76
C LEU E 162 31.14 29.28 42.61
N LEU E 163 31.79 30.44 42.62
CA LEU E 163 32.98 30.68 43.42
C LEU E 163 32.65 31.09 44.85
N ARG E 164 31.39 31.04 45.24
CA ARG E 164 31.01 31.36 46.61
C ARG E 164 31.61 30.33 47.57
N PRO E 165 32.08 30.76 48.74
CA PRO E 165 32.62 29.79 49.71
C PRO E 165 31.60 28.72 50.06
N GLY E 166 32.08 27.50 50.22
CA GLY E 166 31.22 26.35 50.43
C GLY E 166 31.37 25.33 49.31
N ARG E 167 31.53 25.81 48.08
CA ARG E 167 31.75 24.94 46.93
C ARG E 167 33.24 24.76 46.66
N LEU E 168 33.96 25.86 46.42
CA LEU E 168 35.40 25.85 46.22
C LEU E 168 36.01 26.64 47.37
N ASP E 169 36.46 25.93 48.41
CA ASP E 169 36.97 26.58 49.61
C ASP E 169 38.46 26.90 49.52
N ARG E 170 39.26 25.93 49.10
CA ARG E 170 40.72 26.09 49.07
C ARG E 170 41.16 26.59 47.70
N LYS E 171 41.96 27.67 47.70
CA LYS E 171 42.53 28.23 46.48
C LYS E 171 44.03 28.36 46.68
N ILE E 172 44.81 27.82 45.74
CA ILE E 172 46.27 27.83 45.82
C ILE E 172 46.83 28.27 44.48
N HIS E 173 47.73 29.24 44.50
CA HIS E 173 48.40 29.71 43.29
C HIS E 173 49.68 28.93 43.08
N ILE E 174 49.85 28.38 41.87
CA ILE E 174 50.99 27.53 41.56
C ILE E 174 51.94 28.28 40.64
N ASP E 175 51.99 29.60 40.79
CA ASP E 175 52.92 30.41 39.99
C ASP E 175 54.36 29.93 40.19
N LEU E 176 54.88 30.07 41.40
CA LEU E 176 56.18 29.54 41.75
C LEU E 176 56.01 28.45 42.79
N PRO E 177 56.11 27.16 42.42
CA PRO E 177 55.85 26.10 43.40
C PRO E 177 57.00 25.86 44.36
N ASN E 178 57.54 26.94 44.93
CA ASN E 178 58.56 26.87 45.98
C ASN E 178 59.85 26.21 45.51
N GLU E 179 59.94 25.92 44.21
CA GLU E 179 61.09 25.27 43.56
C GLU E 179 61.27 23.83 44.00
N GLN E 180 60.41 23.31 44.88
CA GLN E 180 60.58 21.95 45.39
C GLN E 180 60.20 20.91 44.35
N ALA E 181 59.14 21.16 43.58
CA ALA E 181 58.79 20.26 42.49
C ALA E 181 59.83 20.30 41.38
N ARG E 182 60.41 21.47 41.12
CA ARG E 182 61.44 21.58 40.10
C ARG E 182 62.72 20.85 40.50
N LEU E 183 63.21 21.11 41.71
CA LEU E 183 64.43 20.44 42.17
C LEU E 183 64.21 18.95 42.36
N ASP E 184 63.02 18.55 42.81
CA ASP E 184 62.72 17.14 43.01
C ASP E 184 62.64 16.40 41.68
N ILE E 185 61.91 16.97 40.72
CA ILE E 185 61.79 16.32 39.42
C ILE E 185 63.14 16.32 38.70
N LEU E 186 63.99 17.32 38.96
CA LEU E 186 65.31 17.35 38.37
C LEU E 186 66.23 16.32 39.01
N LYS E 187 66.04 16.05 40.30
CA LYS E 187 66.86 15.03 40.97
C LYS E 187 66.41 13.62 40.60
N ILE E 188 65.12 13.40 40.40
CA ILE E 188 64.68 12.07 39.99
C ILE E 188 64.92 11.85 38.50
N HIS E 189 65.00 12.92 37.71
CA HIS E 189 65.36 12.80 36.30
C HIS E 189 66.87 12.86 36.07
N ALA E 190 67.65 13.20 37.09
CA ALA E 190 69.10 13.25 36.97
C ALA E 190 69.77 11.94 37.39
N GLY E 191 69.01 10.96 37.85
CA GLY E 191 69.56 9.71 38.33
C GLY E 191 70.16 8.84 37.25
N PRO E 192 69.32 8.29 36.36
CA PRO E 192 69.83 7.34 35.36
C PRO E 192 70.75 7.95 34.32
N ILE E 193 70.68 9.26 34.09
CA ILE E 193 71.54 9.90 33.11
C ILE E 193 72.92 10.12 33.72
N THR E 194 73.96 9.65 33.03
CA THR E 194 75.32 9.82 33.51
C THR E 194 75.83 11.22 33.16
N LYS E 195 76.49 11.85 34.13
CA LYS E 195 77.02 13.20 33.96
C LYS E 195 78.46 13.24 34.45
N HIS E 196 79.19 14.26 33.98
CA HIS E 196 80.56 14.46 34.41
C HIS E 196 80.59 14.96 35.86
N GLY E 197 81.77 14.90 36.47
CA GLY E 197 81.92 15.35 37.84
C GLY E 197 81.59 16.82 38.03
N GLU E 198 81.78 17.63 36.99
CA GLU E 198 81.43 19.05 37.04
C GLU E 198 79.92 19.19 36.90
N ILE E 199 79.24 19.42 38.02
CA ILE E 199 77.79 19.54 38.05
C ILE E 199 77.42 20.81 38.78
N ASP E 200 76.37 21.49 38.29
CA ASP E 200 75.89 22.72 38.92
C ASP E 200 74.38 22.79 38.68
N TYR E 201 73.60 22.33 39.67
CA TYR E 201 72.15 22.36 39.55
C TYR E 201 71.58 23.77 39.78
N GLU E 202 72.38 24.68 40.35
CA GLU E 202 71.88 26.02 40.62
C GLU E 202 71.61 26.80 39.33
N ALA E 203 72.33 26.47 38.25
CA ALA E 203 72.08 27.15 36.98
C ALA E 203 70.80 26.66 36.32
N ILE E 204 70.46 25.38 36.49
CA ILE E 204 69.26 24.84 35.88
C ILE E 204 68.03 25.20 36.70
N VAL E 205 68.13 25.10 38.02
CA VAL E 205 66.99 25.45 38.88
C VAL E 205 66.80 26.96 38.92
N LYS E 206 67.89 27.71 38.95
CA LYS E 206 67.80 29.16 39.05
C LYS E 206 67.50 29.81 37.69
N LEU E 207 68.16 29.34 36.63
CA LEU E 207 67.99 29.92 35.31
C LEU E 207 66.72 29.47 34.61
N SER E 208 65.81 28.79 35.31
CA SER E 208 64.54 28.35 34.73
C SER E 208 63.43 28.67 35.72
N ASP E 209 62.48 29.50 35.29
CA ASP E 209 61.35 29.87 36.11
C ASP E 209 60.07 29.77 35.30
N GLY E 210 58.94 29.70 35.99
CA GLY E 210 57.65 29.59 35.33
C GLY E 210 57.46 28.32 34.54
N PHE E 211 58.10 27.23 34.95
CA PHE E 211 58.01 25.95 34.27
C PHE E 211 57.38 24.92 35.18
N ASN E 212 57.31 23.68 34.70
CA ASN E 212 56.70 22.58 35.44
C ASN E 212 57.58 21.34 35.32
N GLY E 213 57.09 20.23 35.87
CA GLY E 213 57.84 18.98 35.79
C GLY E 213 57.86 18.41 34.39
N ALA E 214 56.72 18.46 33.68
CA ALA E 214 56.67 17.95 32.32
C ALA E 214 57.49 18.81 31.37
N ASP E 215 57.43 20.13 31.54
CA ASP E 215 58.23 21.02 30.71
C ASP E 215 59.72 20.81 30.96
N LEU E 216 60.11 20.72 32.25
CA LEU E 216 61.51 20.55 32.58
C LEU E 216 62.03 19.19 32.14
N ARG E 217 61.17 18.16 32.14
CA ARG E 217 61.63 16.86 31.68
C ARG E 217 61.66 16.77 30.16
N ASN E 218 60.80 17.53 29.47
CA ASN E 218 60.87 17.57 28.01
C ASN E 218 62.07 18.39 27.53
N VAL E 219 62.47 19.40 28.30
CA VAL E 219 63.64 20.18 27.90
C VAL E 219 64.92 19.47 28.32
N CYS E 220 64.92 18.79 29.48
CA CYS E 220 66.09 18.04 29.89
C CYS E 220 66.31 16.82 29.00
N THR E 221 65.22 16.13 28.64
CA THR E 221 65.34 15.04 27.67
C THR E 221 65.59 15.56 26.26
N GLU E 222 65.18 16.80 25.96
CA GLU E 222 65.52 17.39 24.67
C GLU E 222 67.02 17.67 24.58
N ALA E 223 67.62 18.13 25.68
CA ALA E 223 69.06 18.29 25.72
C ALA E 223 69.78 16.95 25.81
N GLY E 224 69.12 15.92 26.36
CA GLY E 224 69.69 14.60 26.35
C GLY E 224 69.70 13.97 24.98
N MET E 225 68.69 14.28 24.16
CA MET E 225 68.72 13.87 22.77
C MET E 225 69.71 14.71 21.96
N PHE E 226 69.82 16.00 22.28
CA PHE E 226 70.85 16.83 21.67
C PHE E 226 72.25 16.35 22.02
N ALA E 227 72.40 15.69 23.16
CA ALA E 227 73.68 15.09 23.54
C ALA E 227 73.86 13.67 22.99
N ILE E 228 72.76 12.98 22.71
CA ILE E 228 72.87 11.65 22.11
C ILE E 228 73.05 11.72 20.61
N ARG E 229 72.77 12.87 19.99
CA ARG E 229 73.04 13.03 18.57
C ARG E 229 74.54 12.98 18.28
N ALA E 230 75.36 13.44 19.22
CA ALA E 230 76.81 13.41 19.08
C ALA E 230 77.43 12.14 19.63
N ASP E 231 76.64 11.07 19.75
CA ASP E 231 77.04 9.71 20.14
C ASP E 231 78.14 9.67 21.19
N HIS E 232 78.06 10.52 22.19
CA HIS E 232 78.99 10.54 23.31
C HIS E 232 78.39 9.82 24.50
N ASP E 233 79.25 9.15 25.28
CA ASP E 233 78.78 8.43 26.45
C ASP E 233 78.43 9.38 27.59
N PHE E 234 79.38 10.18 28.04
CA PHE E 234 79.13 11.14 29.11
C PHE E 234 78.43 12.38 28.57
N VAL E 235 77.63 13.00 29.42
CA VAL E 235 76.86 14.20 29.07
C VAL E 235 77.20 15.28 30.10
N VAL E 236 77.93 16.30 29.69
CA VAL E 236 78.24 17.42 30.57
C VAL E 236 77.04 18.35 30.67
N GLN E 237 77.05 19.18 31.70
CA GLN E 237 75.96 20.13 31.93
C GLN E 237 76.12 21.41 31.11
N GLU E 238 77.14 21.51 30.27
CA GLU E 238 77.25 22.67 29.39
C GLU E 238 76.12 22.69 28.36
N ASP E 239 75.83 21.54 27.76
CA ASP E 239 74.67 21.43 26.87
C ASP E 239 73.36 21.54 27.65
N PHE E 240 73.38 21.30 28.96
CA PHE E 240 72.18 21.53 29.76
C PHE E 240 71.96 23.01 30.00
N MET E 241 73.03 23.76 30.28
CA MET E 241 72.87 25.19 30.50
C MET E 241 72.56 25.94 29.21
N LYS E 242 73.27 25.61 28.13
CA LYS E 242 73.04 26.31 26.86
C LYS E 242 71.80 25.80 26.15
N ALA E 243 71.63 24.47 26.09
CA ALA E 243 70.46 23.92 25.40
C ALA E 243 69.19 24.12 26.21
N VAL E 244 69.24 23.91 27.52
CA VAL E 244 68.07 24.13 28.36
C VAL E 244 67.80 25.62 28.49
N ARG E 245 68.84 26.45 28.47
CA ARG E 245 68.65 27.89 28.53
C ARG E 245 67.97 28.41 27.26
N LYS E 246 68.54 28.08 26.09
CA LYS E 246 68.00 28.62 24.84
C LYS E 246 66.66 27.99 24.50
N VAL E 247 66.56 26.66 24.60
CA VAL E 247 65.29 25.99 24.33
C VAL E 247 64.25 26.43 25.35
N ALA E 248 64.67 26.69 26.59
CA ALA E 248 63.75 27.21 27.60
C ALA E 248 63.28 28.61 27.24
N ASP E 249 64.13 29.41 26.62
CA ASP E 249 63.70 30.72 26.14
C ASP E 249 62.73 30.57 24.96
N SER E 250 62.93 29.55 24.13
CA SER E 250 61.97 29.28 23.06
C SER E 250 60.63 28.83 23.63
N LYS E 251 60.64 28.15 24.78
CA LYS E 251 59.39 27.79 25.43
C LYS E 251 58.74 28.99 26.10
N LYS E 252 59.55 29.93 26.58
CA LYS E 252 58.99 31.17 27.14
C LYS E 252 58.37 32.03 26.05
N LEU E 253 58.97 32.02 24.85
CA LEU E 253 58.37 32.77 23.75
C LEU E 253 57.14 32.05 23.20
N GLU E 254 57.19 30.72 23.11
CA GLU E 254 56.09 29.91 22.63
C GLU E 254 55.20 29.40 23.76
N SER E 255 55.14 30.10 24.88
CA SER E 255 54.35 29.69 26.04
C SER E 255 52.93 30.26 26.01
N LYS E 256 52.40 30.54 24.83
CA LYS E 256 51.05 31.10 24.70
C LYS E 256 50.01 30.05 25.08
N TYR F 3 33.96 -6.45 18.28
CA TYR F 3 32.87 -5.49 18.37
C TYR F 3 33.27 -4.14 17.77
N ASP F 4 32.32 -3.49 17.10
CA ASP F 4 32.52 -2.18 16.48
C ASP F 4 33.67 -2.24 15.46
N SER F 5 33.45 -3.06 14.44
CA SER F 5 34.46 -3.27 13.40
C SER F 5 34.73 -2.01 12.58
N ARG F 6 33.87 -0.99 12.67
CA ARG F 6 34.12 0.24 11.94
C ARG F 6 35.33 0.98 12.46
N VAL F 7 35.69 0.78 13.73
CA VAL F 7 36.86 1.39 14.33
C VAL F 7 37.91 0.35 14.72
N LYS F 8 37.46 -0.80 15.22
CA LYS F 8 38.40 -1.87 15.59
C LYS F 8 39.21 -2.32 14.39
N ALA F 9 38.55 -2.82 13.35
CA ALA F 9 39.23 -3.22 12.12
C ALA F 9 39.15 -2.10 11.10
N MET F 10 39.85 -1.01 11.43
CA MET F 10 39.84 0.16 10.55
C MET F 10 40.52 -0.15 9.22
N GLU F 11 41.80 -0.49 9.25
CA GLU F 11 42.56 -0.81 8.04
C GLU F 11 43.57 -1.89 8.37
N VAL F 12 43.50 -3.02 7.67
CA VAL F 12 44.43 -4.11 7.85
C VAL F 12 45.53 -3.93 6.81
N ASP F 13 46.55 -3.16 7.17
CA ASP F 13 47.68 -2.86 6.29
C ASP F 13 48.98 -3.29 6.96
N GLU F 14 49.93 -3.76 6.14
CA GLU F 14 51.25 -4.13 6.62
C GLU F 14 52.33 -3.16 6.18
N ARG F 15 52.23 -2.61 4.96
CA ARG F 15 53.18 -1.61 4.48
C ARG F 15 52.52 -0.84 3.35
N PRO F 16 52.86 0.44 3.18
CA PRO F 16 52.29 1.25 2.10
C PRO F 16 52.88 0.90 0.73
N LEU F 26 63.83 19.17 2.48
CA LEU F 26 62.95 18.60 3.50
C LEU F 26 63.74 17.74 4.48
N ASP F 27 65.07 17.77 4.38
CA ASP F 27 65.91 16.96 5.24
C ASP F 27 65.88 17.43 6.69
N LYS F 28 65.64 18.73 6.92
CA LYS F 28 65.62 19.26 8.28
C LYS F 28 64.45 18.72 9.09
N GLN F 29 63.38 18.25 8.43
CA GLN F 29 62.24 17.67 9.11
C GLN F 29 62.13 16.16 8.92
N ILE F 30 62.59 15.62 7.78
CA ILE F 30 62.55 14.18 7.58
C ILE F 30 63.71 13.49 8.29
N GLN F 31 64.78 14.21 8.61
CA GLN F 31 65.85 13.62 9.41
C GLN F 31 65.41 13.44 10.86
N GLU F 32 64.97 14.52 11.50
CA GLU F 32 64.47 14.43 12.87
C GLU F 32 63.19 13.60 12.95
N LEU F 33 62.41 13.57 11.87
CA LEU F 33 61.19 12.77 11.88
C LEU F 33 61.50 11.29 11.75
N VAL F 34 62.22 10.91 10.69
CA VAL F 34 62.53 9.49 10.46
C VAL F 34 63.38 8.93 11.60
N GLU F 35 64.35 9.72 12.07
CA GLU F 35 65.11 9.31 13.25
C GLU F 35 64.19 9.20 14.47
N ALA F 36 63.41 10.25 14.74
CA ALA F 36 62.54 10.29 15.90
C ALA F 36 61.45 9.22 15.89
N ILE F 37 61.26 8.51 14.77
CA ILE F 37 60.31 7.41 14.73
C ILE F 37 60.99 6.05 14.59
N VAL F 38 62.24 6.00 14.13
CA VAL F 38 62.93 4.74 13.95
C VAL F 38 63.78 4.38 15.17
N LEU F 39 64.56 5.33 15.68
CA LEU F 39 65.47 5.03 16.79
C LEU F 39 64.74 4.70 18.10
N PRO F 40 63.54 5.23 18.38
CA PRO F 40 62.83 4.76 19.59
C PRO F 40 62.31 3.33 19.49
N MET F 41 62.39 2.70 18.32
CA MET F 41 61.86 1.35 18.17
C MET F 41 62.85 0.32 18.70
N ASN F 42 64.05 0.27 18.14
CA ASN F 42 65.04 -0.75 18.46
C ASN F 42 66.09 -0.29 19.46
N HIS F 43 66.51 0.98 19.39
CA HIS F 43 67.61 1.47 20.21
C HIS F 43 67.14 1.75 21.65
N LYS F 44 66.69 0.68 22.31
CA LYS F 44 66.33 0.77 23.72
C LYS F 44 67.54 0.66 24.64
N GLU F 45 68.66 0.13 24.14
CA GLU F 45 69.86 -0.01 24.96
C GLU F 45 70.34 1.34 25.47
N LYS F 46 70.47 2.32 24.57
CA LYS F 46 70.90 3.64 24.98
C LYS F 46 69.82 4.39 25.75
N PHE F 47 68.55 4.04 25.53
CA PHE F 47 67.48 4.61 26.34
C PHE F 47 67.52 4.09 27.77
N GLU F 48 68.05 2.90 27.98
CA GLU F 48 68.23 2.36 29.32
C GLU F 48 69.57 2.73 29.94
N ASN F 49 70.56 3.08 29.12
CA ASN F 49 71.85 3.51 29.63
C ASN F 49 71.81 4.98 30.04
N LEU F 50 71.24 5.83 29.19
CA LEU F 50 71.19 7.27 29.44
C LEU F 50 69.87 7.72 30.03
N GLY F 51 68.92 6.81 30.27
CA GLY F 51 67.65 7.19 30.85
C GLY F 51 66.80 8.10 30.00
N ILE F 52 66.98 8.07 28.68
CA ILE F 52 66.22 8.92 27.78
C ILE F 52 64.91 8.23 27.42
N GLN F 53 63.81 9.00 27.42
CA GLN F 53 62.51 8.44 27.11
C GLN F 53 62.18 8.60 25.63
N PRO F 54 61.55 7.60 25.02
CA PRO F 54 61.20 7.70 23.60
C PRO F 54 60.07 8.69 23.39
N PRO F 55 60.20 9.58 22.41
CA PRO F 55 59.11 10.52 22.13
C PRO F 55 57.89 9.80 21.59
N LYS F 56 56.71 10.21 22.08
CA LYS F 56 55.45 9.59 21.71
C LYS F 56 54.63 10.45 20.74
N GLY F 57 54.37 11.70 21.10
CA GLY F 57 53.57 12.59 20.28
C GLY F 57 54.45 13.52 19.46
N VAL F 58 53.98 13.84 18.25
CA VAL F 58 54.68 14.73 17.33
C VAL F 58 53.65 15.60 16.62
N LEU F 59 53.90 16.91 16.58
CA LEU F 59 52.99 17.87 15.96
C LEU F 59 53.60 18.31 14.64
N MET F 60 53.16 17.67 13.54
CA MET F 60 53.64 18.00 12.20
C MET F 60 52.65 18.98 11.57
N TYR F 61 52.77 20.24 11.96
CA TYR F 61 51.89 21.29 11.48
C TYR F 61 52.59 22.10 10.38
N GLY F 62 51.95 23.19 9.95
CA GLY F 62 52.51 24.06 8.95
C GLY F 62 51.52 24.41 7.87
N PRO F 63 51.90 25.33 6.99
CA PRO F 63 51.01 25.73 5.88
C PRO F 63 50.83 24.60 4.89
N PRO F 64 49.76 24.62 4.09
CA PRO F 64 49.55 23.57 3.09
C PRO F 64 50.57 23.64 1.96
N GLY F 65 50.46 22.73 1.00
CA GLY F 65 51.39 22.67 -0.11
C GLY F 65 52.64 21.86 0.14
N THR F 66 52.62 20.95 1.10
CA THR F 66 53.77 20.11 1.43
C THR F 66 53.50 18.63 1.28
N GLY F 67 52.32 18.16 1.68
CA GLY F 67 51.99 16.75 1.59
C GLY F 67 52.45 15.96 2.79
N LYS F 68 52.01 16.37 3.98
CA LYS F 68 52.41 15.69 5.21
C LYS F 68 51.89 14.26 5.27
N THR F 69 50.74 13.99 4.63
CA THR F 69 50.17 12.65 4.68
C THR F 69 51.01 11.66 3.89
N LEU F 70 51.43 12.02 2.69
CA LEU F 70 52.25 11.13 1.88
C LEU F 70 53.71 11.14 2.29
N LEU F 71 54.17 12.23 2.92
CA LEU F 71 55.53 12.25 3.45
C LEU F 71 55.64 11.36 4.68
N ALA F 72 54.67 11.47 5.60
CA ALA F 72 54.63 10.58 6.75
C ALA F 72 54.32 9.14 6.33
N ARG F 73 53.59 8.96 5.23
CA ARG F 73 53.38 7.63 4.69
C ARG F 73 54.67 7.06 4.14
N ALA F 74 55.49 7.90 3.48
CA ALA F 74 56.80 7.45 3.05
C ALA F 74 57.71 7.14 4.23
N CYS F 75 57.57 7.89 5.33
CA CYS F 75 58.30 7.56 6.55
C CYS F 75 57.85 6.21 7.09
N ALA F 76 56.54 5.91 6.99
CA ALA F 76 56.05 4.60 7.38
C ALA F 76 56.60 3.52 6.45
N ALA F 77 56.86 3.86 5.19
CA ALA F 77 57.54 2.92 4.29
C ALA F 77 58.98 2.73 4.69
N GLN F 78 59.62 3.76 5.26
CA GLN F 78 60.99 3.63 5.74
C GLN F 78 61.07 2.84 7.04
N THR F 79 60.00 2.84 7.84
CA THR F 79 59.99 2.04 9.06
C THR F 79 59.71 0.58 8.76
N LYS F 80 58.89 0.29 7.76
CA LYS F 80 58.53 -1.03 7.27
C LYS F 80 57.63 -1.78 8.26
N ALA F 81 57.32 -1.21 9.42
CA ALA F 81 56.48 -1.86 10.39
C ALA F 81 55.00 -1.74 9.99
N THR F 82 54.12 -2.27 10.83
CA THR F 82 52.69 -2.21 10.56
C THR F 82 52.20 -0.76 10.60
N PHE F 83 51.29 -0.43 9.70
CA PHE F 83 50.76 0.92 9.59
C PHE F 83 49.24 0.86 9.66
N LEU F 84 48.65 1.77 10.44
CA LEU F 84 47.21 1.85 10.63
C LEU F 84 46.72 3.22 10.20
N LYS F 85 45.72 3.25 9.32
CA LYS F 85 45.17 4.49 8.81
C LYS F 85 43.97 4.94 9.65
N LEU F 86 43.85 6.25 9.83
CA LEU F 86 42.76 6.82 10.60
C LEU F 86 42.65 8.29 10.25
N ALA F 87 41.43 8.75 9.99
CA ALA F 87 41.18 10.13 9.60
C ALA F 87 40.64 10.92 10.79
N GLY F 88 40.48 12.23 10.59
CA GLY F 88 40.03 13.12 11.62
C GLY F 88 38.55 12.97 11.97
N PRO F 89 37.67 13.29 11.02
CA PRO F 89 36.23 13.28 11.32
C PRO F 89 35.64 11.88 11.45
N GLN F 90 36.49 10.86 11.49
CA GLN F 90 36.00 9.51 11.69
C GLN F 90 35.51 9.27 13.12
N LEU F 91 36.00 10.07 14.08
CA LEU F 91 35.54 9.93 15.46
C LEU F 91 34.13 10.46 15.66
N VAL F 92 33.66 11.34 14.78
CA VAL F 92 32.32 11.91 14.90
C VAL F 92 31.31 10.83 14.53
N GLN F 93 30.57 10.34 15.52
CA GLN F 93 29.58 9.31 15.32
C GLN F 93 28.30 9.67 16.08
N MET F 94 27.17 9.29 15.50
CA MET F 94 25.88 9.59 16.13
C MET F 94 25.66 8.82 17.43
N PHE F 95 26.36 7.70 17.61
CA PHE F 95 26.20 6.92 18.83
C PHE F 95 26.88 7.62 20.00
N ILE F 96 26.65 7.08 21.19
CA ILE F 96 27.17 7.64 22.43
C ILE F 96 28.16 6.64 23.03
N GLY F 97 28.96 7.14 23.98
CA GLY F 97 29.95 6.30 24.62
C GLY F 97 31.10 5.89 23.73
N ASP F 98 31.43 6.70 22.72
CA ASP F 98 32.50 6.38 21.79
C ASP F 98 33.88 6.60 22.38
N GLY F 99 34.00 7.28 23.52
CA GLY F 99 35.31 7.54 24.09
C GLY F 99 35.96 6.29 24.65
N ALA F 100 35.25 5.59 25.54
CA ALA F 100 35.81 4.38 26.12
C ALA F 100 35.88 3.25 25.10
N LYS F 101 34.85 3.11 24.27
CA LYS F 101 34.82 2.04 23.28
C LYS F 101 35.88 2.24 22.21
N LEU F 102 35.99 3.45 21.67
CA LEU F 102 36.92 3.71 20.58
C LEU F 102 38.35 3.84 21.09
N VAL F 103 38.55 4.59 22.18
CA VAL F 103 39.89 4.79 22.71
C VAL F 103 40.42 3.49 23.32
N ARG F 104 39.59 2.82 24.14
CA ARG F 104 40.01 1.56 24.72
C ARG F 104 40.05 0.43 23.69
N ASP F 105 39.33 0.57 22.58
CA ASP F 105 39.36 -0.44 21.53
C ASP F 105 40.62 -0.33 20.69
N ALA F 106 40.85 0.86 20.11
CA ALA F 106 42.04 1.08 19.31
C ALA F 106 43.30 0.96 20.15
N PHE F 107 43.26 1.44 21.38
CA PHE F 107 44.38 1.29 22.30
C PHE F 107 44.43 -0.10 22.93
N ALA F 108 43.38 -0.90 22.77
CA ALA F 108 43.43 -2.30 23.20
C ALA F 108 44.09 -3.17 22.14
N LEU F 109 43.76 -2.96 20.87
CA LEU F 109 44.42 -3.70 19.80
C LEU F 109 45.85 -3.20 19.61
N ALA F 110 46.08 -1.90 19.79
CA ALA F 110 47.45 -1.40 19.78
C ALA F 110 48.19 -1.77 21.05
N LYS F 111 47.45 -1.96 22.16
CA LYS F 111 48.09 -2.33 23.43
C LYS F 111 48.55 -3.78 23.41
N GLU F 112 47.73 -4.68 22.86
CA GLU F 112 48.05 -6.10 22.85
C GLU F 112 48.82 -6.54 21.62
N LYS F 113 48.56 -5.90 20.47
CA LYS F 113 49.13 -6.35 19.20
C LYS F 113 50.59 -5.89 19.08
N ALA F 114 51.18 -6.12 17.91
CA ALA F 114 52.57 -5.77 17.68
C ALA F 114 52.74 -4.26 17.57
N PRO F 115 53.98 -3.76 17.73
CA PRO F 115 54.20 -2.31 17.57
C PRO F 115 53.95 -1.83 16.15
N SER F 116 52.88 -1.07 15.97
CA SER F 116 52.47 -0.55 14.68
C SER F 116 52.69 0.96 14.62
N ILE F 117 52.27 1.57 13.51
CA ILE F 117 52.36 3.01 13.31
C ILE F 117 50.97 3.54 13.00
N ILE F 118 50.52 4.52 13.78
CA ILE F 118 49.19 5.09 13.65
C ILE F 118 49.37 6.57 13.32
N PHE F 119 49.20 6.92 12.05
CA PHE F 119 49.28 8.30 11.60
C PHE F 119 47.87 8.83 11.35
N ILE F 120 47.53 9.94 12.00
CA ILE F 120 46.22 10.58 11.83
C ILE F 120 46.43 11.98 11.31
N ASP F 121 45.35 12.58 10.82
CA ASP F 121 45.37 13.93 10.29
C ASP F 121 44.05 14.62 10.63
N GLU F 122 44.01 15.94 10.41
CA GLU F 122 42.85 16.76 10.71
C GLU F 122 42.45 16.64 12.19
N LEU F 123 43.38 17.04 13.05
CA LEU F 123 43.17 16.99 14.49
C LEU F 123 42.72 18.32 15.07
N ASP F 124 43.08 19.44 14.43
CA ASP F 124 42.68 20.75 14.94
C ASP F 124 41.18 20.96 14.84
N ALA F 125 40.53 20.35 13.85
CA ALA F 125 39.09 20.52 13.69
C ALA F 125 38.32 19.76 14.78
N ILE F 126 38.73 18.52 15.05
CA ILE F 126 38.08 17.73 16.10
C ILE F 126 38.62 18.03 17.48
N GLY F 127 39.64 18.87 17.60
CA GLY F 127 40.19 19.23 18.89
C GLY F 127 39.90 20.67 19.28
N THR F 128 38.70 21.13 18.94
CA THR F 128 38.29 22.50 19.25
C THR F 128 37.62 22.53 20.62
N LYS F 129 38.10 23.42 21.49
CA LYS F 129 37.57 23.55 22.84
C LYS F 129 36.29 24.39 22.89
N ARG F 130 35.68 24.67 21.75
CA ARG F 130 34.39 25.35 21.67
C ARG F 130 34.44 26.73 22.34
N PHE F 131 35.21 27.63 21.69
CA PHE F 131 35.25 29.02 22.12
C PHE F 131 33.85 29.61 22.21
N ASP F 132 33.12 29.60 21.10
CA ASP F 132 31.75 30.09 21.07
C ASP F 132 30.82 28.99 21.54
N SER F 133 30.14 29.23 22.68
CA SER F 133 29.27 28.23 23.30
C SER F 133 27.80 28.41 22.89
N GLU F 134 27.55 28.90 21.68
CA GLU F 134 26.17 29.06 21.22
C GLU F 134 25.50 27.70 21.01
N LYS F 135 26.07 26.87 20.15
CA LYS F 135 25.54 25.53 19.89
C LYS F 135 26.60 24.73 19.17
N ALA F 136 26.90 23.53 19.69
CA ALA F 136 27.91 22.66 19.10
C ALA F 136 27.79 21.27 19.71
N GLY F 137 27.82 20.25 18.86
CA GLY F 137 27.81 18.88 19.32
C GLY F 137 29.18 18.31 19.64
N ASP F 138 30.25 19.06 19.37
CA ASP F 138 31.62 18.61 19.61
C ASP F 138 31.94 18.71 21.10
N ARG F 139 31.42 17.74 21.86
CA ARG F 139 31.63 17.72 23.29
C ARG F 139 32.14 16.35 23.74
N GLU F 140 31.68 15.29 23.09
CA GLU F 140 32.16 13.95 23.40
C GLU F 140 33.40 13.58 22.60
N VAL F 141 33.68 14.30 21.51
CA VAL F 141 35.01 14.21 20.91
C VAL F 141 36.01 14.94 21.78
N GLN F 142 35.57 15.99 22.48
CA GLN F 142 36.40 16.59 23.52
C GLN F 142 36.56 15.64 24.69
N ARG F 143 35.54 14.85 24.99
CA ARG F 143 35.71 13.74 25.94
C ARG F 143 36.77 12.76 25.44
N THR F 144 36.76 12.47 24.13
CA THR F 144 37.77 11.60 23.56
C THR F 144 39.17 12.19 23.69
N MET F 145 39.29 13.51 23.57
CA MET F 145 40.59 14.15 23.74
C MET F 145 41.03 14.12 25.20
N LEU F 146 40.09 14.31 26.13
CA LEU F 146 40.43 14.25 27.55
C LEU F 146 40.82 12.85 27.98
N GLU F 147 40.23 11.83 27.34
CA GLU F 147 40.65 10.45 27.62
C GLU F 147 41.96 10.12 26.92
N LEU F 148 42.23 10.77 25.78
CA LEU F 148 43.52 10.60 25.11
C LEU F 148 44.65 11.14 25.98
N LEU F 149 44.52 12.40 26.43
CA LEU F 149 45.50 12.96 27.34
C LEU F 149 45.48 12.27 28.70
N ASN F 150 44.35 11.67 29.08
CA ASN F 150 44.28 10.95 30.35
C ASN F 150 45.08 9.66 30.31
N GLN F 151 44.93 8.88 29.24
CA GLN F 151 45.64 7.62 29.10
C GLN F 151 47.07 7.79 28.61
N LEU F 152 47.40 8.95 28.02
CA LEU F 152 48.76 9.26 27.62
C LEU F 152 49.50 10.11 28.64
N ASP F 153 48.82 10.57 29.69
CA ASP F 153 49.43 11.35 30.75
C ASP F 153 49.48 10.60 32.08
N GLY F 154 48.34 10.09 32.54
CA GLY F 154 48.26 9.42 33.82
C GLY F 154 48.72 7.98 33.84
N PHE F 155 49.19 7.45 32.71
CA PHE F 155 49.61 6.06 32.61
C PHE F 155 51.11 6.01 32.32
N GLN F 156 51.90 5.71 33.35
CA GLN F 156 53.33 5.53 33.14
C GLN F 156 53.70 4.29 32.32
N PRO F 157 52.91 3.18 32.26
CA PRO F 157 53.32 2.06 31.40
C PRO F 157 53.07 2.32 29.91
N ASN F 158 52.83 3.57 29.54
CA ASN F 158 52.50 3.93 28.17
C ASN F 158 53.71 4.01 27.25
N THR F 159 54.84 3.38 27.63
CA THR F 159 56.01 3.31 26.76
C THR F 159 55.78 2.42 25.54
N GLN F 160 54.57 1.92 25.34
CA GLN F 160 54.23 1.05 24.21
C GLN F 160 53.95 1.89 22.97
N VAL F 161 53.28 1.29 21.98
CA VAL F 161 53.08 1.84 20.64
C VAL F 161 52.72 3.32 20.68
N LYS F 162 53.41 4.10 19.85
CA LYS F 162 53.25 5.55 19.82
C LYS F 162 51.98 5.94 19.06
N VAL F 163 51.63 7.22 19.19
CA VAL F 163 50.48 7.80 18.50
C VAL F 163 50.96 9.05 17.78
N ILE F 164 50.91 9.03 16.44
CA ILE F 164 51.38 10.14 15.61
C ILE F 164 50.18 10.98 15.22
N ALA F 165 50.29 12.30 15.38
CA ALA F 165 49.23 13.23 15.04
C ALA F 165 49.73 14.27 14.05
N ALA F 166 48.79 14.83 13.28
CA ALA F 166 49.12 15.86 12.29
C ALA F 166 47.96 16.83 12.22
N THR F 167 48.30 18.13 12.16
CA THR F 167 47.32 19.20 12.07
C THR F 167 47.61 20.08 10.87
N ASN F 168 46.56 20.41 10.13
CA ASN F 168 46.70 21.28 8.95
C ASN F 168 46.75 22.76 9.32
N ARG F 169 46.45 23.12 10.56
CA ARG F 169 46.45 24.51 10.98
C ARG F 169 46.57 24.56 12.49
N VAL F 170 47.13 25.67 13.00
CA VAL F 170 47.34 25.83 14.43
C VAL F 170 46.45 26.96 14.95
N ASP F 171 45.29 27.16 14.30
CA ASP F 171 44.34 28.15 14.77
C ASP F 171 43.75 27.77 16.12
N ILE F 172 43.57 26.47 16.37
CA ILE F 172 43.07 25.95 17.64
C ILE F 172 44.16 25.06 18.23
N LEU F 173 44.63 25.42 19.43
CA LEU F 173 45.70 24.66 20.07
C LEU F 173 45.45 24.65 21.57
N ASP F 174 45.31 23.46 22.12
CA ASP F 174 45.09 23.31 23.57
C ASP F 174 46.40 23.59 24.30
N PRO F 175 46.45 24.57 25.21
CA PRO F 175 47.70 24.86 25.93
C PRO F 175 48.16 23.73 26.84
N ALA F 176 47.32 22.73 27.11
CA ALA F 176 47.67 21.61 27.97
C ALA F 176 48.28 20.45 27.20
N LEU F 177 48.86 20.70 26.03
CA LEU F 177 49.47 19.67 25.19
C LEU F 177 50.98 19.67 25.29
N LEU F 178 51.54 19.95 26.47
CA LEU F 178 52.98 20.03 26.68
C LEU F 178 53.40 18.82 27.50
N ARG F 179 53.78 17.74 26.80
CA ARG F 179 54.23 16.51 27.45
C ARG F 179 54.91 15.64 26.39
N SER F 180 55.71 14.69 26.86
CA SER F 180 56.36 13.75 25.94
C SER F 180 55.32 12.88 25.24
N GLY F 181 54.35 12.37 25.99
CA GLY F 181 53.28 11.61 25.37
C GLY F 181 52.36 12.46 24.52
N ARG F 182 52.18 13.73 24.89
CA ARG F 182 51.34 14.65 24.14
C ARG F 182 52.15 15.21 22.97
N LEU F 183 51.62 16.23 22.30
CA LEU F 183 52.28 16.85 21.16
C LEU F 183 53.54 17.57 21.65
N ASP F 184 54.71 16.98 21.40
CA ASP F 184 55.98 17.52 21.85
C ASP F 184 56.85 18.05 20.73
N ARG F 185 56.94 17.34 19.61
CA ARG F 185 57.79 17.75 18.48
C ARG F 185 56.96 18.64 17.56
N LYS F 186 57.02 19.95 17.81
CA LYS F 186 56.32 20.92 16.98
C LYS F 186 57.13 21.16 15.71
N ILE F 187 56.78 20.45 14.65
CA ILE F 187 57.50 20.55 13.38
C ILE F 187 56.78 21.57 12.51
N GLU F 188 57.44 22.70 12.27
CA GLU F 188 56.90 23.74 11.40
C GLU F 188 57.40 23.55 9.98
N PHE F 189 56.57 23.95 9.01
CA PHE F 189 56.92 23.82 7.60
C PHE F 189 57.58 25.12 7.14
N PRO F 190 58.89 25.12 6.86
CA PRO F 190 59.54 26.37 6.46
C PRO F 190 59.46 26.62 4.96
N MET F 191 58.59 25.88 4.26
CA MET F 191 58.45 25.95 2.82
C MET F 191 59.81 25.73 2.15
N PRO F 192 60.31 24.50 2.11
CA PRO F 192 61.65 24.24 1.57
C PRO F 192 61.76 24.60 0.10
N ASN F 193 62.99 24.50 -0.41
CA ASN F 193 63.28 24.88 -1.78
C ASN F 193 62.60 23.93 -2.76
N GLU F 194 62.43 24.42 -4.00
CA GLU F 194 61.75 23.63 -5.02
C GLU F 194 62.59 22.42 -5.45
N GLU F 195 63.91 22.56 -5.41
CA GLU F 195 64.78 21.45 -5.82
C GLU F 195 64.60 20.24 -4.91
N ALA F 196 64.22 20.46 -3.65
CA ALA F 196 63.95 19.33 -2.76
C ALA F 196 62.70 18.58 -3.21
N ARG F 197 61.66 19.30 -3.61
CA ARG F 197 60.47 18.66 -4.18
C ARG F 197 60.80 17.97 -5.50
N ALA F 198 61.76 18.51 -6.25
CA ALA F 198 62.24 17.82 -7.44
C ALA F 198 63.11 16.61 -7.10
N ARG F 199 63.61 16.52 -5.87
CA ARG F 199 64.39 15.37 -5.44
C ARG F 199 63.49 14.24 -4.94
N ILE F 200 62.50 14.56 -4.10
CA ILE F 200 61.56 13.54 -3.67
C ILE F 200 60.68 13.12 -4.84
N MET F 201 60.34 14.05 -5.72
CA MET F 201 59.64 13.70 -6.95
C MET F 201 60.54 12.95 -7.92
N GLN F 202 61.84 13.25 -7.89
CA GLN F 202 62.79 12.50 -8.71
C GLN F 202 62.88 11.05 -8.26
N ILE F 203 62.85 10.82 -6.93
CA ILE F 203 62.82 9.45 -6.43
C ILE F 203 61.48 8.79 -6.72
N HIS F 204 60.39 9.57 -6.64
CA HIS F 204 59.07 9.04 -6.93
C HIS F 204 58.84 8.81 -8.42
N SER F 205 59.73 9.28 -9.29
CA SER F 205 59.58 9.12 -10.72
C SER F 205 60.78 8.45 -11.37
N ARG F 206 61.76 7.99 -10.59
CA ARG F 206 62.95 7.35 -11.14
C ARG F 206 62.69 5.93 -11.64
N LYS F 207 61.54 5.34 -11.30
CA LYS F 207 61.27 3.97 -11.73
C LYS F 207 60.89 3.91 -13.20
N MET F 208 60.14 4.90 -13.69
CA MET F 208 59.73 4.91 -15.08
C MET F 208 60.91 5.26 -15.98
N ASN F 209 60.75 4.96 -17.27
CA ASN F 209 61.78 5.22 -18.27
C ASN F 209 61.79 6.72 -18.58
N VAL F 210 62.77 7.43 -18.04
CA VAL F 210 62.92 8.87 -18.22
C VAL F 210 64.09 9.12 -19.17
N SER F 211 63.89 10.02 -20.13
CA SER F 211 64.96 10.34 -21.05
C SER F 211 66.13 10.99 -20.31
N PRO F 212 67.38 10.67 -20.67
CA PRO F 212 68.55 11.19 -19.95
C PRO F 212 68.88 12.64 -20.28
N ASP F 213 67.86 13.51 -20.24
CA ASP F 213 68.06 14.95 -20.42
C ASP F 213 66.97 15.66 -19.62
N VAL F 214 67.30 16.00 -18.37
CA VAL F 214 66.38 16.68 -17.46
C VAL F 214 67.18 17.68 -16.65
N ASN F 215 66.84 18.96 -16.77
CA ASN F 215 67.52 20.01 -16.01
C ASN F 215 66.89 20.26 -14.65
N TYR F 216 65.63 19.88 -14.47
CA TYR F 216 64.85 20.00 -13.23
C TYR F 216 64.56 21.45 -12.85
N GLU F 217 65.02 22.43 -13.63
CA GLU F 217 64.82 23.83 -13.27
C GLU F 217 63.39 24.28 -13.58
N GLU F 218 62.90 23.97 -14.77
CA GLU F 218 61.54 24.35 -15.14
C GLU F 218 60.51 23.57 -14.33
N LEU F 219 60.62 22.24 -14.33
CA LEU F 219 59.67 21.42 -13.58
C LEU F 219 59.81 21.60 -12.07
N ALA F 220 60.99 21.98 -11.59
CA ALA F 220 61.13 22.27 -10.16
C ALA F 220 60.50 23.61 -9.81
N ARG F 221 60.82 24.66 -10.57
CA ARG F 221 60.30 25.99 -10.28
C ARG F 221 58.79 26.05 -10.46
N CYS F 222 58.24 25.25 -11.37
CA CYS F 222 56.79 25.26 -11.59
C CYS F 222 56.03 24.69 -10.40
N THR F 223 56.65 23.78 -9.65
CA THR F 223 56.01 23.18 -8.48
C THR F 223 56.13 24.15 -7.31
N ASP F 224 55.05 24.88 -7.03
CA ASP F 224 55.01 25.83 -5.92
C ASP F 224 53.72 25.61 -5.14
N ASP F 225 53.85 25.47 -3.81
CA ASP F 225 52.72 25.26 -2.92
C ASP F 225 51.90 24.02 -3.34
N PHE F 226 52.60 22.97 -3.73
CA PHE F 226 51.98 21.75 -4.23
C PHE F 226 52.37 20.58 -3.34
N ASN F 227 51.37 19.84 -2.88
CA ASN F 227 51.60 18.68 -2.03
C ASN F 227 52.27 17.55 -2.82
N GLY F 228 52.77 16.55 -2.09
CA GLY F 228 53.39 15.41 -2.74
C GLY F 228 52.40 14.59 -3.55
N ALA F 229 51.15 14.50 -3.09
CA ALA F 229 50.13 13.80 -3.86
C ALA F 229 49.87 14.48 -5.19
N GLN F 230 49.98 15.81 -5.23
CA GLN F 230 49.83 16.52 -6.50
C GLN F 230 51.04 16.31 -7.40
N CYS F 231 52.22 16.12 -6.81
CA CYS F 231 53.40 15.79 -7.60
C CYS F 231 53.29 14.40 -8.21
N LYS F 232 52.77 13.44 -7.43
CA LYS F 232 52.47 12.12 -7.99
C LYS F 232 51.34 12.18 -9.01
N ALA F 233 50.45 13.16 -8.89
CA ALA F 233 49.45 13.37 -9.93
C ALA F 233 50.09 13.97 -11.18
N VAL F 234 51.20 14.69 -11.03
CA VAL F 234 51.94 15.18 -12.18
C VAL F 234 52.69 14.04 -12.86
N CYS F 235 53.25 13.12 -12.06
CA CYS F 235 53.96 11.98 -12.63
C CYS F 235 53.01 11.02 -13.32
N VAL F 236 51.97 10.58 -12.61
CA VAL F 236 51.00 9.66 -13.21
C VAL F 236 50.25 10.34 -14.36
N GLU F 237 49.93 11.63 -14.19
CA GLU F 237 49.29 12.37 -15.27
C GLU F 237 50.20 12.46 -16.49
N ALA F 238 51.51 12.57 -16.27
CA ALA F 238 52.44 12.53 -17.39
C ALA F 238 52.47 11.14 -18.03
N GLY F 239 52.34 10.10 -17.22
CA GLY F 239 52.24 8.75 -17.75
C GLY F 239 50.96 8.49 -18.53
N MET F 240 49.90 9.25 -18.26
CA MET F 240 48.63 9.06 -18.95
C MET F 240 48.78 9.30 -20.44
N ILE F 241 49.16 10.53 -20.82
CA ILE F 241 49.39 10.82 -22.23
C ILE F 241 50.72 10.27 -22.72
N ALA F 242 51.70 10.09 -21.83
CA ALA F 242 52.97 9.52 -22.22
C ALA F 242 52.82 8.07 -22.68
N LEU F 243 51.81 7.37 -22.15
CA LEU F 243 51.52 6.03 -22.64
C LEU F 243 51.06 6.04 -24.10
N ARG F 244 50.37 7.11 -24.52
CA ARG F 244 49.86 7.23 -25.88
C ARG F 244 50.66 8.20 -26.72
N ARG F 245 51.85 8.60 -26.27
CA ARG F 245 52.73 9.43 -27.08
C ARG F 245 53.49 8.65 -28.14
N GLY F 246 53.46 7.32 -28.08
CA GLY F 246 54.19 6.48 -29.02
C GLY F 246 55.56 6.05 -28.53
N ALA F 247 56.29 6.99 -27.92
CA ALA F 247 57.60 6.68 -27.38
C ALA F 247 57.46 5.98 -26.02
N THR F 248 58.24 4.93 -25.82
CA THR F 248 58.21 4.16 -24.58
C THR F 248 59.05 4.78 -23.48
N GLU F 249 59.54 6.00 -23.67
CA GLU F 249 60.37 6.68 -22.68
C GLU F 249 59.82 8.07 -22.42
N LEU F 250 59.75 8.46 -21.15
CA LEU F 250 59.18 9.75 -20.80
C LEU F 250 60.08 10.90 -21.24
N THR F 251 59.47 11.97 -21.72
CA THR F 251 60.20 13.14 -22.18
C THR F 251 60.35 14.16 -21.05
N HIS F 252 60.96 15.30 -21.37
CA HIS F 252 61.21 16.33 -20.38
C HIS F 252 60.07 17.34 -20.27
N GLU F 253 59.45 17.70 -21.39
CA GLU F 253 58.38 18.69 -21.39
C GLU F 253 57.06 18.17 -20.85
N ASP F 254 56.99 16.87 -20.52
CA ASP F 254 55.74 16.31 -20.02
C ASP F 254 55.49 16.65 -18.56
N TYR F 255 56.54 16.95 -17.80
CA TYR F 255 56.35 17.41 -16.41
C TYR F 255 55.67 18.77 -16.39
N MET F 256 56.26 19.75 -17.09
CA MET F 256 55.65 21.07 -17.18
C MET F 256 54.34 21.06 -17.96
N GLU F 257 54.18 20.10 -18.89
CA GLU F 257 52.90 19.98 -19.58
C GLU F 257 51.82 19.46 -18.64
N GLY F 258 52.18 18.56 -17.73
CA GLY F 258 51.22 18.08 -16.76
C GLY F 258 50.89 19.13 -15.70
N ILE F 259 51.90 19.87 -15.25
CA ILE F 259 51.66 20.96 -14.32
C ILE F 259 50.77 22.02 -14.95
N LEU F 260 51.06 22.38 -16.20
CA LEU F 260 50.24 23.32 -16.95
C LEU F 260 49.04 22.64 -17.60
N GLU F 261 48.72 21.42 -17.22
CA GLU F 261 47.55 20.70 -17.73
C GLU F 261 46.50 20.46 -16.64
N VAL F 262 46.90 19.91 -15.50
CA VAL F 262 45.98 19.71 -14.38
C VAL F 262 46.23 20.70 -13.24
N GLN F 263 47.33 21.44 -13.27
CA GLN F 263 47.65 22.39 -12.21
C GLN F 263 47.74 23.81 -12.77
N ASP G 16 -32.75 -4.79 22.53
CA ASP G 16 -33.32 -5.15 21.25
C ASP G 16 -33.64 -3.90 20.43
N SER G 17 -34.41 -2.99 21.03
CA SER G 17 -34.80 -1.73 20.41
C SER G 17 -35.54 -1.98 19.08
N THR G 18 -36.67 -2.66 19.19
CA THR G 18 -37.50 -2.98 18.04
C THR G 18 -38.34 -1.76 17.66
N TYR G 19 -39.33 -1.96 16.79
CA TYR G 19 -40.22 -0.87 16.39
C TYR G 19 -41.03 -0.32 17.56
N GLU G 20 -41.15 -1.08 18.65
CA GLU G 20 -41.85 -0.60 19.83
C GLU G 20 -40.98 0.32 20.69
N MET G 21 -39.74 0.59 20.27
CA MET G 21 -38.85 1.49 20.98
C MET G 21 -38.27 2.57 20.08
N ILE G 22 -38.78 2.71 18.86
CA ILE G 22 -38.31 3.73 17.93
C ILE G 22 -39.45 4.10 17.00
N GLY G 23 -39.61 5.40 16.76
CA GLY G 23 -40.67 5.89 15.88
C GLY G 23 -40.44 7.32 15.50
N GLY G 24 -41.10 7.74 14.42
CA GLY G 24 -41.04 9.10 13.96
C GLY G 24 -40.33 9.30 12.64
N LEU G 25 -39.85 8.24 11.99
CA LEU G 25 -39.14 8.33 10.71
C LEU G 25 -39.79 7.42 9.69
N ASP G 26 -41.13 7.47 9.60
CA ASP G 26 -41.85 6.57 8.71
C ASP G 26 -41.48 6.81 7.25
N LYS G 27 -41.33 8.08 6.86
CA LYS G 27 -40.94 8.37 5.48
C LYS G 27 -39.49 7.97 5.21
N GLN G 28 -38.62 8.10 6.21
CA GLN G 28 -37.21 7.78 6.00
C GLN G 28 -36.94 6.28 6.07
N ILE G 29 -37.75 5.54 6.84
CA ILE G 29 -37.64 4.09 6.75
C ILE G 29 -38.32 3.58 5.48
N LYS G 30 -39.38 4.27 5.04
CA LYS G 30 -39.99 3.92 3.76
C LYS G 30 -39.03 4.18 2.59
N GLU G 31 -38.13 5.16 2.74
CA GLU G 31 -37.12 5.40 1.73
C GLU G 31 -35.86 4.57 1.93
N ILE G 32 -35.59 4.10 3.14
CA ILE G 32 -34.38 3.33 3.41
C ILE G 32 -34.58 1.83 3.28
N LYS G 33 -35.83 1.35 3.22
CA LYS G 33 -36.07 -0.07 3.00
C LYS G 33 -35.56 -0.53 1.64
N GLU G 34 -35.46 0.38 0.67
CA GLU G 34 -34.90 0.04 -0.63
C GLU G 34 -33.38 0.12 -0.67
N VAL G 35 -32.77 0.81 0.29
CA VAL G 35 -31.31 0.85 0.38
C VAL G 35 -30.78 -0.31 1.19
N ILE G 36 -31.41 -0.61 2.32
CA ILE G 36 -30.96 -1.65 3.23
C ILE G 36 -31.75 -2.94 3.05
N GLU G 37 -33.07 -2.84 2.98
CA GLU G 37 -33.94 -4.02 2.92
C GLU G 37 -34.04 -4.62 1.52
N LEU G 38 -33.33 -4.07 0.54
CA LEU G 38 -33.42 -4.61 -0.82
C LEU G 38 -32.75 -5.97 -0.94
N PRO G 39 -31.51 -6.17 -0.47
CA PRO G 39 -30.91 -7.51 -0.53
C PRO G 39 -31.39 -8.47 0.54
N VAL G 40 -32.48 -8.15 1.25
CA VAL G 40 -32.94 -8.97 2.36
C VAL G 40 -34.05 -9.90 1.90
N LYS G 41 -35.14 -9.32 1.37
CA LYS G 41 -36.32 -10.09 1.02
C LYS G 41 -36.68 -10.05 -0.46
N HIS G 42 -36.04 -9.21 -1.26
CA HIS G 42 -36.32 -9.12 -2.69
C HIS G 42 -35.05 -8.80 -3.45
N PRO G 43 -34.17 -9.79 -3.64
CA PRO G 43 -32.94 -9.59 -4.41
C PRO G 43 -33.06 -9.90 -5.90
N GLU G 44 -34.25 -10.24 -6.39
CA GLU G 44 -34.42 -10.65 -7.78
C GLU G 44 -34.45 -9.47 -8.75
N LEU G 45 -34.49 -8.24 -8.26
CA LEU G 45 -34.55 -7.06 -9.12
C LEU G 45 -33.20 -6.69 -9.71
N PHE G 46 -32.18 -7.54 -9.56
CA PHE G 46 -30.86 -7.22 -10.09
C PHE G 46 -30.84 -7.22 -11.61
N GLU G 47 -31.70 -8.04 -12.24
CA GLU G 47 -31.75 -8.10 -13.69
C GLU G 47 -32.60 -6.97 -14.26
N ALA G 48 -33.83 -6.81 -13.76
CA ALA G 48 -34.75 -5.83 -14.29
C ALA G 48 -34.40 -4.40 -13.87
N LEU G 49 -33.57 -4.24 -12.84
CA LEU G 49 -33.20 -2.91 -12.34
C LEU G 49 -31.72 -2.62 -12.51
N GLY G 50 -30.85 -3.54 -12.11
CA GLY G 50 -29.42 -3.33 -12.24
C GLY G 50 -28.84 -2.47 -11.14
N ILE G 51 -29.05 -2.87 -9.89
CA ILE G 51 -28.56 -2.13 -8.74
C ILE G 51 -27.33 -2.83 -8.18
N ALA G 52 -26.52 -2.08 -7.46
CA ALA G 52 -25.31 -2.61 -6.84
C ALA G 52 -25.28 -2.28 -5.35
N GLN G 53 -24.15 -2.56 -4.70
CA GLN G 53 -24.02 -2.28 -3.28
C GLN G 53 -23.38 -0.91 -3.08
N PRO G 54 -24.13 0.08 -2.59
CA PRO G 54 -23.53 1.41 -2.39
C PRO G 54 -22.64 1.46 -1.16
N LYS G 55 -22.13 2.64 -0.84
CA LYS G 55 -21.27 2.80 0.33
C LYS G 55 -22.08 2.72 1.63
N GLY G 56 -23.15 3.48 1.71
CA GLY G 56 -23.98 3.46 2.91
C GLY G 56 -24.95 4.62 2.95
N VAL G 57 -25.15 5.16 4.15
CA VAL G 57 -26.03 6.30 4.35
C VAL G 57 -25.65 6.95 5.67
N LEU G 58 -25.96 8.24 5.81
CA LEU G 58 -25.62 8.97 7.02
C LEU G 58 -26.67 10.05 7.25
N LEU G 59 -26.75 10.52 8.48
CA LEU G 59 -27.73 11.52 8.90
C LEU G 59 -26.97 12.64 9.61
N TYR G 60 -26.79 13.77 8.92
CA TYR G 60 -26.07 14.90 9.48
C TYR G 60 -27.06 15.88 10.12
N GLY G 61 -26.60 16.51 11.21
CA GLY G 61 -27.41 17.47 11.93
C GLY G 61 -27.32 17.29 13.42
N PRO G 62 -28.36 17.71 14.14
CA PRO G 62 -28.36 17.56 15.60
C PRO G 62 -28.60 16.11 16.00
N PRO G 63 -28.24 15.73 17.22
CA PRO G 63 -28.54 14.36 17.68
C PRO G 63 -30.05 14.17 17.84
N GLY G 64 -30.56 13.12 17.19
CA GLY G 64 -31.99 12.90 17.15
C GLY G 64 -32.51 11.98 18.24
N THR G 65 -31.70 11.72 19.26
CA THR G 65 -32.09 10.94 20.44
C THR G 65 -32.62 9.56 20.02
N GLY G 66 -31.70 8.76 19.50
CA GLY G 66 -32.06 7.50 18.89
C GLY G 66 -31.32 7.24 17.59
N LYS G 67 -30.27 8.04 17.35
CA LYS G 67 -29.45 7.86 16.16
C LYS G 67 -28.91 6.44 16.03
N THR G 68 -28.76 5.74 17.16
CA THR G 68 -28.33 4.35 17.16
C THR G 68 -29.48 3.37 17.27
N LEU G 69 -30.59 3.78 17.89
CA LEU G 69 -31.75 2.89 18.01
C LEU G 69 -32.34 2.56 16.64
N LEU G 70 -32.13 3.41 15.64
CA LEU G 70 -32.61 3.12 14.30
C LEU G 70 -31.75 2.05 13.62
N ALA G 71 -30.44 2.15 13.76
CA ALA G 71 -29.55 1.14 13.19
C ALA G 71 -29.72 -0.19 13.90
N ARG G 72 -29.86 -0.18 15.22
CA ARG G 72 -30.13 -1.41 15.96
C ARG G 72 -31.55 -1.91 15.75
N ALA G 73 -32.45 -1.04 15.28
CA ALA G 73 -33.82 -1.44 14.99
C ALA G 73 -33.89 -2.16 13.65
N VAL G 74 -33.36 -1.54 12.59
CA VAL G 74 -33.32 -2.18 11.28
C VAL G 74 -32.45 -3.43 11.33
N ALA G 75 -31.35 -3.37 12.08
CA ALA G 75 -30.52 -4.54 12.27
C ALA G 75 -31.21 -5.60 13.10
N HIS G 76 -32.09 -5.19 14.03
CA HIS G 76 -32.81 -6.16 14.84
C HIS G 76 -33.92 -6.84 14.06
N HIS G 77 -34.51 -6.14 13.09
CA HIS G 77 -35.53 -6.73 12.24
C HIS G 77 -34.94 -7.51 11.06
N THR G 78 -33.71 -7.18 10.65
CA THR G 78 -33.03 -7.94 9.62
C THR G 78 -32.49 -9.27 10.14
N ASP G 79 -32.48 -9.46 11.46
CA ASP G 79 -31.93 -10.68 12.09
C ASP G 79 -30.45 -10.84 11.76
N CYS G 80 -29.70 -9.76 11.93
CA CYS G 80 -28.27 -9.73 11.69
C CYS G 80 -27.53 -9.25 12.94
N THR G 81 -26.22 -9.45 12.95
CA THR G 81 -25.40 -9.02 14.06
C THR G 81 -25.01 -7.55 13.92
N PHE G 82 -24.66 -6.95 15.06
CA PHE G 82 -24.24 -5.55 15.11
C PHE G 82 -22.81 -5.51 15.64
N ILE G 83 -21.85 -5.25 14.75
CA ILE G 83 -20.44 -5.22 15.08
C ILE G 83 -19.91 -3.83 14.74
N ARG G 84 -19.63 -3.03 15.76
CA ARG G 84 -19.09 -1.70 15.56
C ARG G 84 -17.57 -1.77 15.41
N VAL G 85 -16.98 -0.64 15.01
CA VAL G 85 -15.55 -0.56 14.74
C VAL G 85 -14.81 -0.10 15.98
N SER G 86 -15.23 1.03 16.55
CA SER G 86 -14.51 1.62 17.68
C SER G 86 -14.63 0.79 18.95
N GLY G 87 -15.66 -0.05 19.06
CA GLY G 87 -15.81 -0.90 20.23
C GLY G 87 -16.10 -0.12 21.50
N SER G 88 -17.26 0.52 21.56
CA SER G 88 -17.59 1.36 22.71
C SER G 88 -17.90 0.53 23.95
N GLU G 89 -18.49 -0.65 23.78
CA GLU G 89 -18.91 -1.49 24.91
C GLU G 89 -18.32 -2.89 24.76
N LEU G 90 -17.07 -3.05 25.20
CA LEU G 90 -16.39 -4.35 25.32
C LEU G 90 -16.36 -5.11 23.99
N VAL G 91 -16.42 -4.40 22.88
CA VAL G 91 -16.39 -5.04 21.56
C VAL G 91 -15.27 -4.42 20.72
N GLN G 92 -14.22 -3.94 21.39
CA GLN G 92 -13.09 -3.31 20.70
C GLN G 92 -11.97 -4.31 20.39
N LYS G 93 -11.61 -5.14 21.37
CA LYS G 93 -10.57 -6.15 21.17
C LYS G 93 -11.14 -7.57 21.13
N PHE G 94 -12.45 -7.72 21.36
CA PHE G 94 -13.06 -9.06 21.29
C PHE G 94 -12.94 -9.66 19.90
N ILE G 95 -12.94 -8.83 18.86
CA ILE G 95 -12.78 -9.28 17.49
C ILE G 95 -11.45 -8.70 16.99
N GLY G 96 -10.42 -9.54 16.97
CA GLY G 96 -9.10 -9.10 16.55
C GLY G 96 -8.00 -9.55 17.50
N ARG G 100 -2.78 -6.93 12.69
CA ARG G 100 -2.83 -5.51 12.37
C ARG G 100 -4.23 -4.96 12.72
N MET G 101 -5.08 -5.83 13.26
CA MET G 101 -6.42 -5.49 13.71
C MET G 101 -7.30 -4.96 12.57
N VAL G 102 -7.00 -5.33 11.34
CA VAL G 102 -7.79 -4.87 10.20
C VAL G 102 -8.37 -6.01 9.39
N ARG G 103 -7.83 -7.23 9.47
CA ARG G 103 -8.34 -8.35 8.70
C ARG G 103 -9.38 -9.17 9.44
N GLU G 104 -9.33 -9.19 10.77
CA GLU G 104 -10.28 -9.99 11.54
C GLU G 104 -11.71 -9.50 11.35
N LEU G 105 -11.89 -8.19 11.19
CA LEU G 105 -13.23 -7.66 10.93
C LEU G 105 -13.75 -8.11 9.57
N PHE G 106 -12.86 -8.25 8.58
CA PHE G 106 -13.27 -8.71 7.27
C PHE G 106 -13.50 -10.22 7.25
N VAL G 107 -12.81 -10.96 8.11
CA VAL G 107 -13.06 -12.40 8.22
C VAL G 107 -14.37 -12.66 8.93
N MET G 108 -14.64 -11.94 10.02
CA MET G 108 -15.93 -12.06 10.68
C MET G 108 -17.06 -11.52 9.81
N ALA G 109 -16.75 -10.57 8.93
CA ALA G 109 -17.74 -10.12 7.96
C ALA G 109 -17.96 -11.16 6.87
N ARG G 110 -16.94 -11.94 6.54
CA ARG G 110 -17.09 -13.02 5.58
C ARG G 110 -17.91 -14.16 6.16
N GLU G 111 -17.67 -14.51 7.42
CA GLU G 111 -18.42 -15.60 8.05
C GLU G 111 -19.85 -15.17 8.34
N HIS G 112 -20.04 -13.94 8.83
CA HIS G 112 -21.37 -13.40 9.12
C HIS G 112 -21.73 -12.43 7.99
N ALA G 113 -22.39 -12.96 6.96
CA ALA G 113 -22.74 -12.13 5.81
C ALA G 113 -23.74 -11.03 6.18
N PRO G 114 -24.84 -11.29 6.90
CA PRO G 114 -25.72 -10.18 7.30
C PRO G 114 -25.14 -9.46 8.52
N SER G 115 -24.81 -8.18 8.33
CA SER G 115 -24.23 -7.39 9.40
C SER G 115 -24.41 -5.91 9.09
N ILE G 116 -24.54 -5.10 10.13
CA ILE G 116 -24.68 -3.66 10.02
C ILE G 116 -23.60 -3.01 10.88
N ILE G 117 -22.82 -2.13 10.26
CA ILE G 117 -21.71 -1.46 10.93
C ILE G 117 -22.12 -0.01 11.20
N PHE G 118 -21.95 0.42 12.44
CA PHE G 118 -22.29 1.78 12.84
C PHE G 118 -21.37 2.20 13.98
N MET G 119 -20.62 3.28 13.77
CA MET G 119 -19.71 3.78 14.80
C MET G 119 -20.46 4.73 15.73
N ASP G 120 -20.33 4.49 17.03
CA ASP G 120 -20.98 5.30 18.05
C ASP G 120 -20.00 6.06 18.93
N GLU G 121 -18.86 5.46 19.27
CA GLU G 121 -17.89 6.12 20.13
C GLU G 121 -17.22 7.30 19.43
N ILE G 122 -17.05 7.22 18.11
CA ILE G 122 -16.40 8.30 17.37
C ILE G 122 -17.30 9.51 17.18
N ASP G 123 -18.60 9.35 17.37
CA ASP G 123 -19.53 10.47 17.21
C ASP G 123 -19.51 11.37 18.45
N ARG G 129 -7.61 16.95 21.25
CA ARG G 129 -6.18 17.15 21.44
C ARG G 129 -5.52 17.67 20.17
N LEU G 130 -5.96 17.14 19.02
CA LEU G 130 -5.49 17.48 17.68
C LEU G 130 -4.06 17.00 17.44
N GLU G 131 -3.40 16.40 18.43
CA GLU G 131 -2.03 15.90 18.27
C GLU G 131 -1.95 14.39 18.43
N GLY G 132 -2.55 13.84 19.49
CA GLY G 132 -2.57 12.41 19.69
C GLY G 132 -3.93 11.81 19.41
N GLY G 133 -4.98 12.53 19.81
CA GLY G 133 -6.34 12.06 19.52
C GLY G 133 -6.62 11.99 18.03
N SER G 134 -6.10 12.95 17.27
CA SER G 134 -6.17 12.87 15.82
C SER G 134 -5.12 11.96 15.23
N GLY G 135 -4.17 11.49 16.04
CA GLY G 135 -3.18 10.53 15.59
C GLY G 135 -3.75 9.12 15.60
N GLY G 136 -4.22 8.68 16.77
CA GLY G 136 -4.90 7.39 16.82
C GLY G 136 -6.23 7.42 16.10
N ASP G 137 -6.96 8.54 16.20
CA ASP G 137 -8.19 8.68 15.44
C ASP G 137 -7.91 8.75 13.94
N SER G 138 -6.77 9.30 13.56
CA SER G 138 -6.35 9.24 12.16
C SER G 138 -5.93 7.83 11.75
N GLU G 139 -5.47 7.02 12.70
CA GLU G 139 -5.21 5.62 12.40
C GLU G 139 -6.50 4.84 12.21
N VAL G 140 -7.55 5.20 12.96
CA VAL G 140 -8.84 4.56 12.75
C VAL G 140 -9.45 5.03 11.43
N GLN G 141 -9.28 6.31 11.10
CA GLN G 141 -9.77 6.82 9.82
C GLN G 141 -9.05 6.16 8.65
N ARG G 142 -7.74 5.97 8.79
CA ARG G 142 -7.01 5.24 7.76
C ARG G 142 -7.43 3.78 7.70
N THR G 143 -7.79 3.20 8.86
CA THR G 143 -8.29 1.83 8.88
C THR G 143 -9.57 1.69 8.08
N MET G 144 -10.54 2.57 8.33
CA MET G 144 -11.79 2.50 7.59
C MET G 144 -11.62 2.95 6.14
N LEU G 145 -10.58 3.76 5.85
CA LEU G 145 -10.33 4.14 4.46
C LEU G 145 -9.77 2.96 3.67
N GLU G 146 -8.80 2.22 4.24
CA GLU G 146 -8.30 1.04 3.56
C GLU G 146 -9.32 -0.09 3.56
N LEU G 147 -10.23 -0.13 4.53
CA LEU G 147 -11.33 -1.08 4.46
C LEU G 147 -12.30 -0.71 3.35
N LEU G 148 -12.53 0.58 3.13
CA LEU G 148 -13.32 1.01 1.99
C LEU G 148 -12.59 0.79 0.67
N ASN G 149 -11.25 0.70 0.71
CA ASN G 149 -10.50 0.38 -0.50
C ASN G 149 -10.57 -1.10 -0.81
N GLN G 150 -10.52 -1.95 0.22
CA GLN G 150 -10.66 -3.39 0.00
C GLN G 150 -12.08 -3.73 -0.43
N LEU G 151 -13.07 -3.21 0.27
CA LEU G 151 -14.47 -3.44 -0.11
C LEU G 151 -14.82 -2.74 -1.41
N ASP G 152 -14.12 -1.67 -1.76
CA ASP G 152 -14.36 -1.00 -3.04
C ASP G 152 -13.70 -1.75 -4.20
N GLY G 153 -12.60 -2.45 -3.95
CA GLY G 153 -11.94 -3.21 -4.97
C GLY G 153 -12.57 -4.57 -5.19
N PHE G 154 -12.62 -5.38 -4.14
CA PHE G 154 -13.22 -6.71 -4.18
C PHE G 154 -14.37 -6.78 -3.19
N GLU G 155 -14.96 -7.98 -3.08
CA GLU G 155 -16.08 -8.19 -2.16
C GLU G 155 -16.17 -9.67 -1.85
N ALA G 156 -16.26 -10.00 -0.56
CA ALA G 156 -16.39 -11.39 -0.14
C ALA G 156 -17.85 -11.85 -0.19
N THR G 157 -18.72 -11.13 0.50
CA THR G 157 -20.13 -11.48 0.56
C THR G 157 -20.96 -10.20 0.59
N LYS G 158 -22.27 -10.35 0.39
CA LYS G 158 -23.18 -9.22 0.36
C LYS G 158 -23.60 -8.85 1.79
N ASN G 159 -24.54 -7.89 1.88
CA ASN G 159 -25.09 -7.43 3.14
C ASN G 159 -24.01 -6.88 4.07
N ILE G 160 -23.02 -6.19 3.48
CA ILE G 160 -21.94 -5.55 4.22
C ILE G 160 -22.01 -4.07 3.91
N LYS G 161 -22.60 -3.29 4.82
CA LYS G 161 -22.79 -1.86 4.63
C LYS G 161 -22.35 -1.12 5.88
N VAL G 162 -21.76 0.06 5.68
CA VAL G 162 -21.29 0.90 6.78
C VAL G 162 -22.16 2.15 6.85
N ILE G 163 -22.39 2.63 8.07
CA ILE G 163 -23.22 3.81 8.31
C ILE G 163 -22.41 4.81 9.12
N MET G 164 -22.36 6.05 8.65
CA MET G 164 -21.64 7.11 9.34
C MET G 164 -22.54 7.80 10.36
N ALA G 165 -21.92 8.55 11.27
CA ALA G 165 -22.62 9.28 12.31
C ALA G 165 -22.07 10.70 12.37
N THR G 166 -22.91 11.67 11.98
CA THR G 166 -22.56 13.09 12.02
C THR G 166 -23.62 13.79 12.86
N ASN G 167 -23.39 13.86 14.17
CA ASN G 167 -24.36 14.47 15.07
C ASN G 167 -23.68 15.45 16.02
N ARG G 168 -22.38 15.25 16.27
CA ARG G 168 -21.62 16.09 17.16
C ARG G 168 -20.89 17.19 16.36
N ILE G 169 -20.10 17.99 17.05
CA ILE G 169 -19.40 19.09 16.40
C ILE G 169 -18.05 18.63 15.83
N ASP G 170 -17.38 17.68 16.48
CA ASP G 170 -16.06 17.22 16.06
C ASP G 170 -16.11 16.27 14.88
N ILE G 171 -17.26 16.13 14.23
CA ILE G 171 -17.40 15.25 13.06
C ILE G 171 -17.24 16.13 11.82
N LEU G 172 -16.07 16.10 11.21
CA LEU G 172 -15.79 16.91 10.04
C LEU G 172 -15.29 16.04 8.88
N ASP G 173 -14.66 14.90 9.21
CA ASP G 173 -14.13 14.03 8.16
C ASP G 173 -15.26 13.29 7.43
N SER G 174 -16.28 12.84 8.18
CA SER G 174 -17.39 12.12 7.54
C SER G 174 -18.28 13.08 6.76
N ALA G 175 -18.50 14.29 7.28
CA ALA G 175 -19.32 15.26 6.57
C ALA G 175 -18.59 15.88 5.40
N LEU G 176 -17.26 15.97 5.47
CA LEU G 176 -16.49 16.58 4.39
C LEU G 176 -16.20 15.58 3.28
N LEU G 177 -15.89 14.33 3.64
CA LEU G 177 -15.56 13.31 2.65
C LEU G 177 -16.79 12.69 2.00
N ARG G 178 -18.00 12.98 2.49
CA ARG G 178 -19.24 12.46 1.93
C ARG G 178 -20.14 13.64 1.61
N PRO G 179 -19.96 14.27 0.44
CA PRO G 179 -20.80 15.42 0.09
C PRO G 179 -22.12 15.00 -0.56
N GLY G 180 -22.17 13.77 -1.06
CA GLY G 180 -23.37 13.27 -1.71
C GLY G 180 -23.17 13.03 -3.19
N ARG G 181 -21.95 12.72 -3.59
CA ARG G 181 -21.62 12.47 -5.00
C ARG G 181 -21.73 10.99 -5.35
N ILE G 182 -21.20 10.12 -4.50
CA ILE G 182 -21.24 8.69 -4.73
C ILE G 182 -21.84 7.99 -3.52
N ASP G 183 -22.52 8.75 -2.67
CA ASP G 183 -23.13 8.22 -1.47
C ASP G 183 -24.51 8.84 -1.31
N ARG G 184 -25.21 8.45 -0.25
CA ARG G 184 -26.55 8.95 0.04
C ARG G 184 -26.50 10.03 1.10
N LYS G 185 -27.35 11.03 0.96
CA LYS G 185 -27.41 12.15 1.89
C LYS G 185 -28.86 12.47 2.21
N ILE G 186 -29.13 12.76 3.48
CA ILE G 186 -30.46 13.10 3.96
C ILE G 186 -30.38 14.35 4.81
N GLU G 187 -31.14 15.37 4.44
CA GLU G 187 -31.22 16.60 5.23
C GLU G 187 -31.98 16.32 6.52
N PHE G 188 -31.30 16.45 7.66
CA PHE G 188 -31.87 15.96 8.91
C PHE G 188 -31.73 16.90 10.11
N PRO G 189 -32.21 18.13 9.92
CA PRO G 189 -32.33 19.14 10.98
C PRO G 189 -33.74 18.96 11.60
N PRO G 190 -34.78 18.94 10.77
CA PRO G 190 -36.18 18.73 11.19
C PRO G 190 -36.69 17.36 10.81
N PRO G 191 -36.35 16.29 11.55
CA PRO G 191 -36.64 14.94 11.05
C PRO G 191 -38.13 14.71 10.77
N ASN G 192 -38.95 14.74 11.81
CA ASN G 192 -40.40 14.82 11.61
C ASN G 192 -41.10 15.63 12.71
N GLU G 193 -40.34 16.22 13.64
CA GLU G 193 -40.82 16.81 14.90
C GLU G 193 -41.22 15.71 15.88
N GLU G 194 -41.25 14.46 15.39
CA GLU G 194 -41.44 13.32 16.28
C GLU G 194 -40.14 12.90 16.96
N ALA G 195 -38.99 13.24 16.37
CA ALA G 195 -37.74 13.09 17.10
C ALA G 195 -37.74 13.94 18.37
N ARG G 196 -38.61 14.96 18.41
CA ARG G 196 -38.84 15.74 19.62
C ARG G 196 -40.06 15.25 20.40
N LEU G 197 -41.09 14.75 19.72
CA LEU G 197 -42.34 14.38 20.38
C LEU G 197 -42.46 12.90 20.71
N ASP G 198 -42.54 12.04 19.69
CA ASP G 198 -42.97 10.66 19.94
C ASP G 198 -41.85 9.78 20.46
N ILE G 199 -40.59 10.06 20.12
CA ILE G 199 -39.49 9.34 20.74
C ILE G 199 -39.24 9.85 22.15
N LEU G 200 -39.70 11.07 22.47
CA LEU G 200 -39.76 11.49 23.87
C LEU G 200 -40.84 10.74 24.61
N LYS G 201 -41.97 10.46 23.93
CA LYS G 201 -42.98 9.59 24.53
C LYS G 201 -42.43 8.17 24.75
N ILE G 202 -41.64 7.67 23.80
CA ILE G 202 -41.03 6.36 23.96
C ILE G 202 -40.04 6.36 25.12
N HIS G 203 -39.22 7.41 25.22
CA HIS G 203 -38.33 7.54 26.37
C HIS G 203 -39.10 7.74 27.67
N SER G 204 -40.38 8.14 27.58
CA SER G 204 -41.24 8.20 28.76
C SER G 204 -41.93 6.88 29.05
N ARG G 205 -41.96 5.96 28.09
CA ARG G 205 -42.56 4.64 28.32
C ARG G 205 -41.65 3.74 29.13
N LYS G 206 -40.33 3.86 28.93
CA LYS G 206 -39.39 3.02 29.67
C LYS G 206 -39.42 3.36 31.17
N MET G 207 -39.21 4.62 31.51
CA MET G 207 -39.27 5.04 32.90
C MET G 207 -40.72 5.05 33.39
N ASN G 208 -40.86 5.07 34.71
CA ASN G 208 -42.18 5.06 35.33
C ASN G 208 -42.91 6.36 35.00
N LEU G 209 -43.96 6.26 34.20
CA LEU G 209 -44.73 7.42 33.75
C LEU G 209 -46.13 7.38 34.36
N THR G 210 -46.62 8.56 34.73
CA THR G 210 -47.97 8.68 35.28
C THR G 210 -48.98 8.65 34.14
N ARG G 211 -50.25 8.93 34.47
CA ARG G 211 -51.32 8.93 33.48
C ARG G 211 -51.90 10.31 33.22
N GLY G 212 -51.53 11.33 34.01
CA GLY G 212 -52.04 12.66 33.81
C GLY G 212 -51.01 13.62 33.25
N ILE G 213 -50.14 13.13 32.37
CA ILE G 213 -49.09 13.93 31.76
C ILE G 213 -49.50 14.27 30.33
N ASN G 214 -49.07 15.44 29.87
CA ASN G 214 -49.36 15.92 28.52
C ASN G 214 -48.02 16.28 27.86
N LEU G 215 -47.39 15.29 27.21
CA LEU G 215 -46.12 15.51 26.55
C LEU G 215 -46.23 16.31 25.25
N ARG G 216 -47.46 16.63 24.81
CA ARG G 216 -47.63 17.32 23.54
C ARG G 216 -47.13 18.75 23.62
N LYS G 217 -47.59 19.51 24.62
CA LYS G 217 -47.20 20.90 24.72
C LYS G 217 -45.74 21.04 25.17
N ILE G 218 -45.33 20.25 26.16
CA ILE G 218 -43.96 20.32 26.65
C ILE G 218 -42.99 19.76 25.62
N ALA G 219 -43.47 18.96 24.68
CA ALA G 219 -42.62 18.44 23.61
C ALA G 219 -42.60 19.33 22.37
N GLU G 220 -43.66 20.13 22.17
CA GLU G 220 -43.73 21.04 21.03
C GLU G 220 -43.22 22.43 21.36
N LEU G 221 -43.04 22.76 22.64
CA LEU G 221 -42.59 24.08 23.06
C LEU G 221 -41.09 24.13 23.36
N MET G 222 -40.29 23.37 22.61
CA MET G 222 -38.83 23.38 22.75
C MET G 222 -38.17 23.59 21.40
N PRO G 223 -38.35 24.75 20.77
CA PRO G 223 -37.78 24.99 19.46
C PRO G 223 -36.39 25.62 19.54
N GLY G 224 -35.75 25.72 18.38
CA GLY G 224 -34.51 26.47 18.25
C GLY G 224 -33.21 25.88 18.77
N ALA G 225 -33.20 25.40 20.01
CA ALA G 225 -31.97 25.00 20.67
C ALA G 225 -31.25 23.86 19.95
N SER G 226 -31.87 22.70 19.88
CA SER G 226 -31.29 21.52 19.26
C SER G 226 -32.37 20.45 19.14
N GLY G 227 -31.98 19.26 18.69
CA GLY G 227 -32.88 18.13 18.62
C GLY G 227 -32.72 17.19 19.80
N ALA G 228 -31.68 17.42 20.60
CA ALA G 228 -31.40 16.62 21.78
C ALA G 228 -32.28 16.96 22.97
N GLU G 229 -33.42 17.64 22.75
CA GLU G 229 -34.29 18.02 23.85
C GLU G 229 -34.82 16.81 24.60
N VAL G 230 -34.94 15.65 23.94
CA VAL G 230 -35.42 14.45 24.59
C VAL G 230 -34.45 14.01 25.69
N LYS G 231 -33.20 13.75 25.30
CA LYS G 231 -32.20 13.29 26.25
C LYS G 231 -31.86 14.38 27.27
N GLY G 232 -31.90 15.65 26.84
CA GLY G 232 -31.61 16.72 27.77
C GLY G 232 -32.68 16.90 28.82
N VAL G 233 -33.95 16.78 28.43
CA VAL G 233 -35.03 16.93 29.39
C VAL G 233 -35.17 15.69 30.26
N CYS G 234 -34.90 14.50 29.73
CA CYS G 234 -34.96 13.29 30.55
C CYS G 234 -33.80 13.23 31.53
N THR G 235 -32.56 13.30 31.02
CA THR G 235 -31.40 13.19 31.88
C THR G 235 -31.27 14.39 32.82
N GLU G 236 -31.58 15.59 32.34
CA GLU G 236 -31.53 16.76 33.19
C GLU G 236 -32.74 16.88 34.10
N ALA G 237 -33.83 16.15 33.80
CA ALA G 237 -34.96 16.08 34.70
C ALA G 237 -34.79 15.02 35.78
N GLY G 238 -33.94 14.02 35.53
CA GLY G 238 -33.64 13.03 36.54
C GLY G 238 -32.95 13.58 37.77
N MET G 239 -32.38 14.78 37.67
CA MET G 239 -31.77 15.42 38.83
C MET G 239 -32.80 16.05 39.75
N TYR G 240 -33.94 16.48 39.19
CA TYR G 240 -35.03 17.00 40.01
C TYR G 240 -35.98 15.91 40.46
N ALA G 241 -36.17 14.87 39.64
CA ALA G 241 -36.85 13.67 40.13
C ALA G 241 -35.98 12.94 41.15
N LEU G 242 -34.67 13.16 41.12
CA LEU G 242 -33.77 12.66 42.16
C LEU G 242 -33.70 13.59 43.36
N ARG G 243 -34.01 14.87 43.17
CA ARG G 243 -34.00 15.81 44.29
C ARG G 243 -35.28 15.70 45.11
N GLU G 244 -36.44 15.76 44.46
CA GLU G 244 -37.71 15.64 45.16
C GLU G 244 -38.06 14.20 45.50
N ARG G 245 -37.41 13.23 44.85
CA ARG G 245 -37.63 11.80 45.12
C ARG G 245 -39.08 11.40 44.87
N ARG G 246 -39.69 11.98 43.84
CA ARG G 246 -41.06 11.64 43.48
C ARG G 246 -41.10 10.26 42.82
N VAL G 247 -42.07 9.44 43.25
CA VAL G 247 -42.20 8.10 42.68
C VAL G 247 -42.64 8.16 41.21
N HIS G 248 -43.32 9.23 40.80
CA HIS G 248 -43.77 9.40 39.43
C HIS G 248 -43.29 10.74 38.90
N VAL G 249 -42.88 10.75 37.63
CA VAL G 249 -42.38 11.96 36.99
C VAL G 249 -43.56 12.83 36.57
N THR G 250 -43.56 14.08 37.03
CA THR G 250 -44.61 15.02 36.68
C THR G 250 -44.21 15.89 35.50
N GLN G 251 -45.19 16.63 34.96
CA GLN G 251 -44.91 17.52 33.84
C GLN G 251 -44.10 18.73 34.28
N GLU G 252 -44.23 19.14 35.53
CA GLU G 252 -43.47 20.29 36.03
C GLU G 252 -41.98 20.00 36.04
N ASP G 253 -41.60 18.73 36.24
CA ASP G 253 -40.19 18.36 36.19
C ASP G 253 -39.62 18.60 34.80
N PHE G 254 -40.33 18.16 33.76
CA PHE G 254 -39.90 18.42 32.40
C PHE G 254 -39.92 19.92 32.10
N GLU G 255 -40.89 20.63 32.67
CA GLU G 255 -40.97 22.08 32.47
C GLU G 255 -39.73 22.77 33.03
N MET G 256 -39.25 22.31 34.19
CA MET G 256 -37.99 22.84 34.71
C MET G 256 -36.81 22.37 33.88
N ALA G 257 -36.88 21.16 33.33
CA ALA G 257 -35.77 20.65 32.52
C ALA G 257 -35.62 21.44 31.22
N VAL G 258 -36.71 22.01 30.70
CA VAL G 258 -36.62 22.86 29.52
C VAL G 258 -35.70 24.04 29.80
N ALA G 259 -35.90 24.70 30.94
CA ALA G 259 -35.02 25.80 31.32
C ALA G 259 -33.61 25.30 31.64
N LYS G 260 -33.50 24.13 32.29
CA LYS G 260 -32.20 23.60 32.65
C LYS G 260 -31.36 23.22 31.43
N VAL G 261 -32.01 22.97 30.28
CA VAL G 261 -31.26 22.71 29.06
C VAL G 261 -31.15 23.95 28.18
N MET G 262 -32.03 24.94 28.35
CA MET G 262 -31.93 26.19 27.61
C MET G 262 -30.98 27.19 28.25
N GLN G 263 -30.55 26.94 29.49
CA GLN G 263 -29.56 27.82 30.11
C GLN G 263 -28.18 27.66 29.48
N LYS G 264 -27.86 26.48 28.97
CA LYS G 264 -26.56 26.23 28.36
C LYS G 264 -26.47 26.76 26.93
N ASP G 265 -27.57 27.25 26.37
CA ASP G 265 -27.56 27.77 25.01
C ASP G 265 -26.88 29.13 24.94
N ARG H 1 -60.66 -0.43 -1.15
CA ARG H 1 -61.16 0.29 0.01
C ARG H 1 -61.65 -0.68 1.07
N ASP H 2 -62.52 -0.19 1.97
CA ASP H 2 -63.05 -1.03 3.03
C ASP H 2 -64.06 -2.01 2.46
N LYS H 3 -63.94 -3.28 2.88
CA LYS H 3 -64.82 -4.34 2.42
C LYS H 3 -66.01 -4.56 3.34
N ALA H 4 -66.26 -3.66 4.28
CA ALA H 4 -67.39 -3.83 5.19
C ALA H 4 -68.74 -3.76 4.48
N PRO H 5 -69.04 -2.78 3.63
CA PRO H 5 -70.37 -2.75 3.01
C PRO H 5 -70.56 -3.82 1.94
N VAL H 6 -69.53 -4.08 1.12
CA VAL H 6 -69.66 -4.99 -0.02
C VAL H 6 -69.22 -6.41 0.30
N GLN H 7 -68.80 -6.68 1.54
CA GLN H 7 -68.33 -8.02 1.90
C GLN H 7 -69.49 -9.00 2.08
N PRO H 8 -70.57 -8.65 2.79
CA PRO H 8 -71.70 -9.57 2.92
C PRO H 8 -72.64 -9.60 1.72
N GLN H 9 -72.24 -9.06 0.57
CA GLN H 9 -73.12 -9.04 -0.59
C GLN H 9 -73.16 -10.38 -1.30
N GLN H 10 -72.05 -11.13 -1.31
CA GLN H 10 -71.99 -12.41 -1.99
C GLN H 10 -72.56 -13.55 -1.17
N SER H 11 -72.84 -13.34 0.12
CA SER H 11 -73.35 -14.40 0.98
C SER H 11 -74.77 -14.80 0.62
N PRO H 12 -75.71 -13.87 0.39
CA PRO H 12 -77.05 -14.28 -0.03
C PRO H 12 -77.04 -14.90 -1.41
N ALA H 13 -77.65 -16.08 -1.53
CA ALA H 13 -77.73 -16.79 -2.80
C ALA H 13 -78.85 -16.27 -3.70
N ALA H 14 -79.44 -15.12 -3.36
CA ALA H 14 -80.50 -14.56 -4.18
C ALA H 14 -79.98 -14.18 -5.56
N ALA H 15 -80.80 -14.44 -6.58
CA ALA H 15 -80.41 -14.11 -7.95
C ALA H 15 -80.09 -12.63 -8.15
N PRO H 16 -80.84 -11.66 -7.60
CA PRO H 16 -80.42 -10.26 -7.77
C PRO H 16 -79.05 -9.97 -7.14
N GLY H 17 -78.78 -10.54 -5.97
CA GLY H 17 -77.48 -10.35 -5.35
C GLY H 17 -76.33 -10.85 -6.22
N GLY H 18 -76.59 -11.87 -7.03
CA GLY H 18 -75.59 -12.33 -7.99
C GLY H 18 -75.51 -11.44 -9.20
N THR H 19 -76.66 -11.02 -9.73
CA THR H 19 -76.70 -10.21 -10.94
C THR H 19 -76.28 -8.76 -10.70
N ASP H 20 -76.03 -8.37 -9.45
CA ASP H 20 -75.38 -7.09 -9.17
C ASP H 20 -74.07 -7.22 -8.42
N GLU H 21 -73.82 -8.36 -7.76
CA GLU H 21 -72.54 -8.58 -7.10
C GLU H 21 -71.48 -9.02 -8.10
N LYS H 22 -71.85 -9.83 -9.09
CA LYS H 22 -70.90 -10.31 -10.09
C LYS H 22 -70.44 -9.19 -11.02
N PRO H 23 -71.32 -8.31 -11.50
CA PRO H 23 -70.82 -7.17 -12.29
C PRO H 23 -69.88 -6.26 -11.52
N SER H 24 -69.99 -6.21 -10.19
CA SER H 24 -69.02 -5.45 -9.41
C SER H 24 -67.65 -6.10 -9.43
N GLY H 25 -67.61 -7.43 -9.33
CA GLY H 25 -66.35 -8.13 -9.46
C GLY H 25 -65.77 -8.04 -10.86
N LYS H 26 -66.63 -7.95 -11.87
CA LYS H 26 -66.15 -7.75 -13.23
C LYS H 26 -65.62 -6.33 -13.42
N GLU H 27 -66.21 -5.36 -12.73
CA GLU H 27 -65.69 -3.99 -12.79
C GLU H 27 -64.35 -3.88 -12.07
N ARG H 28 -64.22 -4.51 -10.90
CA ARG H 28 -62.98 -4.50 -10.15
C ARG H 28 -61.99 -5.56 -10.61
N ARG H 29 -62.31 -6.32 -11.65
CA ARG H 29 -61.42 -7.33 -12.19
C ARG H 29 -60.40 -6.76 -13.17
N ASP H 30 -60.44 -5.45 -13.44
CA ASP H 30 -59.49 -4.84 -14.36
C ASP H 30 -58.06 -5.02 -13.87
N ALA H 31 -57.82 -4.76 -12.58
CA ALA H 31 -56.53 -5.00 -11.95
C ALA H 31 -56.57 -6.22 -11.04
N GLY H 32 -57.50 -7.13 -11.30
CA GLY H 32 -57.68 -8.30 -10.46
C GLY H 32 -58.49 -8.00 -9.22
N ASP H 33 -57.86 -7.36 -8.24
CA ASP H 33 -58.52 -6.93 -7.01
C ASP H 33 -57.55 -6.01 -6.27
N LYS H 34 -58.00 -5.49 -5.12
CA LYS H 34 -57.12 -4.69 -4.28
C LYS H 34 -56.15 -5.55 -3.48
N ASP H 35 -56.42 -6.84 -3.35
CA ASP H 35 -55.60 -7.75 -2.56
C ASP H 35 -55.46 -9.06 -3.32
N LYS H 36 -55.00 -10.10 -2.61
CA LYS H 36 -54.77 -11.41 -3.21
C LYS H 36 -55.97 -12.35 -3.07
N GLU H 37 -57.18 -11.80 -3.01
CA GLU H 37 -58.42 -12.59 -2.89
C GLU H 37 -58.41 -13.44 -1.63
N GLN H 38 -58.39 -12.77 -0.48
CA GLN H 38 -58.43 -13.44 0.81
C GLN H 38 -59.83 -13.91 1.18
N GLU H 39 -60.84 -13.61 0.37
CA GLU H 39 -62.22 -13.97 0.65
C GLU H 39 -62.55 -15.42 0.34
N LEU H 40 -61.53 -16.27 0.16
CA LEU H 40 -61.78 -17.67 -0.16
C LEU H 40 -62.61 -18.35 0.93
N SER H 41 -62.38 -17.99 2.19
CA SER H 41 -63.13 -18.58 3.29
C SER H 41 -64.60 -18.17 3.27
N GLU H 42 -64.94 -17.09 2.57
CA GLU H 42 -66.32 -16.64 2.47
C GLU H 42 -66.95 -16.95 1.11
N GLU H 43 -66.16 -17.37 0.12
CA GLU H 43 -66.68 -17.77 -1.17
C GLU H 43 -66.58 -19.27 -1.40
N ASP H 44 -66.04 -20.03 -0.45
CA ASP H 44 -66.00 -21.47 -0.59
C ASP H 44 -67.38 -22.10 -0.53
N LYS H 45 -68.40 -21.36 -0.09
CA LYS H 45 -69.78 -21.83 -0.21
C LYS H 45 -70.33 -21.54 -1.59
N GLN H 46 -69.98 -20.38 -2.17
CA GLN H 46 -70.34 -20.08 -3.54
C GLN H 46 -69.57 -20.93 -4.55
N LEU H 47 -68.53 -21.63 -4.10
CA LEU H 47 -67.81 -22.56 -4.97
C LEU H 47 -68.76 -23.56 -5.62
N GLN H 48 -69.62 -24.18 -4.81
CA GLN H 48 -70.60 -25.13 -5.33
C GLN H 48 -71.92 -24.48 -5.72
N ASP H 49 -72.21 -23.29 -5.20
CA ASP H 49 -73.47 -22.60 -5.50
C ASP H 49 -73.38 -22.02 -6.91
N GLU H 50 -74.10 -22.64 -7.84
CA GLU H 50 -74.11 -22.18 -9.23
C GLU H 50 -74.81 -20.83 -9.37
N LEU H 65 -79.04 -19.02 -14.28
CA LEU H 65 -79.16 -18.61 -15.67
C LEU H 65 -77.86 -17.96 -16.17
N TYR H 66 -77.35 -17.01 -15.39
CA TYR H 66 -76.11 -16.31 -15.72
C TYR H 66 -74.91 -17.03 -15.08
N ARG H 67 -74.81 -18.32 -15.39
CA ARG H 67 -73.74 -19.16 -14.85
C ARG H 67 -72.34 -18.85 -15.37
N PRO H 68 -72.14 -18.36 -16.62
CA PRO H 68 -70.78 -18.06 -17.05
C PRO H 68 -70.11 -16.96 -16.26
N ALA H 69 -70.87 -16.08 -15.62
CA ALA H 69 -70.27 -15.04 -14.79
C ALA H 69 -69.82 -15.60 -13.45
N LEU H 70 -70.60 -16.51 -12.86
CA LEU H 70 -70.19 -17.15 -11.61
C LEU H 70 -69.01 -18.08 -11.84
N GLU H 71 -69.01 -18.80 -12.98
CA GLU H 71 -67.85 -19.62 -13.33
C GLU H 71 -66.64 -18.75 -13.65
N GLU H 72 -66.87 -17.56 -14.23
CA GLU H 72 -65.77 -16.67 -14.53
C GLU H 72 -65.13 -16.13 -13.25
N LEU H 73 -65.94 -15.69 -12.31
CA LEU H 73 -65.40 -15.25 -11.02
C LEU H 73 -64.78 -16.41 -10.25
N ARG H 74 -65.32 -17.62 -10.41
CA ARG H 74 -64.79 -18.76 -9.68
C ARG H 74 -63.41 -19.15 -10.21
N ARG H 75 -63.26 -19.24 -11.53
CA ARG H 75 -61.94 -19.46 -12.09
C ARG H 75 -61.02 -18.28 -11.88
N GLN H 76 -61.59 -17.08 -11.68
CA GLN H 76 -60.76 -15.91 -11.39
C GLN H 76 -60.15 -15.99 -10.00
N ILE H 77 -60.93 -16.43 -9.01
CA ILE H 77 -60.40 -16.50 -7.65
C ILE H 77 -59.54 -17.74 -7.45
N ARG H 78 -59.97 -18.88 -8.02
CA ARG H 78 -59.17 -20.10 -7.93
C ARG H 78 -57.85 -19.94 -8.68
N SER H 79 -57.90 -19.27 -9.84
CA SER H 79 -56.66 -18.89 -10.52
C SER H 79 -55.92 -17.79 -9.79
N SER H 80 -56.60 -17.06 -8.90
CA SER H 80 -55.98 -15.94 -8.21
C SER H 80 -55.11 -16.40 -7.04
N THR H 81 -55.69 -17.14 -6.10
CA THR H 81 -54.92 -17.50 -4.90
C THR H 81 -53.98 -18.67 -5.18
N THR H 82 -54.51 -19.85 -5.46
CA THR H 82 -53.72 -21.02 -5.79
C THR H 82 -54.60 -22.18 -6.24
N SER H 83 -54.08 -23.00 -7.17
CA SER H 83 -54.73 -24.23 -7.61
C SER H 83 -53.83 -24.95 -8.61
N MET H 84 -54.19 -26.18 -8.98
CA MET H 84 -53.44 -26.90 -10.00
C MET H 84 -54.30 -27.58 -11.06
N THR H 85 -55.57 -27.90 -10.78
CA THR H 85 -56.41 -28.56 -11.77
C THR H 85 -57.77 -27.90 -11.88
N SER H 86 -58.25 -27.28 -10.80
CA SER H 86 -59.60 -26.75 -10.75
C SER H 86 -59.77 -25.43 -11.49
N VAL H 87 -58.69 -24.85 -12.01
CA VAL H 87 -58.77 -23.54 -12.65
C VAL H 87 -59.36 -23.63 -14.06
N PRO H 88 -58.85 -24.48 -14.96
CA PRO H 88 -59.38 -24.47 -16.33
C PRO H 88 -60.72 -25.16 -16.52
N LYS H 89 -61.26 -25.80 -15.49
CA LYS H 89 -62.54 -26.49 -15.60
C LYS H 89 -63.68 -25.50 -15.82
N PRO H 90 -63.76 -24.39 -15.07
CA PRO H 90 -64.76 -23.36 -15.41
C PRO H 90 -64.56 -22.75 -16.78
N LEU H 91 -63.37 -22.88 -17.38
CA LEU H 91 -63.16 -22.39 -18.73
C LEU H 91 -63.69 -23.37 -19.77
N LYS H 92 -63.37 -24.66 -19.60
CA LYS H 92 -63.85 -25.66 -20.55
C LYS H 92 -65.36 -25.87 -20.43
N PHE H 93 -65.92 -25.61 -19.25
CA PHE H 93 -67.37 -25.68 -19.07
C PHE H 93 -68.06 -24.35 -19.29
N LEU H 94 -67.31 -23.24 -19.26
CA LEU H 94 -67.93 -21.92 -19.31
C LEU H 94 -68.44 -21.56 -20.70
N ARG H 95 -67.83 -22.11 -21.75
CA ARG H 95 -68.04 -21.65 -23.12
C ARG H 95 -67.77 -20.15 -23.17
N PRO H 96 -66.49 -19.75 -23.16
CA PRO H 96 -66.14 -18.33 -23.01
C PRO H 96 -66.92 -17.41 -23.94
N HIS H 97 -67.46 -16.34 -23.36
CA HIS H 97 -68.25 -15.37 -24.10
C HIS H 97 -67.91 -13.99 -23.53
N TYR H 98 -68.71 -12.98 -23.87
CA TYR H 98 -68.52 -11.62 -23.40
C TYR H 98 -67.14 -11.07 -23.78
N ASN H 113 -54.51 -1.30 -26.05
CA ASN H 113 -54.10 -2.35 -25.10
C ASN H 113 -54.46 -1.94 -23.67
N LYS H 114 -55.53 -2.52 -23.16
CA LYS H 114 -55.98 -2.23 -21.80
C LYS H 114 -55.23 -3.14 -20.81
N ARG H 115 -55.64 -3.10 -19.55
CA ARG H 115 -55.04 -3.92 -18.51
C ARG H 115 -55.85 -5.20 -18.24
N PHE H 116 -57.16 -5.11 -18.34
CA PHE H 116 -58.03 -6.26 -18.03
C PHE H 116 -57.72 -7.43 -18.96
N ALA H 117 -57.93 -7.24 -20.27
CA ALA H 117 -57.72 -8.33 -21.22
C ALA H 117 -56.26 -8.75 -21.28
N ALA H 118 -55.34 -7.80 -21.08
CA ALA H 118 -53.91 -8.14 -21.10
C ALA H 118 -53.55 -9.04 -19.94
N ASP H 119 -54.16 -8.82 -18.77
CA ASP H 119 -53.90 -9.69 -17.63
C ASP H 119 -54.61 -11.03 -17.79
N ILE H 120 -55.95 -10.99 -17.88
CA ILE H 120 -56.74 -12.23 -17.87
C ILE H 120 -56.47 -13.09 -19.09
N ILE H 121 -55.93 -12.50 -20.17
CA ILE H 121 -55.54 -13.29 -21.33
C ILE H 121 -54.07 -13.67 -21.19
N SER H 122 -53.21 -12.67 -20.99
CA SER H 122 -51.77 -12.89 -21.04
C SER H 122 -51.31 -13.82 -19.92
N VAL H 123 -51.48 -13.41 -18.67
CA VAL H 123 -50.94 -14.19 -17.57
C VAL H 123 -51.92 -15.25 -17.09
N LEU H 124 -53.22 -14.93 -17.06
CA LEU H 124 -54.20 -15.91 -16.62
C LEU H 124 -54.46 -16.97 -17.69
N ALA H 125 -54.44 -16.58 -18.97
CA ALA H 125 -54.49 -17.58 -20.03
C ALA H 125 -53.12 -18.20 -20.29
N MET H 126 -52.05 -17.54 -19.85
CA MET H 126 -50.72 -18.13 -19.96
C MET H 126 -50.57 -19.30 -19.00
N THR H 127 -50.74 -19.04 -17.70
CA THR H 127 -50.67 -20.13 -16.73
C THR H 127 -51.85 -21.08 -16.87
N MET H 128 -53.03 -20.54 -17.17
CA MET H 128 -54.23 -21.36 -17.30
C MET H 128 -54.12 -22.34 -18.46
N SER H 129 -53.86 -21.81 -19.67
CA SER H 129 -53.70 -22.67 -20.82
C SER H 129 -52.44 -23.53 -20.72
N GLY H 130 -51.44 -23.06 -19.96
CA GLY H 130 -50.25 -23.88 -19.76
C GLY H 130 -50.53 -25.13 -18.95
N GLU H 131 -51.24 -24.97 -17.82
CA GLU H 131 -51.56 -26.12 -16.99
C GLU H 131 -52.65 -26.98 -17.62
N ARG H 132 -53.53 -26.39 -18.43
CA ARG H 132 -54.52 -27.19 -19.12
C ARG H 132 -53.90 -28.01 -20.24
N GLU H 133 -53.03 -27.39 -21.04
CA GLU H 133 -52.36 -28.11 -22.11
C GLU H 133 -51.36 -29.13 -21.57
N CYS H 134 -50.77 -28.86 -20.40
CA CYS H 134 -49.86 -29.83 -19.80
C CYS H 134 -50.61 -30.99 -19.16
N LEU H 135 -51.68 -30.70 -18.43
CA LEU H 135 -52.46 -31.76 -17.78
C LEU H 135 -53.16 -32.62 -18.83
N LYS H 136 -53.61 -32.02 -19.93
CA LYS H 136 -54.17 -32.80 -21.02
C LYS H 136 -53.09 -33.46 -21.88
N TYR H 137 -51.87 -32.92 -21.85
CA TYR H 137 -50.77 -33.55 -22.58
C TYR H 137 -50.33 -34.84 -21.90
N ARG H 138 -50.12 -34.80 -20.59
CA ARG H 138 -49.69 -35.97 -19.85
C ARG H 138 -50.84 -36.84 -19.38
N LEU H 139 -52.08 -36.34 -19.42
CA LEU H 139 -53.23 -37.13 -18.97
C LEU H 139 -53.67 -38.12 -20.05
N VAL H 140 -54.08 -37.61 -21.21
CA VAL H 140 -54.55 -38.44 -22.32
C VAL H 140 -53.48 -38.44 -23.40
N GLY H 141 -53.30 -39.60 -24.05
CA GLY H 141 -52.32 -39.73 -25.11
C GLY H 141 -52.87 -40.42 -26.34
N ALA H 158 -60.27 -35.18 -27.80
CA ALA H 158 -61.38 -34.25 -27.85
C ALA H 158 -60.96 -32.91 -28.44
N GLY H 159 -61.91 -32.20 -29.05
CA GLY H 159 -61.65 -30.93 -29.67
C GLY H 159 -61.69 -29.74 -28.74
N GLU H 160 -61.78 -29.97 -27.42
CA GLU H 160 -61.80 -28.86 -26.48
C GLU H 160 -60.48 -28.10 -26.49
N VAL H 161 -59.37 -28.81 -26.29
CA VAL H 161 -58.06 -28.16 -26.31
C VAL H 161 -57.69 -27.68 -27.70
N ALA H 162 -58.31 -28.24 -28.74
CA ALA H 162 -58.02 -27.78 -30.10
C ALA H 162 -58.71 -26.45 -30.38
N LYS H 163 -60.01 -26.37 -30.14
CA LYS H 163 -60.74 -25.13 -30.39
C LYS H 163 -60.31 -24.03 -29.42
N GLU H 164 -60.12 -24.39 -28.14
CA GLU H 164 -59.66 -23.41 -27.17
C GLU H 164 -58.21 -23.00 -27.44
N TRP H 165 -57.39 -23.93 -27.91
CA TRP H 165 -56.01 -23.58 -28.27
C TRP H 165 -55.96 -22.71 -29.51
N GLN H 166 -56.97 -22.83 -30.39
CA GLN H 166 -57.06 -21.91 -31.51
C GLN H 166 -57.58 -20.55 -31.08
N GLU H 167 -58.47 -20.52 -30.08
CA GLU H 167 -58.90 -19.23 -29.51
C GLU H 167 -57.73 -18.52 -28.86
N LEU H 168 -56.87 -19.27 -28.14
CA LEU H 168 -55.65 -18.67 -27.62
C LEU H 168 -54.68 -18.33 -28.74
N ASP H 169 -54.74 -19.06 -29.86
CA ASP H 169 -53.90 -18.72 -31.01
C ASP H 169 -54.28 -17.34 -31.55
N ASP H 170 -55.59 -17.09 -31.69
CA ASP H 170 -56.03 -15.77 -32.15
C ASP H 170 -55.74 -14.69 -31.11
N ALA H 171 -56.04 -14.97 -29.84
CA ALA H 171 -55.85 -13.97 -28.79
C ALA H 171 -54.38 -13.59 -28.63
N GLU H 172 -53.47 -14.55 -28.77
CA GLU H 172 -52.05 -14.26 -28.67
C GLU H 172 -51.46 -13.79 -29.99
N LYS H 173 -52.16 -13.99 -31.11
CA LYS H 173 -51.82 -13.32 -32.35
C LYS H 173 -52.30 -11.88 -32.37
N VAL H 174 -53.22 -11.52 -31.47
CA VAL H 174 -53.60 -10.12 -31.30
C VAL H 174 -52.73 -9.44 -30.25
N GLN H 175 -52.45 -10.11 -29.12
CA GLN H 175 -51.60 -9.52 -28.11
C GLN H 175 -50.14 -9.46 -28.56
N ARG H 176 -49.68 -10.46 -29.30
CA ARG H 176 -48.39 -10.43 -30.00
C ARG H 176 -47.20 -10.38 -29.04
N GLU H 177 -47.22 -11.16 -27.97
CA GLU H 177 -46.05 -11.28 -27.11
C GLU H 177 -45.02 -12.18 -27.77
N PRO H 178 -43.79 -11.73 -27.97
CA PRO H 178 -42.82 -12.53 -28.71
C PRO H 178 -42.19 -13.62 -27.86
N LEU H 179 -42.02 -14.79 -28.49
CA LEU H 179 -41.22 -15.93 -28.01
C LEU H 179 -41.78 -16.53 -26.72
N LEU H 180 -42.81 -15.92 -26.15
CA LEU H 180 -43.41 -16.38 -24.92
C LEU H 180 -44.66 -17.21 -25.17
N THR H 181 -45.61 -16.67 -25.94
CA THR H 181 -46.70 -17.49 -26.46
C THR H 181 -46.15 -18.65 -27.27
N LEU H 182 -45.02 -18.43 -27.96
CA LEU H 182 -44.34 -19.50 -28.67
C LEU H 182 -43.74 -20.51 -27.69
N VAL H 183 -42.88 -20.03 -26.79
CA VAL H 183 -42.18 -20.91 -25.86
C VAL H 183 -43.15 -21.69 -24.98
N LYS H 184 -44.38 -21.22 -24.85
CA LYS H 184 -45.39 -21.99 -24.13
C LYS H 184 -46.23 -22.85 -25.07
N GLU H 185 -46.41 -22.45 -26.31
CA GLU H 185 -47.13 -23.24 -27.29
C GLU H 185 -46.26 -24.29 -27.97
N ILE H 186 -45.03 -24.48 -27.48
CA ILE H 186 -44.13 -25.48 -28.04
C ILE H 186 -44.74 -26.87 -27.96
N VAL H 187 -45.01 -27.35 -26.75
CA VAL H 187 -45.50 -28.72 -26.56
C VAL H 187 -46.96 -28.86 -26.96
N PRO H 188 -47.82 -27.81 -26.87
CA PRO H 188 -49.13 -28.11 -27.47
C PRO H 188 -49.11 -28.08 -28.99
N LEU H 202 -49.23 -31.36 -28.89
CA LEU H 202 -50.41 -32.16 -29.21
C LEU H 202 -50.70 -32.15 -30.71
N LEU H 203 -50.86 -30.95 -31.27
CA LEU H 203 -51.24 -30.82 -32.67
C LEU H 203 -50.04 -31.03 -33.59
N MET H 204 -49.05 -30.13 -33.53
CA MET H 204 -47.87 -30.16 -34.39
C MET H 204 -48.26 -30.25 -35.87
N GLU H 205 -48.97 -29.21 -36.30
CA GLU H 205 -49.58 -29.19 -37.63
C GLU H 205 -49.52 -27.77 -38.17
N ILE H 206 -50.37 -27.48 -39.16
CA ILE H 206 -50.36 -26.23 -39.92
C ILE H 206 -50.58 -25.00 -39.05
N GLU H 207 -50.85 -25.16 -37.75
CA GLU H 207 -51.07 -24.02 -36.87
C GLU H 207 -50.00 -22.93 -37.03
N GLN H 208 -48.76 -23.34 -37.33
CA GLN H 208 -47.71 -22.35 -37.56
C GLN H 208 -48.02 -21.49 -38.78
N VAL H 209 -48.43 -22.12 -39.88
CA VAL H 209 -48.82 -21.34 -41.05
C VAL H 209 -50.11 -20.57 -40.78
N ASP H 210 -50.90 -21.01 -39.79
CA ASP H 210 -52.04 -20.22 -39.34
C ASP H 210 -51.60 -19.03 -38.50
N MET H 211 -50.37 -19.03 -37.99
CA MET H 211 -49.81 -17.90 -37.27
C MET H 211 -48.81 -17.10 -38.10
N LEU H 212 -48.10 -17.75 -39.03
CA LEU H 212 -47.09 -17.08 -39.85
C LEU H 212 -47.78 -16.34 -41.00
N GLU H 213 -48.31 -15.16 -40.68
CA GLU H 213 -48.88 -14.26 -41.68
C GLU H 213 -48.10 -12.96 -41.82
N LYS H 214 -47.89 -12.25 -40.72
CA LYS H 214 -47.20 -10.96 -40.74
C LYS H 214 -45.83 -11.03 -40.07
N ASP H 215 -45.75 -11.56 -38.85
CA ASP H 215 -44.48 -11.66 -38.14
C ASP H 215 -43.67 -12.81 -38.74
N ILE H 216 -42.72 -12.46 -39.60
CA ILE H 216 -41.90 -13.45 -40.29
C ILE H 216 -40.50 -13.54 -39.70
N ASP H 217 -39.88 -12.40 -39.40
CA ASP H 217 -38.52 -12.41 -38.87
C ASP H 217 -38.49 -12.71 -37.38
N GLU H 218 -39.54 -12.33 -36.64
CA GLU H 218 -39.59 -12.65 -35.22
C GLU H 218 -39.85 -14.13 -35.00
N ASN H 219 -40.77 -14.71 -35.77
CA ASN H 219 -41.09 -16.13 -35.61
C ASN H 219 -40.02 -17.01 -36.25
N ALA H 220 -39.50 -16.61 -37.41
CA ALA H 220 -38.42 -17.36 -38.04
C ALA H 220 -37.14 -17.28 -37.23
N TYR H 221 -36.66 -16.06 -36.99
CA TYR H 221 -35.41 -15.88 -36.25
C TYR H 221 -35.55 -16.37 -34.81
N ALA H 222 -36.53 -15.84 -34.09
CA ALA H 222 -36.70 -16.21 -32.68
C ALA H 222 -37.19 -17.64 -32.55
N LYS H 223 -38.35 -17.94 -33.13
CA LYS H 223 -38.96 -19.26 -32.96
C LYS H 223 -38.09 -20.36 -33.55
N VAL H 224 -37.54 -20.14 -34.74
CA VAL H 224 -36.69 -21.17 -35.35
C VAL H 224 -35.34 -21.24 -34.64
N CYS H 225 -34.87 -20.12 -34.08
CA CYS H 225 -33.59 -20.12 -33.38
C CYS H 225 -33.68 -20.89 -32.07
N LEU H 226 -34.51 -20.42 -31.14
CA LEU H 226 -34.59 -21.06 -29.83
C LEU H 226 -35.34 -22.39 -29.89
N TYR H 227 -36.31 -22.52 -30.80
CA TYR H 227 -37.02 -23.77 -30.97
C TYR H 227 -36.22 -24.79 -31.77
N LEU H 228 -35.26 -24.33 -32.58
CA LEU H 228 -34.35 -25.26 -33.23
C LEU H 228 -33.25 -25.72 -32.29
N THR H 229 -32.70 -24.80 -31.50
CA THR H 229 -31.70 -25.19 -30.51
C THR H 229 -32.30 -26.09 -29.43
N SER H 230 -33.47 -25.73 -28.92
CA SER H 230 -34.18 -26.58 -27.97
C SER H 230 -34.84 -27.76 -28.65
N CYS H 231 -34.94 -27.76 -29.98
CA CYS H 231 -35.47 -28.90 -30.71
C CYS H 231 -34.39 -29.91 -31.06
N VAL H 232 -33.12 -29.52 -30.99
CA VAL H 232 -32.02 -30.46 -31.15
C VAL H 232 -31.40 -30.84 -29.80
N ASN H 233 -31.58 -30.02 -28.77
CA ASN H 233 -31.07 -30.31 -27.43
C ASN H 233 -32.13 -30.88 -26.50
N TYR H 234 -33.31 -30.26 -26.44
CA TYR H 234 -34.36 -30.66 -25.51
C TYR H 234 -35.46 -31.49 -26.14
N VAL H 235 -35.96 -31.09 -27.31
CA VAL H 235 -37.10 -31.75 -27.95
C VAL H 235 -36.60 -32.96 -28.73
N PRO H 236 -37.27 -34.11 -28.64
CA PRO H 236 -36.81 -35.30 -29.36
C PRO H 236 -37.06 -35.19 -30.86
N GLU H 237 -36.78 -36.29 -31.56
CA GLU H 237 -36.83 -36.37 -33.01
C GLU H 237 -38.24 -36.39 -33.60
N PRO H 238 -39.21 -37.15 -33.04
CA PRO H 238 -40.54 -37.20 -33.67
C PRO H 238 -41.22 -35.84 -33.80
N GLU H 239 -40.90 -34.88 -32.93
CA GLU H 239 -41.36 -33.52 -33.13
C GLU H 239 -40.43 -32.71 -34.02
N ASN H 240 -39.15 -33.08 -34.06
CA ASN H 240 -38.23 -32.42 -34.99
C ASN H 240 -38.62 -32.70 -36.44
N SER H 241 -39.23 -33.85 -36.71
CA SER H 241 -39.77 -34.09 -38.04
C SER H 241 -40.90 -33.12 -38.36
N ALA H 242 -41.72 -32.78 -37.35
CA ALA H 242 -42.72 -31.75 -37.53
C ALA H 242 -42.08 -30.38 -37.73
N LEU H 243 -40.91 -30.15 -37.14
CA LEU H 243 -40.17 -28.94 -37.42
C LEU H 243 -39.68 -28.91 -38.85
N LEU H 244 -39.29 -30.07 -39.39
CA LEU H 244 -38.78 -30.13 -40.76
C LEU H 244 -39.89 -29.98 -41.79
N ARG H 245 -41.05 -30.60 -41.54
CA ARG H 245 -42.14 -30.51 -42.51
C ARG H 245 -42.90 -29.18 -42.39
N CYS H 246 -43.21 -28.77 -41.15
CA CYS H 246 -43.90 -27.50 -40.97
C CYS H 246 -42.98 -26.32 -41.28
N ALA H 247 -41.68 -26.46 -40.97
CA ALA H 247 -40.72 -25.45 -41.42
C ALA H 247 -40.56 -25.48 -42.92
N LEU H 248 -40.70 -26.67 -43.54
CA LEU H 248 -40.76 -26.73 -45.00
C LEU H 248 -41.97 -25.97 -45.53
N GLY H 249 -43.07 -25.95 -44.78
CA GLY H 249 -44.24 -25.19 -45.19
C GLY H 249 -44.05 -23.70 -45.05
N VAL H 250 -43.73 -23.23 -43.83
CA VAL H 250 -43.64 -21.80 -43.59
C VAL H 250 -42.48 -21.20 -44.36
N PHE H 251 -41.37 -21.92 -44.52
CA PHE H 251 -40.24 -21.40 -45.27
C PHE H 251 -40.37 -21.64 -46.77
N ARG H 252 -41.13 -22.66 -47.18
CA ARG H 252 -41.39 -22.85 -48.59
C ARG H 252 -42.33 -21.78 -49.13
N LYS H 253 -43.32 -21.39 -48.33
CA LYS H 253 -44.23 -20.32 -48.74
C LYS H 253 -43.64 -18.93 -48.59
N PHE H 254 -42.54 -18.78 -47.87
CA PHE H 254 -41.92 -17.49 -47.61
C PHE H 254 -40.55 -17.40 -48.29
N SER H 255 -39.82 -16.33 -47.97
CA SER H 255 -38.52 -16.05 -48.54
C SER H 255 -37.42 -16.70 -47.69
N ARG H 256 -36.18 -16.24 -47.86
CA ARG H 256 -35.00 -16.75 -47.16
C ARG H 256 -34.77 -18.23 -47.52
N PHE H 257 -34.39 -18.41 -48.78
CA PHE H 257 -34.11 -19.75 -49.30
C PHE H 257 -33.00 -20.50 -48.56
N PRO H 258 -31.88 -19.88 -48.15
CA PRO H 258 -30.78 -20.68 -47.57
C PRO H 258 -31.16 -21.45 -46.31
N GLU H 259 -32.06 -20.92 -45.49
CA GLU H 259 -32.48 -21.68 -44.32
C GLU H 259 -33.34 -22.88 -44.71
N ALA H 260 -34.10 -22.76 -45.80
CA ALA H 260 -34.76 -23.92 -46.36
C ALA H 260 -33.76 -24.91 -46.94
N LEU H 261 -32.62 -24.40 -47.44
CA LEU H 261 -31.55 -25.30 -47.87
C LEU H 261 -30.94 -26.03 -46.67
N ARG H 262 -30.93 -25.39 -45.50
CA ARG H 262 -30.56 -26.11 -44.29
C ARG H 262 -31.63 -27.14 -43.92
N LEU H 263 -32.90 -26.81 -44.17
CA LEU H 263 -33.96 -27.80 -44.02
C LEU H 263 -33.79 -28.95 -44.99
N ALA H 264 -33.07 -28.74 -46.10
CA ALA H 264 -32.69 -29.84 -46.97
C ALA H 264 -31.43 -30.55 -46.47
N LEU H 265 -30.59 -29.85 -45.71
CA LEU H 265 -29.48 -30.51 -45.05
C LEU H 265 -29.96 -31.46 -43.95
N MET H 266 -31.10 -31.15 -43.34
CA MET H 266 -31.68 -32.01 -42.31
C MET H 266 -32.69 -33.01 -42.85
N LEU H 267 -33.40 -32.66 -43.92
CA LEU H 267 -34.38 -33.59 -44.51
C LEU H 267 -33.71 -34.57 -45.46
N ASN H 268 -32.76 -34.11 -46.26
CA ASN H 268 -32.11 -34.92 -47.30
C ASN H 268 -33.14 -35.48 -48.28
N ASP H 269 -33.94 -34.57 -48.83
CA ASP H 269 -34.98 -34.91 -49.79
C ASP H 269 -34.74 -34.15 -51.09
N MET H 270 -35.20 -34.74 -52.19
CA MET H 270 -35.00 -34.15 -53.51
C MET H 270 -36.10 -33.17 -53.91
N GLU H 271 -37.29 -33.27 -53.32
CA GLU H 271 -38.35 -32.34 -53.66
C GLU H 271 -38.05 -30.93 -53.16
N LEU H 272 -37.38 -30.82 -52.01
CA LEU H 272 -37.02 -29.50 -51.50
C LEU H 272 -35.98 -28.83 -52.39
N VAL H 273 -34.96 -29.57 -52.81
CA VAL H 273 -33.92 -28.97 -53.65
C VAL H 273 -34.44 -28.73 -55.06
N GLU H 274 -35.41 -29.53 -55.52
CA GLU H 274 -36.00 -29.28 -56.83
C GLU H 274 -36.88 -28.04 -56.79
N ASP H 275 -37.73 -27.92 -55.76
CA ASP H 275 -38.59 -26.75 -55.63
C ASP H 275 -37.79 -25.48 -55.38
N ILE H 276 -36.67 -25.60 -54.66
CA ILE H 276 -35.83 -24.43 -54.43
C ILE H 276 -34.92 -24.13 -55.62
N PHE H 277 -34.74 -25.09 -56.53
CA PHE H 277 -33.99 -24.84 -57.75
C PHE H 277 -34.85 -24.29 -58.86
N THR H 278 -36.15 -24.59 -58.87
CA THR H 278 -37.05 -23.93 -59.81
C THR H 278 -37.55 -22.59 -59.27
N SER H 279 -37.74 -22.48 -57.95
CA SER H 279 -38.10 -21.19 -57.37
C SER H 279 -36.91 -20.26 -57.33
N CYS H 280 -35.71 -20.81 -57.08
CA CYS H 280 -34.49 -20.01 -57.15
C CYS H 280 -34.00 -19.83 -58.58
N LYS H 281 -34.44 -20.69 -59.50
CA LYS H 281 -34.09 -20.51 -60.91
C LYS H 281 -34.99 -19.48 -61.58
N ASP H 282 -36.27 -19.44 -61.21
CA ASP H 282 -37.18 -18.47 -61.82
C ASP H 282 -36.83 -17.05 -61.42
N VAL H 283 -36.32 -16.85 -60.21
CA VAL H 283 -35.91 -15.54 -59.72
C VAL H 283 -34.40 -15.44 -59.84
N VAL H 284 -33.93 -14.57 -60.73
CA VAL H 284 -32.50 -14.39 -60.94
C VAL H 284 -32.04 -13.05 -60.37
N MET H 292 -25.39 -13.76 -55.06
CA MET H 292 -25.23 -14.22 -56.43
C MET H 292 -25.53 -15.72 -56.55
N LEU H 293 -25.14 -16.31 -57.68
CA LEU H 293 -25.38 -17.72 -57.93
C LEU H 293 -24.22 -18.59 -57.47
N GLY H 294 -22.98 -18.10 -57.65
CA GLY H 294 -21.82 -18.91 -57.33
C GLY H 294 -21.70 -19.23 -55.85
N ARG H 295 -22.18 -18.32 -54.99
CA ARG H 295 -22.08 -18.54 -53.55
C ARG H 295 -22.99 -19.68 -53.10
N HIS H 296 -24.29 -19.57 -53.43
CA HIS H 296 -25.20 -20.65 -53.07
C HIS H 296 -24.95 -21.92 -53.87
N GLY H 297 -24.18 -21.84 -54.96
CA GLY H 297 -23.65 -23.05 -55.55
C GLY H 297 -22.54 -23.65 -54.71
N VAL H 298 -21.71 -22.80 -54.12
CA VAL H 298 -20.59 -23.29 -53.31
C VAL H 298 -21.10 -23.96 -52.05
N PHE H 299 -21.85 -23.23 -51.21
CA PHE H 299 -22.37 -23.91 -50.04
C PHE H 299 -23.59 -24.78 -50.37
N LEU H 300 -24.11 -24.70 -51.60
CA LEU H 300 -25.04 -25.71 -52.07
C LEU H 300 -24.36 -27.07 -52.15
N GLU H 301 -23.22 -27.13 -52.86
CA GLU H 301 -22.52 -28.39 -52.99
C GLU H 301 -21.85 -28.81 -51.68
N LEU H 302 -21.43 -27.83 -50.87
CA LEU H 302 -20.85 -28.16 -49.57
C LEU H 302 -21.90 -28.71 -48.62
N SER H 303 -23.08 -28.10 -48.60
CA SER H 303 -24.12 -28.51 -47.65
C SER H 303 -24.74 -29.85 -48.01
N GLU H 304 -24.87 -30.14 -49.30
CA GLU H 304 -25.51 -31.39 -49.72
C GLU H 304 -24.62 -32.58 -49.40
N ASP H 305 -25.25 -33.68 -49.00
CA ASP H 305 -24.54 -34.90 -48.66
C ASP H 305 -24.43 -35.80 -49.90
N VAL H 306 -24.07 -37.06 -49.68
CA VAL H 306 -23.83 -37.97 -50.79
C VAL H 306 -25.12 -38.44 -51.44
N GLU H 307 -26.24 -38.40 -50.71
CA GLU H 307 -27.50 -38.90 -51.26
C GLU H 307 -28.15 -37.89 -52.21
N GLU H 308 -28.39 -36.67 -51.74
CA GLU H 308 -29.17 -35.70 -52.49
C GLU H 308 -28.38 -35.01 -53.60
N TYR H 309 -27.07 -35.27 -53.72
CA TYR H 309 -26.34 -34.75 -54.87
C TYR H 309 -26.32 -35.74 -56.03
N GLU H 310 -26.51 -37.03 -55.76
CA GLU H 310 -26.71 -38.00 -56.83
C GLU H 310 -28.18 -38.12 -57.21
N ASP H 311 -29.08 -38.03 -56.23
CA ASP H 311 -30.49 -37.86 -56.58
C ASP H 311 -30.70 -36.51 -57.25
N LEU H 312 -30.01 -35.47 -56.76
CA LEU H 312 -30.07 -34.17 -57.41
C LEU H 312 -29.48 -34.24 -58.82
N THR H 313 -28.37 -34.96 -58.99
CA THR H 313 -27.80 -35.07 -60.33
C THR H 313 -28.58 -36.04 -61.22
N GLU H 314 -29.52 -36.81 -60.66
CA GLU H 314 -30.35 -37.65 -61.52
C GLU H 314 -31.64 -36.95 -61.93
N ILE H 315 -32.23 -36.12 -61.05
CA ILE H 315 -33.37 -35.32 -61.48
C ILE H 315 -32.91 -34.18 -62.38
N MET H 316 -31.76 -33.58 -62.06
CA MET H 316 -31.16 -32.60 -62.95
C MET H 316 -30.54 -33.26 -64.18
N SER H 317 -30.11 -34.52 -64.06
CA SER H 317 -29.77 -35.27 -65.26
C SER H 317 -31.02 -35.56 -66.09
N ASN H 318 -32.20 -35.50 -65.48
CA ASN H 318 -33.44 -35.68 -66.24
C ASN H 318 -33.81 -34.41 -66.99
N VAL H 319 -34.06 -33.31 -66.28
CA VAL H 319 -34.40 -32.08 -66.99
C VAL H 319 -33.41 -30.95 -66.70
N GLN H 320 -33.54 -30.43 -65.49
CA GLN H 320 -32.72 -29.32 -64.97
C GLN H 320 -32.99 -27.98 -65.64
N LEU H 321 -33.71 -27.98 -66.77
CA LEU H 321 -34.44 -26.82 -67.28
C LEU H 321 -33.56 -25.63 -67.66
N ASN H 322 -32.25 -25.67 -67.38
CA ASN H 322 -31.44 -24.47 -67.50
C ASN H 322 -30.09 -24.65 -68.19
N SER H 323 -29.52 -25.86 -68.21
CA SER H 323 -28.15 -26.15 -68.64
C SER H 323 -27.14 -25.58 -67.65
N ASN H 324 -27.61 -24.78 -66.69
CA ASN H 324 -26.75 -24.22 -65.65
C ASN H 324 -26.68 -25.10 -64.42
N PHE H 325 -27.62 -26.03 -64.25
CA PHE H 325 -27.59 -26.94 -63.12
C PHE H 325 -26.67 -28.13 -63.38
N LEU H 326 -26.69 -28.67 -64.60
CA LEU H 326 -25.68 -29.65 -64.97
C LEU H 326 -24.37 -28.97 -65.35
N ALA H 327 -24.43 -27.99 -66.26
CA ALA H 327 -23.21 -27.33 -66.71
C ALA H 327 -22.52 -26.63 -65.55
N LEU H 328 -23.23 -25.76 -64.84
CA LEU H 328 -22.66 -25.12 -63.66
C LEU H 328 -22.58 -26.11 -62.49
N ALA H 329 -23.69 -26.74 -62.15
CA ALA H 329 -23.74 -27.61 -60.97
C ALA H 329 -23.47 -29.07 -61.32
N ARG H 330 -22.37 -29.35 -62.01
CA ARG H 330 -21.98 -30.74 -62.24
C ARG H 330 -20.65 -31.11 -61.62
N GLU H 331 -19.61 -30.29 -61.80
CA GLU H 331 -18.29 -30.54 -61.23
C GLU H 331 -17.39 -29.37 -61.60
N LEU H 332 -16.29 -29.23 -60.83
CA LEU H 332 -15.21 -28.28 -61.03
C LEU H 332 -15.63 -26.83 -60.79
N ASP H 333 -16.90 -26.56 -60.49
CA ASP H 333 -17.39 -25.20 -60.34
C ASP H 333 -17.56 -24.77 -58.90
N ILE H 334 -17.38 -25.68 -57.94
CA ILE H 334 -17.17 -25.27 -56.57
C ILE H 334 -15.71 -24.88 -56.32
N MET H 335 -14.79 -25.39 -57.14
CA MET H 335 -13.38 -25.04 -57.05
C MET H 335 -12.95 -24.01 -58.09
N GLU H 336 -13.75 -23.78 -59.13
CA GLU H 336 -13.40 -22.79 -60.14
C GLU H 336 -13.39 -21.36 -59.61
N PRO H 337 -14.16 -20.99 -58.54
CA PRO H 337 -13.99 -19.65 -57.97
C PRO H 337 -12.90 -19.61 -56.90
N LYS H 338 -12.59 -20.77 -56.32
CA LYS H 338 -11.69 -20.81 -55.17
C LYS H 338 -10.24 -20.63 -55.57
N VAL H 339 -9.77 -21.42 -56.55
CA VAL H 339 -8.35 -21.42 -56.90
C VAL H 339 -7.88 -20.06 -57.41
N PRO H 340 -8.51 -19.45 -58.44
CA PRO H 340 -7.95 -18.18 -58.94
C PRO H 340 -8.06 -17.06 -57.93
N ASP H 341 -9.15 -17.00 -57.15
CA ASP H 341 -9.26 -15.97 -56.12
C ASP H 341 -8.21 -16.16 -55.04
N ASP H 342 -7.93 -17.41 -54.66
CA ASP H 342 -6.89 -17.66 -53.66
C ASP H 342 -5.50 -17.34 -54.20
N ILE H 343 -5.30 -17.50 -55.50
CA ILE H 343 -4.01 -17.12 -56.09
C ILE H 343 -3.89 -15.61 -56.19
N TYR H 344 -5.01 -14.91 -56.39
CA TYR H 344 -4.99 -13.46 -56.62
C TYR H 344 -4.95 -12.67 -55.33
N LYS H 345 -5.89 -12.90 -54.41
CA LYS H 345 -5.98 -12.08 -53.22
C LYS H 345 -5.06 -12.54 -52.10
N THR H 346 -4.56 -13.78 -52.16
CA THR H 346 -3.66 -14.30 -51.15
C THR H 346 -2.36 -14.78 -51.78
N HIS H 347 -1.27 -14.65 -51.04
CA HIS H 347 0.04 -15.09 -51.51
C HIS H 347 0.84 -15.58 -50.31
N LEU H 348 1.27 -16.83 -50.36
CA LEU H 348 2.04 -17.43 -49.28
C LEU H 348 3.52 -17.22 -49.50
N GLU H 349 4.27 -17.05 -48.42
CA GLU H 349 5.69 -16.82 -48.50
C GLU H 349 6.43 -18.15 -48.70
N ASN H 350 7.63 -18.06 -49.28
CA ASN H 350 8.44 -19.23 -49.57
C ASN H 350 9.24 -19.71 -48.37
N ASN H 351 9.10 -19.06 -47.21
CA ASN H 351 9.83 -19.48 -46.02
C ASN H 351 9.32 -20.80 -45.45
N ARG H 352 8.12 -21.24 -45.86
CA ARG H 352 7.61 -22.53 -45.42
C ARG H 352 8.27 -23.66 -46.18
N PHE H 353 8.39 -23.53 -47.50
CA PHE H 353 9.13 -24.51 -48.28
C PHE H 353 10.63 -24.39 -48.04
N GLY H 354 11.09 -23.22 -47.62
CA GLY H 354 12.49 -23.01 -47.32
C GLY H 354 12.90 -23.68 -46.03
N GLY H 355 12.18 -23.40 -44.96
CA GLY H 355 12.44 -24.05 -43.68
C GLY H 355 12.04 -25.50 -43.68
N SER H 356 10.74 -25.75 -43.81
CA SER H 356 10.22 -27.13 -43.82
C SER H 356 10.79 -27.94 -44.97
N GLY H 357 11.27 -27.28 -46.02
CA GLY H 357 12.00 -27.94 -47.09
C GLY H 357 13.49 -27.97 -46.89
N SER H 358 13.99 -27.37 -45.82
CA SER H 358 15.43 -27.31 -45.56
C SER H 358 15.88 -28.17 -44.39
N GLN H 359 15.01 -28.41 -43.40
CA GLN H 359 15.37 -29.27 -42.28
C GLN H 359 14.89 -30.71 -42.45
N VAL H 360 14.81 -31.21 -43.68
CA VAL H 360 14.34 -32.55 -43.95
C VAL H 360 15.49 -33.53 -43.86
N ASP H 361 15.28 -34.63 -43.14
CA ASP H 361 16.30 -35.66 -42.94
C ASP H 361 15.62 -36.83 -42.23
N SER H 362 16.38 -37.90 -42.04
CA SER H 362 15.96 -39.09 -41.30
C SER H 362 14.75 -39.79 -41.92
N ALA H 363 14.44 -39.49 -43.17
CA ALA H 363 13.36 -40.10 -43.94
C ALA H 363 11.99 -39.90 -43.31
N ARG H 364 11.88 -39.05 -42.29
CA ARG H 364 10.60 -38.74 -41.66
C ARG H 364 10.25 -37.27 -41.74
N MET H 365 11.23 -36.38 -41.57
CA MET H 365 10.99 -34.98 -41.89
C MET H 365 10.69 -34.82 -43.37
N ASN H 366 11.21 -35.72 -44.21
CA ASN H 366 10.80 -35.76 -45.61
C ASN H 366 9.34 -36.18 -45.74
N LEU H 367 8.86 -37.07 -44.86
CA LEU H 367 7.44 -37.38 -44.83
C LEU H 367 6.63 -36.16 -44.43
N ALA H 368 7.15 -35.36 -43.49
CA ALA H 368 6.50 -34.10 -43.17
C ALA H 368 6.49 -33.16 -44.37
N SER H 369 7.54 -33.19 -45.18
CA SER H 369 7.55 -32.43 -46.43
C SER H 369 6.55 -32.98 -47.44
N SER H 370 6.24 -34.27 -47.36
CA SER H 370 5.17 -34.85 -48.18
C SER H 370 3.79 -34.51 -47.62
N PHE H 371 3.71 -34.14 -46.35
CA PHE H 371 2.46 -33.61 -45.82
C PHE H 371 2.27 -32.16 -46.26
N VAL H 372 3.32 -31.34 -46.15
CA VAL H 372 3.25 -29.96 -46.59
C VAL H 372 2.95 -29.88 -48.08
N ASN H 373 3.75 -30.58 -48.88
CA ASN H 373 3.51 -30.61 -50.32
C ASN H 373 2.20 -31.29 -50.65
N GLY H 374 1.88 -32.37 -49.93
CA GLY H 374 0.67 -33.11 -50.23
C GLY H 374 -0.60 -32.32 -50.00
N PHE H 375 -0.62 -31.47 -48.97
CA PHE H 375 -1.80 -30.69 -48.65
C PHE H 375 -1.63 -29.20 -48.95
N VAL H 376 -0.61 -28.82 -49.72
CA VAL H 376 -0.40 -27.40 -50.01
C VAL H 376 -1.51 -26.87 -50.92
N ASN H 377 -2.10 -27.73 -51.74
CA ASN H 377 -3.17 -27.31 -52.64
C ASN H 377 -4.29 -28.34 -52.66
N GLN H 382 -0.46 -22.32 -53.72
CA GLN H 382 -0.10 -21.26 -54.67
C GLN H 382 1.28 -21.51 -55.26
N ASP H 383 2.25 -21.80 -54.38
CA ASP H 383 3.62 -22.07 -54.80
C ASP H 383 3.80 -23.55 -55.09
N LYS H 384 4.51 -23.84 -56.17
CA LYS H 384 4.80 -25.21 -56.60
C LYS H 384 6.29 -25.35 -56.93
N LEU H 385 7.14 -24.78 -56.08
CA LEU H 385 8.58 -24.85 -56.30
C LEU H 385 9.14 -26.21 -55.89
N LEU H 386 8.74 -26.70 -54.72
CA LEU H 386 9.21 -28.00 -54.25
C LEU H 386 8.77 -29.13 -55.17
N THR H 387 7.63 -28.97 -55.85
CA THR H 387 7.21 -29.96 -56.83
C THR H 387 8.17 -29.98 -58.02
N ASP H 388 8.59 -28.80 -58.48
CA ASP H 388 9.48 -28.67 -59.62
C ASP H 388 10.95 -28.54 -59.19
N ASP H 389 11.28 -29.01 -57.99
CA ASP H 389 12.68 -29.06 -57.55
C ASP H 389 13.35 -30.34 -58.02
N GLY H 390 13.41 -30.50 -59.34
CA GLY H 390 14.05 -31.65 -59.95
C GLY H 390 13.33 -32.95 -59.62
N ASN H 391 14.09 -34.02 -59.62
CA ASN H 391 13.59 -35.37 -59.36
C ASN H 391 14.36 -35.97 -58.17
N LYS H 392 14.15 -37.26 -57.95
CA LYS H 392 14.77 -38.09 -56.92
C LYS H 392 14.24 -37.80 -55.51
N TRP H 393 13.41 -36.77 -55.33
CA TRP H 393 12.81 -36.52 -54.02
C TRP H 393 11.87 -37.65 -53.63
N LEU H 394 11.17 -38.22 -54.62
CA LEU H 394 10.31 -39.37 -54.35
C LEU H 394 11.12 -40.63 -54.07
N TYR H 395 12.29 -40.77 -54.69
CA TYR H 395 13.10 -41.96 -54.49
C TYR H 395 13.89 -41.92 -53.19
N LYS H 396 14.20 -40.72 -52.69
CA LYS H 396 14.97 -40.62 -51.45
C LYS H 396 14.17 -41.06 -50.24
N ASN H 397 12.84 -40.97 -50.31
CA ASN H 397 11.97 -41.30 -49.19
C ASN H 397 11.70 -42.80 -49.17
N LYS H 398 10.83 -43.25 -48.27
CA LYS H 398 10.53 -44.66 -48.12
C LYS H 398 9.35 -45.03 -49.02
N ASP H 399 8.84 -46.26 -48.90
CA ASP H 399 7.72 -46.70 -49.71
C ASP H 399 6.47 -45.89 -49.40
N HIS H 400 6.19 -45.69 -48.11
CA HIS H 400 5.07 -44.82 -47.73
C HIS H 400 5.33 -43.39 -48.17
N GLY H 401 6.60 -42.97 -48.24
CA GLY H 401 6.93 -41.70 -48.84
C GLY H 401 6.83 -41.70 -50.35
N MET H 402 6.95 -42.87 -50.98
CA MET H 402 6.68 -42.98 -52.40
C MET H 402 5.20 -42.84 -52.70
N LEU H 403 4.35 -43.40 -51.84
CA LEU H 403 2.91 -43.18 -51.97
C LEU H 403 2.53 -41.74 -51.66
N SER H 404 3.15 -41.16 -50.62
CA SER H 404 2.83 -39.78 -50.24
C SER H 404 3.26 -38.79 -51.31
N ALA H 405 4.47 -38.97 -51.85
CA ALA H 405 4.95 -38.06 -52.89
C ALA H 405 4.30 -38.33 -54.23
N ALA H 406 3.89 -39.58 -54.48
CA ALA H 406 3.17 -39.89 -55.72
C ALA H 406 1.75 -39.35 -55.66
N ALA H 407 1.14 -39.27 -54.48
CA ALA H 407 -0.19 -38.73 -54.31
C ALA H 407 -0.22 -37.23 -54.08
N SER H 408 0.93 -36.62 -53.76
CA SER H 408 0.97 -35.18 -53.56
C SER H 408 0.60 -34.43 -54.83
N LEU H 409 1.18 -34.83 -55.96
CA LEU H 409 0.89 -34.18 -57.22
C LEU H 409 -0.56 -34.35 -57.67
N GLY H 410 -1.26 -35.34 -57.10
CA GLY H 410 -2.67 -35.52 -57.38
C GLY H 410 -3.54 -34.72 -56.42
N MET H 411 -3.06 -34.56 -55.20
CA MET H 411 -3.79 -33.77 -54.20
C MET H 411 -3.65 -32.27 -54.42
N ILE H 412 -2.60 -31.83 -55.14
CA ILE H 412 -2.42 -30.42 -55.43
C ILE H 412 -3.07 -29.98 -56.73
N LEU H 413 -3.79 -30.88 -57.41
CA LEU H 413 -4.34 -30.59 -58.73
C LEU H 413 -5.84 -30.90 -58.77
N LEU H 414 -6.58 -30.37 -57.80
CA LEU H 414 -8.03 -30.47 -57.84
C LEU H 414 -8.61 -29.37 -58.73
N TRP H 415 -8.09 -29.29 -59.96
CA TRP H 415 -8.44 -28.30 -60.96
C TRP H 415 -7.66 -28.63 -62.21
N ASP H 416 -8.15 -28.14 -63.36
CA ASP H 416 -7.50 -28.35 -64.66
C ASP H 416 -7.35 -29.85 -64.95
N VAL H 417 -8.51 -30.48 -65.17
CA VAL H 417 -8.58 -31.91 -65.46
C VAL H 417 -7.54 -32.31 -66.50
N ASP H 418 -7.38 -31.49 -67.54
CA ASP H 418 -6.37 -31.79 -68.55
C ASP H 418 -4.96 -31.58 -68.02
N GLY H 419 -4.78 -30.61 -67.12
CA GLY H 419 -3.47 -30.41 -66.51
C GLY H 419 -3.10 -31.51 -65.54
N GLY H 420 -4.04 -31.89 -64.68
CA GLY H 420 -3.81 -33.03 -63.80
C GLY H 420 -3.60 -34.32 -64.57
N LEU H 421 -4.29 -34.46 -65.70
CA LEU H 421 -4.09 -35.63 -66.55
C LEU H 421 -2.68 -35.64 -67.14
N THR H 422 -2.25 -34.51 -67.71
CA THR H 422 -0.93 -34.42 -68.32
C THR H 422 0.19 -34.32 -67.30
N GLN H 423 -0.12 -34.23 -66.00
CA GLN H 423 0.89 -34.24 -64.96
C GLN H 423 1.00 -35.59 -64.25
N ILE H 424 -0.13 -36.27 -64.03
CA ILE H 424 -0.12 -37.59 -63.41
C ILE H 424 0.10 -38.70 -64.44
N ASP H 425 -0.10 -38.42 -65.73
CA ASP H 425 0.07 -39.45 -66.75
C ASP H 425 1.49 -39.98 -66.79
N LYS H 426 2.47 -39.18 -66.35
CA LYS H 426 3.86 -39.61 -66.36
C LYS H 426 4.09 -40.76 -65.39
N TYR H 427 3.52 -40.66 -64.19
CA TYR H 427 3.69 -41.71 -63.18
C TYR H 427 2.89 -42.97 -63.52
N LEU H 428 1.90 -42.86 -64.41
CA LEU H 428 1.12 -44.02 -64.79
C LEU H 428 1.98 -45.03 -65.54
N TYR H 429 1.57 -46.31 -65.47
CA TYR H 429 2.25 -47.44 -66.10
C TYR H 429 3.77 -47.34 -65.95
N SER H 430 4.21 -47.03 -64.73
CA SER H 430 5.62 -46.93 -64.42
C SER H 430 6.18 -48.32 -64.12
N SER H 431 7.42 -48.35 -63.61
CA SER H 431 8.06 -49.61 -63.25
C SER H 431 7.89 -49.97 -61.79
N GLU H 432 7.75 -48.99 -60.90
CA GLU H 432 7.58 -49.25 -59.48
C GLU H 432 6.11 -49.48 -59.16
N ASP H 433 5.87 -50.21 -58.07
CA ASP H 433 4.50 -50.54 -57.67
C ASP H 433 3.81 -49.35 -57.03
N TYR H 434 4.50 -48.65 -56.13
CA TYR H 434 3.88 -47.55 -55.40
C TYR H 434 3.80 -46.26 -56.20
N ILE H 435 4.59 -46.15 -57.29
CA ILE H 435 4.48 -44.99 -58.15
C ILE H 435 3.21 -45.07 -59.00
N LYS H 436 2.90 -46.25 -59.52
CA LYS H 436 1.68 -46.41 -60.31
C LYS H 436 0.45 -46.57 -59.43
N SER H 437 0.59 -47.16 -58.24
CA SER H 437 -0.54 -47.25 -57.33
C SER H 437 -0.87 -45.88 -56.74
N GLY H 438 0.16 -45.13 -56.32
CA GLY H 438 -0.05 -43.75 -55.92
C GLY H 438 -0.44 -42.85 -57.08
N ALA H 439 -0.15 -43.27 -58.32
CA ALA H 439 -0.58 -42.53 -59.49
C ALA H 439 -2.07 -42.74 -59.74
N LEU H 440 -2.56 -43.98 -59.57
CA LEU H 440 -4.00 -44.21 -59.64
C LEU H 440 -4.72 -43.54 -58.48
N LEU H 441 -4.10 -43.52 -57.30
CA LEU H 441 -4.65 -42.74 -56.19
C LEU H 441 -4.74 -41.27 -56.56
N ALA H 442 -3.69 -40.73 -57.19
CA ALA H 442 -3.73 -39.34 -57.64
C ALA H 442 -4.86 -39.12 -58.64
N CYS H 443 -5.04 -40.07 -59.57
CA CYS H 443 -6.13 -39.96 -60.54
C CYS H 443 -7.49 -40.01 -59.84
N GLY H 444 -7.58 -40.70 -58.70
CA GLY H 444 -8.81 -40.70 -57.93
C GLY H 444 -9.02 -39.45 -57.10
N ILE H 445 -7.94 -38.74 -56.76
CA ILE H 445 -8.05 -37.54 -55.95
C ILE H 445 -8.26 -36.28 -56.79
N VAL H 446 -7.68 -36.21 -57.98
CA VAL H 446 -7.72 -34.99 -58.78
C VAL H 446 -9.15 -34.57 -59.10
N ASN H 447 -10.07 -35.53 -59.24
CA ASN H 447 -11.45 -35.24 -59.61
C ASN H 447 -12.39 -36.13 -58.81
N SER H 448 -13.67 -35.76 -58.84
CA SER H 448 -14.71 -36.54 -58.17
C SER H 448 -15.97 -36.68 -59.00
N GLY H 449 -15.96 -36.26 -60.27
CA GLY H 449 -17.12 -36.37 -61.12
C GLY H 449 -16.77 -36.76 -62.55
N VAL H 450 -15.50 -37.08 -62.79
CA VAL H 450 -15.08 -37.50 -64.11
C VAL H 450 -15.34 -38.98 -64.32
N ARG H 451 -15.01 -39.81 -63.33
CA ARG H 451 -15.29 -41.25 -63.29
C ARG H 451 -14.89 -41.98 -64.58
N ASN H 452 -13.93 -41.42 -65.32
CA ASN H 452 -13.41 -42.07 -66.51
C ASN H 452 -12.16 -42.92 -66.22
N GLU H 453 -11.64 -42.85 -65.01
CA GLU H 453 -10.50 -43.66 -64.60
C GLU H 453 -10.92 -44.98 -63.96
N CYS H 454 -12.20 -45.33 -64.03
CA CYS H 454 -12.67 -46.57 -63.41
C CYS H 454 -12.21 -47.79 -64.19
N ASP H 455 -12.36 -47.76 -65.51
CA ASP H 455 -12.04 -48.93 -66.33
C ASP H 455 -10.57 -49.34 -66.26
N PRO H 456 -9.58 -48.45 -66.41
CA PRO H 456 -8.18 -48.91 -66.36
C PRO H 456 -7.77 -49.42 -64.99
N ALA H 457 -8.42 -48.97 -63.92
CA ALA H 457 -8.10 -49.46 -62.58
C ALA H 457 -8.79 -50.79 -62.30
N LEU H 458 -10.12 -50.81 -62.42
CA LEU H 458 -10.91 -52.00 -62.11
C LEU H 458 -10.66 -53.15 -63.08
N ALA H 459 -10.15 -52.85 -64.29
CA ALA H 459 -9.96 -53.91 -65.28
C ALA H 459 -8.91 -54.93 -64.85
N LEU H 460 -7.94 -54.53 -64.04
CA LEU H 460 -6.84 -55.40 -63.64
C LEU H 460 -6.89 -55.82 -62.19
N LEU H 461 -7.89 -55.40 -61.43
CA LEU H 461 -7.95 -55.71 -60.00
C LEU H 461 -8.19 -57.18 -59.73
N SER H 462 -8.77 -57.92 -60.67
CA SER H 462 -9.12 -59.32 -60.44
C SER H 462 -7.84 -60.17 -60.54
N ASP H 463 -7.14 -60.32 -59.43
CA ASP H 463 -6.00 -61.21 -59.30
C ASP H 463 -6.11 -62.16 -58.12
N TYR H 464 -6.59 -61.67 -56.98
CA TYR H 464 -7.06 -62.47 -55.85
C TYR H 464 -5.98 -63.14 -55.03
N VAL H 465 -4.72 -63.07 -55.45
CA VAL H 465 -3.66 -63.69 -54.65
C VAL H 465 -2.57 -62.70 -54.31
N LEU H 466 -1.85 -62.19 -55.32
CA LEU H 466 -0.77 -61.24 -55.09
C LEU H 466 -0.38 -60.57 -56.39
N HIS H 467 -0.54 -59.25 -56.46
CA HIS H 467 -0.18 -58.51 -57.67
C HIS H 467 -0.15 -57.03 -57.33
N ASN H 468 0.36 -56.24 -58.28
CA ASN H 468 0.40 -54.79 -58.10
C ASN H 468 -1.00 -54.20 -57.96
N SER H 469 -2.02 -54.90 -58.48
CA SER H 469 -3.40 -54.43 -58.36
C SER H 469 -3.92 -54.46 -56.94
N ASN H 470 -3.12 -54.89 -55.96
CA ASN H 470 -3.54 -54.79 -54.57
C ASN H 470 -3.23 -53.40 -54.01
N THR H 471 -2.05 -52.86 -54.30
CA THR H 471 -1.77 -51.48 -53.97
C THR H 471 -2.51 -50.52 -54.90
N MET H 472 -2.59 -50.88 -56.18
CA MET H 472 -3.47 -50.16 -57.09
C MET H 472 -4.94 -50.31 -56.70
N ARG H 473 -5.26 -51.33 -55.89
CA ARG H 473 -6.59 -51.43 -55.30
C ARG H 473 -6.73 -50.52 -54.10
N LEU H 474 -5.65 -50.36 -53.32
CA LEU H 474 -5.65 -49.37 -52.24
C LEU H 474 -5.90 -47.98 -52.79
N GLY H 475 -5.05 -47.53 -53.72
CA GLY H 475 -5.19 -46.17 -54.25
C GLY H 475 -6.40 -46.01 -55.15
N SER H 476 -6.68 -47.01 -55.98
CA SER H 476 -7.80 -46.90 -56.91
C SER H 476 -9.14 -46.95 -56.19
N ILE H 477 -9.29 -47.89 -55.26
CA ILE H 477 -10.56 -48.01 -54.54
C ILE H 477 -10.70 -46.90 -53.50
N PHE H 478 -9.59 -46.45 -52.91
CA PHE H 478 -9.67 -45.36 -51.94
C PHE H 478 -10.02 -44.04 -52.63
N GLY H 479 -9.28 -43.69 -53.68
CA GLY H 479 -9.56 -42.46 -54.40
C GLY H 479 -10.90 -42.49 -55.11
N LEU H 480 -11.27 -43.65 -55.66
CA LEU H 480 -12.59 -43.78 -56.29
C LEU H 480 -13.70 -43.71 -55.25
N GLY H 481 -13.43 -44.16 -54.02
CA GLY H 481 -14.40 -43.98 -52.95
C GLY H 481 -14.51 -42.55 -52.49
N LEU H 482 -13.40 -41.80 -52.56
CA LEU H 482 -13.46 -40.37 -52.27
C LEU H 482 -14.18 -39.61 -53.38
N ALA H 483 -14.14 -40.13 -54.61
CA ALA H 483 -14.83 -39.49 -55.72
C ALA H 483 -16.34 -39.56 -55.56
N TYR H 484 -16.85 -40.66 -54.99
CA TYR H 484 -18.28 -40.85 -54.78
C TYR H 484 -18.70 -40.55 -53.34
N ASN H 488 -25.24 -45.16 -53.11
CA ASN H 488 -25.86 -46.43 -53.48
C ASN H 488 -25.34 -46.93 -54.83
N ARG H 489 -24.06 -46.70 -55.07
CA ARG H 489 -23.43 -47.15 -56.31
C ARG H 489 -23.26 -48.67 -56.27
N GLU H 490 -23.94 -49.37 -57.18
CA GLU H 490 -24.04 -50.81 -57.11
C GLU H 490 -22.94 -51.54 -57.89
N ASP H 491 -22.45 -50.96 -58.98
CA ASP H 491 -21.48 -51.68 -59.81
C ASP H 491 -20.12 -51.79 -59.12
N VAL H 492 -19.62 -50.67 -58.57
CA VAL H 492 -18.33 -50.71 -57.91
C VAL H 492 -18.40 -51.50 -56.62
N LEU H 493 -19.57 -51.58 -56.00
CA LEU H 493 -19.71 -52.36 -54.77
C LEU H 493 -19.81 -53.85 -55.07
N THR H 494 -20.55 -54.22 -56.11
CA THR H 494 -20.57 -55.61 -56.55
C THR H 494 -19.22 -56.05 -57.11
N LEU H 495 -18.40 -55.10 -57.54
CA LEU H 495 -17.02 -55.43 -57.89
C LEU H 495 -16.10 -55.46 -56.68
N LEU H 496 -16.48 -54.77 -55.59
CA LEU H 496 -15.75 -54.86 -54.33
C LEU H 496 -16.19 -56.05 -53.48
N LEU H 497 -17.25 -56.76 -53.88
CA LEU H 497 -17.68 -57.94 -53.16
C LEU H 497 -16.62 -59.05 -53.25
N PRO H 498 -16.02 -59.32 -54.42
CA PRO H 498 -14.89 -60.25 -54.43
C PRO H 498 -13.67 -59.71 -53.70
N VAL H 499 -13.57 -58.40 -53.50
CA VAL H 499 -12.48 -57.85 -52.70
C VAL H 499 -12.71 -58.14 -51.22
N MET H 500 -13.95 -57.94 -50.74
CA MET H 500 -14.27 -58.31 -49.36
C MET H 500 -14.13 -59.81 -49.14
N GLY H 501 -14.50 -60.61 -50.15
CA GLY H 501 -14.33 -62.05 -50.05
C GLY H 501 -12.88 -62.49 -50.18
N ASP H 502 -12.02 -61.66 -50.78
CA ASP H 502 -10.62 -62.00 -50.92
C ASP H 502 -9.91 -62.03 -49.56
N SER H 503 -10.01 -60.94 -48.81
CA SER H 503 -9.39 -60.81 -47.50
C SER H 503 -7.87 -61.02 -47.59
N LYS H 504 -7.23 -60.14 -48.34
CA LYS H 504 -5.78 -60.18 -48.49
C LYS H 504 -5.11 -59.88 -47.16
N SER H 505 -3.84 -60.31 -47.04
CA SER H 505 -3.09 -60.13 -45.79
C SER H 505 -2.97 -58.66 -45.42
N SER H 506 -2.82 -57.78 -46.40
CA SER H 506 -2.74 -56.35 -46.12
C SER H 506 -4.09 -55.83 -45.65
N MET H 507 -4.14 -55.33 -44.42
CA MET H 507 -5.40 -54.85 -43.85
C MET H 507 -5.95 -53.67 -44.64
N GLU H 508 -5.08 -52.83 -45.20
CA GLU H 508 -5.52 -51.63 -45.90
C GLU H 508 -6.40 -51.94 -47.11
N VAL H 509 -6.43 -53.18 -47.58
CA VAL H 509 -7.34 -53.55 -48.66
C VAL H 509 -8.78 -53.43 -48.18
N ALA H 510 -9.14 -54.16 -47.13
CA ALA H 510 -10.45 -54.02 -46.52
C ALA H 510 -10.63 -52.68 -45.83
N GLY H 511 -9.52 -51.99 -45.51
CA GLY H 511 -9.60 -50.65 -44.97
C GLY H 511 -10.16 -49.66 -45.96
N VAL H 512 -9.51 -49.54 -47.13
CA VAL H 512 -9.99 -48.62 -48.15
C VAL H 512 -11.22 -49.15 -48.88
N THR H 513 -11.49 -50.45 -48.79
CA THR H 513 -12.71 -51.01 -49.37
C THR H 513 -13.91 -50.73 -48.49
N ALA H 514 -13.81 -51.08 -47.20
CA ALA H 514 -14.90 -50.82 -46.27
C ALA H 514 -15.12 -49.32 -46.06
N LEU H 515 -14.03 -48.55 -46.02
CA LEU H 515 -14.18 -47.10 -45.93
C LEU H 515 -14.64 -46.50 -47.25
N ALA H 516 -14.29 -47.13 -48.37
CA ALA H 516 -14.73 -46.63 -49.67
C ALA H 516 -16.24 -46.80 -49.83
N CYS H 517 -16.73 -48.04 -49.72
CA CYS H 517 -18.17 -48.27 -49.81
C CYS H 517 -18.91 -47.63 -48.65
N GLY H 518 -18.24 -47.45 -47.51
CA GLY H 518 -18.87 -46.78 -46.38
C GLY H 518 -19.14 -45.31 -46.67
N MET H 519 -18.10 -44.59 -47.11
CA MET H 519 -18.28 -43.20 -47.52
C MET H 519 -19.18 -43.08 -48.73
N ILE H 520 -19.29 -44.14 -49.54
CA ILE H 520 -20.28 -44.16 -50.61
C ILE H 520 -21.69 -44.26 -50.03
N ALA H 521 -21.85 -44.97 -48.93
CA ALA H 521 -23.16 -45.28 -48.38
C ALA H 521 -23.53 -44.45 -47.15
N VAL H 522 -22.80 -43.37 -46.86
CA VAL H 522 -23.15 -42.51 -45.74
C VAL H 522 -24.43 -41.74 -46.08
N GLY H 523 -25.30 -41.60 -45.08
CA GLY H 523 -26.55 -40.89 -45.26
C GLY H 523 -27.70 -41.72 -45.79
N SER H 524 -27.63 -43.04 -45.66
CA SER H 524 -28.72 -43.89 -46.13
C SER H 524 -29.95 -43.71 -45.25
N CYS H 525 -31.12 -43.76 -45.87
CA CYS H 525 -32.38 -43.58 -45.15
C CYS H 525 -32.60 -44.76 -44.22
N ASN H 526 -32.48 -44.52 -42.91
CA ASN H 526 -32.68 -45.53 -41.88
C ASN H 526 -31.76 -46.73 -42.06
N GLY H 527 -30.58 -46.51 -42.65
CA GLY H 527 -29.63 -47.58 -42.85
C GLY H 527 -30.11 -48.63 -43.82
N ASP H 528 -29.40 -49.76 -43.79
CA ASP H 528 -29.73 -50.90 -44.65
C ASP H 528 -29.23 -52.19 -44.00
N VAL H 529 -29.95 -53.28 -44.24
CA VAL H 529 -29.58 -54.58 -43.72
C VAL H 529 -29.25 -55.48 -44.92
N THR H 530 -28.71 -54.88 -45.97
CA THR H 530 -28.45 -55.59 -47.21
C THR H 530 -27.43 -56.72 -47.00
N SER H 531 -27.44 -57.66 -47.95
CA SER H 531 -26.59 -58.85 -47.88
C SER H 531 -25.13 -58.55 -48.18
N THR H 532 -24.79 -57.32 -48.56
CA THR H 532 -23.38 -56.96 -48.73
C THR H 532 -22.70 -56.78 -47.38
N ILE H 533 -23.21 -55.85 -46.57
CA ILE H 533 -22.68 -55.68 -45.22
C ILE H 533 -23.09 -56.81 -44.30
N LEU H 534 -24.24 -57.44 -44.54
CA LEU H 534 -24.54 -58.68 -43.83
C LEU H 534 -23.55 -59.78 -44.20
N GLN H 535 -23.11 -59.79 -45.46
CA GLN H 535 -22.11 -60.77 -45.90
C GLN H 535 -20.76 -60.51 -45.24
N THR H 536 -20.34 -59.24 -45.16
CA THR H 536 -19.08 -58.94 -44.49
C THR H 536 -19.18 -59.11 -42.99
N ILE H 537 -20.39 -59.05 -42.42
CA ILE H 537 -20.56 -59.39 -41.02
C ILE H 537 -20.44 -60.89 -40.81
N MET H 538 -20.99 -61.68 -41.73
CA MET H 538 -20.83 -63.13 -41.64
C MET H 538 -19.37 -63.54 -41.80
N GLU H 539 -18.68 -62.94 -42.78
CA GLU H 539 -17.26 -63.23 -42.95
C GLU H 539 -16.44 -62.68 -41.78
N LYS H 540 -16.91 -61.62 -41.14
CA LYS H 540 -16.25 -61.13 -39.94
C LYS H 540 -16.40 -62.09 -38.78
N SER H 541 -17.58 -62.72 -38.67
CA SER H 541 -17.81 -63.73 -37.64
C SER H 541 -17.19 -65.08 -37.98
N GLU H 542 -16.77 -65.28 -39.24
CA GLU H 542 -16.20 -66.56 -39.65
C GLU H 542 -14.94 -66.88 -38.86
N THR H 543 -13.96 -65.98 -38.87
CA THR H 543 -12.71 -66.16 -38.16
C THR H 543 -12.45 -64.95 -37.28
N GLU H 544 -12.10 -65.19 -36.02
CA GLU H 544 -11.81 -64.13 -35.06
C GLU H 544 -10.31 -63.92 -34.92
N LEU H 545 -9.68 -63.57 -36.04
CA LEU H 545 -8.25 -63.29 -36.09
C LEU H 545 -8.03 -61.93 -36.76
N LYS H 546 -6.86 -61.35 -36.48
CA LYS H 546 -6.46 -60.06 -37.04
C LYS H 546 -7.49 -58.98 -36.68
N ASP H 547 -7.51 -58.67 -35.37
CA ASP H 547 -8.50 -57.76 -34.78
C ASP H 547 -8.56 -56.41 -35.48
N THR H 548 -7.53 -56.08 -36.27
CA THR H 548 -7.58 -54.85 -37.05
C THR H 548 -8.74 -54.88 -38.05
N TYR H 549 -9.14 -56.07 -38.49
CA TYR H 549 -10.41 -56.20 -39.21
C TYR H 549 -11.59 -55.81 -38.32
N ALA H 550 -11.59 -56.30 -37.08
CA ALA H 550 -12.62 -55.93 -36.12
C ALA H 550 -12.50 -54.49 -35.64
N ARG H 551 -11.55 -53.73 -36.17
CA ARG H 551 -11.41 -52.31 -35.87
C ARG H 551 -11.74 -51.40 -37.04
N TRP H 552 -11.30 -51.76 -38.25
CA TRP H 552 -11.56 -50.94 -39.43
C TRP H 552 -12.79 -51.37 -40.21
N LEU H 553 -13.31 -52.58 -39.98
CA LEU H 553 -14.56 -52.99 -40.62
C LEU H 553 -15.77 -52.33 -39.97
N PRO H 554 -15.83 -52.22 -38.64
CA PRO H 554 -16.92 -51.42 -38.03
C PRO H 554 -16.91 -49.96 -38.46
N LEU H 555 -15.78 -49.45 -38.96
CA LEU H 555 -15.77 -48.12 -39.55
C LEU H 555 -16.71 -48.04 -40.75
N GLY H 556 -16.49 -48.92 -41.74
CA GLY H 556 -17.36 -48.93 -42.91
C GLY H 556 -18.78 -49.36 -42.60
N LEU H 557 -18.94 -50.28 -41.64
CA LEU H 557 -20.27 -50.67 -41.21
C LEU H 557 -21.04 -49.48 -40.64
N GLY H 558 -20.43 -48.79 -39.67
CA GLY H 558 -21.07 -47.62 -39.09
C GLY H 558 -21.28 -46.50 -40.10
N LEU H 559 -20.39 -46.39 -41.09
CA LEU H 559 -20.62 -45.41 -42.15
C LEU H 559 -21.80 -45.80 -43.02
N ASN H 560 -22.04 -47.10 -43.21
CA ASN H 560 -23.24 -47.53 -43.91
C ASN H 560 -24.49 -47.30 -43.08
N HIS H 561 -24.38 -47.41 -41.75
CA HIS H 561 -25.50 -47.14 -40.86
C HIS H 561 -25.75 -45.64 -40.67
N LEU H 562 -24.91 -44.78 -41.22
CA LEU H 562 -25.09 -43.35 -41.07
C LEU H 562 -26.32 -42.89 -41.85
N GLY H 563 -26.99 -41.87 -41.30
CA GLY H 563 -28.22 -41.36 -41.88
C GLY H 563 -29.49 -41.95 -41.32
N LYS H 564 -29.39 -42.83 -40.33
CA LYS H 564 -30.56 -43.44 -39.73
C LYS H 564 -31.38 -42.41 -38.96
N GLY H 565 -32.71 -42.58 -39.00
CA GLY H 565 -33.58 -41.74 -38.19
C GLY H 565 -34.38 -42.54 -37.19
N GLU H 566 -34.80 -43.75 -37.57
CA GLU H 566 -35.53 -44.63 -36.65
C GLU H 566 -35.09 -46.09 -36.80
N ALA H 567 -33.85 -46.32 -37.24
CA ALA H 567 -33.40 -47.67 -37.53
C ALA H 567 -33.23 -48.47 -36.24
N ILE H 568 -33.75 -49.70 -36.25
CA ILE H 568 -33.61 -50.62 -35.12
C ILE H 568 -32.42 -51.53 -35.41
N GLU H 569 -31.62 -51.15 -36.41
CA GLU H 569 -30.47 -51.96 -36.81
C GLU H 569 -29.44 -52.08 -35.69
N ALA H 570 -29.36 -51.07 -34.80
CA ALA H 570 -28.48 -51.17 -33.66
C ALA H 570 -28.96 -52.25 -32.69
N ILE H 571 -30.27 -52.42 -32.53
CA ILE H 571 -30.79 -53.48 -31.69
C ILE H 571 -30.65 -54.83 -32.38
N LEU H 572 -30.77 -54.87 -33.70
CA LEU H 572 -30.51 -56.11 -34.43
C LEU H 572 -29.07 -56.55 -34.25
N ALA H 573 -28.13 -55.60 -34.36
CA ALA H 573 -26.74 -55.91 -34.04
C ALA H 573 -26.57 -56.30 -32.59
N ALA H 574 -27.40 -55.73 -31.70
CA ALA H 574 -27.41 -56.15 -30.30
C ALA H 574 -28.05 -57.52 -30.11
N LEU H 575 -28.66 -58.09 -31.15
CA LEU H 575 -29.21 -59.43 -31.09
C LEU H 575 -28.26 -60.47 -31.68
N GLU H 576 -27.80 -60.25 -32.91
CA GLU H 576 -26.96 -61.25 -33.57
C GLU H 576 -25.47 -61.01 -33.29
N VAL H 577 -25.04 -59.75 -33.27
CA VAL H 577 -23.62 -59.46 -33.23
C VAL H 577 -23.04 -59.70 -31.84
N VAL H 578 -23.87 -59.65 -30.79
CA VAL H 578 -23.37 -59.77 -29.43
C VAL H 578 -22.64 -61.09 -29.25
N SER H 579 -21.33 -61.02 -29.03
CA SER H 579 -20.47 -62.18 -28.84
C SER H 579 -19.29 -61.75 -27.98
N GLU H 580 -18.21 -62.51 -28.04
CA GLU H 580 -16.92 -62.17 -27.42
C GLU H 580 -16.55 -60.72 -27.71
N PRO H 581 -15.80 -60.05 -26.82
CA PRO H 581 -15.74 -58.57 -26.84
C PRO H 581 -15.14 -57.96 -28.10
N PHE H 582 -14.68 -58.76 -29.06
CA PHE H 582 -14.23 -58.20 -30.32
C PHE H 582 -15.43 -57.75 -31.17
N ARG H 583 -16.35 -58.67 -31.45
CA ARG H 583 -17.58 -58.30 -32.15
C ARG H 583 -18.52 -57.51 -31.27
N SER H 584 -18.37 -57.59 -29.95
CA SER H 584 -19.08 -56.66 -29.07
C SER H 584 -18.49 -55.27 -29.15
N PHE H 585 -17.18 -55.18 -29.43
CA PHE H 585 -16.57 -53.89 -29.73
C PHE H 585 -17.05 -53.36 -31.07
N ALA H 586 -17.28 -54.26 -32.04
CA ALA H 586 -17.95 -53.84 -33.27
C ALA H 586 -19.35 -53.34 -32.97
N ASN H 587 -20.05 -53.99 -32.03
CA ASN H 587 -21.40 -53.57 -31.66
C ASN H 587 -21.38 -52.19 -31.00
N THR H 588 -20.39 -51.93 -30.15
CA THR H 588 -20.29 -50.60 -29.55
C THR H 588 -19.80 -49.56 -30.54
N LEU H 589 -19.14 -49.98 -31.63
CA LEU H 589 -18.88 -49.06 -32.73
C LEU H 589 -20.17 -48.72 -33.46
N VAL H 590 -21.05 -49.71 -33.64
CA VAL H 590 -22.39 -49.41 -34.14
C VAL H 590 -23.12 -48.48 -33.18
N ASP H 591 -22.85 -48.60 -31.87
CA ASP H 591 -23.40 -47.65 -30.92
C ASP H 591 -22.79 -46.27 -31.09
N VAL H 592 -21.52 -46.20 -31.51
CA VAL H 592 -20.93 -44.91 -31.85
C VAL H 592 -21.63 -44.29 -33.05
N CYS H 593 -21.98 -45.11 -34.04
CA CYS H 593 -22.74 -44.66 -35.20
C CYS H 593 -24.24 -44.90 -35.03
N ALA H 594 -24.74 -44.86 -33.79
CA ALA H 594 -26.15 -45.08 -33.51
C ALA H 594 -26.81 -43.99 -32.69
N TYR H 595 -26.06 -42.97 -32.26
CA TYR H 595 -26.56 -41.91 -31.37
C TYR H 595 -26.19 -40.54 -31.93
N ALA H 596 -26.55 -40.31 -33.20
CA ALA H 596 -26.21 -39.06 -33.87
C ALA H 596 -26.70 -37.82 -33.11
N GLY H 597 -27.76 -37.95 -32.31
CA GLY H 597 -28.19 -36.86 -31.47
C GLY H 597 -29.69 -36.65 -31.41
N SER H 598 -30.23 -36.61 -30.19
CA SER H 598 -31.64 -36.37 -29.94
C SER H 598 -31.79 -36.07 -28.45
N GLY H 599 -33.03 -36.09 -27.96
CA GLY H 599 -33.23 -36.00 -26.53
C GLY H 599 -33.20 -37.39 -25.92
N ASN H 600 -32.02 -37.79 -25.45
CA ASN H 600 -31.75 -39.15 -25.02
C ASN H 600 -30.91 -39.16 -23.74
N VAL H 601 -31.31 -38.37 -22.75
CA VAL H 601 -30.60 -38.24 -21.48
C VAL H 601 -30.37 -39.62 -20.87
N LEU H 602 -31.19 -40.59 -21.26
CA LEU H 602 -30.98 -41.98 -20.83
C LEU H 602 -29.60 -42.47 -21.25
N LYS H 603 -29.06 -41.99 -22.37
CA LYS H 603 -27.70 -42.34 -22.75
C LYS H 603 -26.66 -41.52 -22.00
N VAL H 604 -27.07 -40.46 -21.32
CA VAL H 604 -26.14 -39.69 -20.49
C VAL H 604 -26.01 -40.31 -19.10
N GLN H 605 -27.14 -40.70 -18.49
CA GLN H 605 -27.06 -41.42 -17.23
C GLN H 605 -26.55 -42.84 -17.43
N GLN H 606 -26.95 -43.49 -18.53
CA GLN H 606 -26.37 -44.78 -18.88
C GLN H 606 -24.91 -44.65 -19.28
N LEU H 607 -24.54 -43.48 -19.83
CA LEU H 607 -23.14 -43.23 -20.15
C LEU H 607 -22.31 -43.10 -18.89
N LEU H 608 -22.80 -42.34 -17.90
CA LEU H 608 -22.10 -42.23 -16.64
C LEU H 608 -22.10 -43.55 -15.88
N HIS H 609 -23.11 -44.39 -16.09
CA HIS H 609 -23.13 -45.70 -15.45
C HIS H 609 -22.14 -46.66 -16.12
N ILE H 610 -21.97 -46.54 -17.44
CA ILE H 610 -21.05 -47.40 -18.17
C ILE H 610 -19.64 -46.82 -18.24
N CYS H 611 -19.41 -45.65 -17.64
CA CYS H 611 -18.10 -45.01 -17.70
C CYS H 611 -17.03 -45.82 -16.96
N SER H 612 -17.43 -46.78 -16.13
CA SER H 612 -16.50 -47.60 -15.36
C SER H 612 -16.36 -49.00 -15.94
N GLU H 613 -16.39 -49.14 -17.25
CA GLU H 613 -16.26 -50.45 -17.89
C GLU H 613 -14.80 -50.93 -17.83
N HIS H 614 -14.63 -52.24 -17.69
CA HIS H 614 -13.29 -52.80 -17.60
C HIS H 614 -12.58 -52.76 -18.96
N PHE H 615 -13.32 -52.97 -20.04
CA PHE H 615 -12.74 -52.97 -21.38
C PHE H 615 -12.27 -51.57 -21.73
N ASP H 616 -10.96 -51.41 -21.94
CA ASP H 616 -10.34 -50.09 -22.09
C ASP H 616 -10.30 -49.62 -23.54
N SER H 617 -11.17 -50.12 -24.40
CA SER H 617 -11.26 -49.65 -25.78
C SER H 617 -12.66 -49.18 -26.15
N LYS H 618 -13.70 -49.90 -25.71
CA LYS H 618 -15.06 -49.44 -25.92
C LYS H 618 -15.34 -48.14 -25.17
N GLU H 619 -14.59 -47.85 -24.11
CA GLU H 619 -14.64 -46.53 -23.51
C GLU H 619 -13.96 -45.50 -24.39
N LYS H 620 -12.88 -45.89 -25.08
CA LYS H 620 -12.18 -44.96 -25.96
C LYS H 620 -13.03 -44.56 -27.15
N GLU H 621 -13.71 -45.53 -27.77
CA GLU H 621 -14.55 -45.22 -28.93
C GLU H 621 -15.93 -44.73 -28.52
N GLU H 622 -16.63 -45.49 -27.67
CA GLU H 622 -17.96 -45.09 -27.23
C GLU H 622 -17.92 -43.76 -26.48
N ASP H 623 -16.87 -43.51 -25.70
CA ASP H 623 -16.70 -42.22 -25.07
C ASP H 623 -16.10 -41.18 -26.03
N LYS H 624 -15.37 -41.64 -27.05
CA LYS H 624 -14.90 -40.72 -28.09
C LYS H 624 -16.04 -40.17 -28.92
N ASP H 625 -17.20 -40.86 -28.94
CA ASP H 625 -18.37 -40.36 -29.65
C ASP H 625 -18.92 -39.07 -29.05
N LYS H 626 -18.39 -38.63 -27.90
CA LYS H 626 -18.89 -37.42 -27.26
C LYS H 626 -18.76 -36.20 -28.18
N LYS H 627 -17.63 -36.09 -28.89
CA LYS H 627 -17.43 -34.94 -29.77
C LYS H 627 -18.38 -34.93 -30.96
N GLU H 628 -18.95 -36.09 -31.30
CA GLU H 628 -19.91 -36.16 -32.40
C GLU H 628 -21.35 -36.01 -31.93
N LYS H 629 -21.67 -36.51 -30.74
CA LYS H 629 -23.05 -36.46 -30.25
C LYS H 629 -23.45 -35.05 -29.83
N LYS H 630 -22.69 -34.45 -28.92
CA LYS H 630 -22.97 -33.11 -28.41
C LYS H 630 -22.12 -32.05 -29.08
N ASP H 631 -21.88 -32.18 -30.38
CA ASP H 631 -21.01 -31.26 -31.10
C ASP H 631 -21.55 -29.84 -31.13
N LYS H 632 -22.84 -29.64 -30.85
CA LYS H 632 -23.43 -28.30 -30.90
C LYS H 632 -23.39 -27.62 -29.54
N ASP H 633 -23.98 -28.25 -28.51
CA ASP H 633 -23.97 -27.69 -27.16
C ASP H 633 -22.61 -27.96 -26.53
N LYS H 634 -21.68 -27.04 -26.75
CA LYS H 634 -20.31 -27.16 -26.26
C LYS H 634 -20.16 -26.76 -24.81
N LYS H 635 -21.21 -26.25 -24.17
CA LYS H 635 -21.11 -25.85 -22.77
C LYS H 635 -21.02 -27.06 -21.84
N GLU H 636 -21.59 -28.20 -22.24
CA GLU H 636 -21.58 -29.41 -21.44
C GLU H 636 -20.35 -30.28 -21.70
N ALA H 637 -19.64 -30.05 -22.80
CA ALA H 637 -18.51 -30.91 -23.14
C ALA H 637 -17.37 -30.86 -22.12
N PRO H 638 -16.93 -29.70 -21.61
CA PRO H 638 -15.85 -29.71 -20.62
C PRO H 638 -16.31 -30.35 -19.32
N ALA H 639 -15.51 -31.28 -18.81
CA ALA H 639 -15.81 -31.98 -17.57
C ALA H 639 -14.50 -32.23 -16.83
N ASP H 640 -14.56 -33.06 -15.78
CA ASP H 640 -13.41 -33.41 -14.97
C ASP H 640 -12.78 -34.73 -15.40
N MET H 641 -12.85 -35.05 -16.69
CA MET H 641 -12.28 -36.31 -17.16
C MET H 641 -10.76 -36.33 -17.05
N GLY H 642 -10.11 -35.16 -17.11
CA GLY H 642 -8.66 -35.12 -17.05
C GLY H 642 -8.11 -35.33 -15.65
N ALA H 643 -8.90 -35.02 -14.63
CA ALA H 643 -8.45 -35.14 -13.24
C ALA H 643 -8.35 -36.57 -12.75
N HIS H 644 -8.77 -37.55 -13.55
CA HIS H 644 -8.68 -38.95 -13.17
C HIS H 644 -7.29 -39.49 -13.50
N GLN H 645 -7.12 -40.81 -13.41
CA GLN H 645 -5.86 -41.46 -13.73
C GLN H 645 -5.91 -42.24 -15.04
N GLY H 646 -7.07 -42.32 -15.68
CA GLY H 646 -7.21 -43.02 -16.95
C GLY H 646 -6.76 -42.17 -18.12
N VAL H 647 -5.44 -42.12 -18.36
CA VAL H 647 -4.87 -41.32 -19.44
C VAL H 647 -5.57 -41.58 -20.77
N ALA H 648 -6.12 -42.78 -20.96
CA ALA H 648 -6.93 -43.04 -22.14
C ALA H 648 -8.12 -42.10 -22.23
N VAL H 649 -8.72 -41.78 -21.08
CA VAL H 649 -9.83 -40.81 -21.07
C VAL H 649 -9.29 -39.41 -21.35
N LEU H 650 -8.08 -39.11 -20.89
CA LEU H 650 -7.45 -37.85 -21.26
C LEU H 650 -7.26 -37.74 -22.76
N GLY H 651 -7.01 -38.87 -23.43
CA GLY H 651 -7.01 -38.87 -24.88
C GLY H 651 -8.41 -38.79 -25.47
N ILE H 652 -9.40 -39.28 -24.73
CA ILE H 652 -10.79 -39.17 -25.19
C ILE H 652 -11.22 -37.71 -25.24
N ALA H 653 -10.86 -36.93 -24.21
CA ALA H 653 -11.13 -35.50 -24.26
C ALA H 653 -10.18 -34.79 -25.22
N LEU H 654 -8.93 -35.26 -25.30
CA LEU H 654 -7.95 -34.63 -26.19
C LEU H 654 -8.42 -34.69 -27.64
N ILE H 655 -8.98 -35.82 -28.06
CA ILE H 655 -9.58 -35.89 -29.39
C ILE H 655 -10.95 -35.23 -29.41
N ALA H 656 -11.68 -35.32 -28.29
CA ALA H 656 -13.02 -34.76 -28.20
C ALA H 656 -13.05 -33.24 -28.19
N MET H 657 -11.88 -32.59 -28.20
CA MET H 657 -11.85 -31.13 -28.32
C MET H 657 -12.56 -30.66 -29.58
N GLY H 658 -12.10 -31.12 -30.74
CA GLY H 658 -12.77 -30.86 -31.99
C GLY H 658 -11.97 -29.95 -32.92
N GLU H 659 -12.70 -29.31 -33.84
CA GLU H 659 -12.10 -28.44 -34.84
C GLU H 659 -12.82 -27.09 -34.91
N GLU H 660 -13.45 -26.67 -33.82
CA GLU H 660 -14.23 -25.44 -33.80
C GLU H 660 -13.30 -24.24 -33.68
N ILE H 661 -13.86 -23.07 -33.38
CA ILE H 661 -13.09 -21.83 -33.31
C ILE H 661 -11.98 -21.89 -32.26
N GLY H 662 -12.06 -22.85 -31.33
CA GLY H 662 -11.00 -23.03 -30.35
C GLY H 662 -10.99 -22.00 -29.24
N ALA H 663 -12.00 -22.06 -28.37
CA ALA H 663 -12.04 -21.17 -27.21
C ALA H 663 -10.86 -21.45 -26.28
N GLU H 664 -10.65 -20.52 -25.34
CA GLU H 664 -9.52 -20.64 -24.42
C GLU H 664 -9.63 -21.85 -23.50
N MET H 665 -10.82 -22.42 -23.36
CA MET H 665 -10.95 -23.62 -22.53
C MET H 665 -10.31 -24.82 -23.19
N ALA H 666 -10.49 -24.97 -24.50
CA ALA H 666 -9.86 -26.08 -25.22
C ALA H 666 -8.35 -25.99 -25.15
N LEU H 667 -7.78 -24.83 -25.50
CA LEU H 667 -6.34 -24.64 -25.38
C LEU H 667 -5.87 -24.79 -23.94
N ARG H 668 -6.73 -24.44 -22.98
CA ARG H 668 -6.40 -24.69 -21.57
C ARG H 668 -6.28 -26.18 -21.30
N THR H 669 -7.12 -26.99 -21.94
CA THR H 669 -6.96 -28.44 -21.83
C THR H 669 -5.71 -28.92 -22.55
N PHE H 670 -5.34 -28.27 -23.66
CA PHE H 670 -4.11 -28.61 -24.36
C PHE H 670 -2.86 -28.19 -23.57
N GLY H 671 -3.01 -27.29 -22.61
CA GLY H 671 -1.87 -26.92 -21.78
C GLY H 671 -1.44 -28.04 -20.86
N HIS H 672 -2.41 -28.70 -20.21
CA HIS H 672 -2.10 -29.82 -19.33
C HIS H 672 -1.90 -31.11 -20.13
N LEU H 673 -2.70 -31.31 -21.18
CA LEU H 673 -2.56 -32.50 -22.01
C LEU H 673 -1.29 -32.46 -22.86
N LEU H 674 -0.72 -31.28 -23.08
CA LEU H 674 0.46 -31.17 -23.94
C LEU H 674 1.67 -31.85 -23.32
N ARG H 675 1.88 -31.67 -22.01
CA ARG H 675 3.05 -32.20 -21.32
C ARG H 675 2.74 -33.61 -20.84
N TYR H 676 3.24 -34.61 -21.56
CA TYR H 676 3.09 -36.00 -21.17
C TYR H 676 4.29 -36.79 -21.70
N GLY H 677 4.60 -37.90 -21.03
CA GLY H 677 5.79 -38.66 -21.35
C GLY H 677 5.61 -39.66 -22.48
N GLU H 678 4.46 -40.30 -22.55
CA GLU H 678 4.22 -41.31 -23.57
C GLU H 678 4.07 -40.64 -24.93
N PRO H 679 4.67 -41.20 -26.00
CA PRO H 679 4.54 -40.59 -27.32
C PRO H 679 3.14 -40.69 -27.92
N THR H 680 2.24 -41.46 -27.31
CA THR H 680 0.88 -41.55 -27.83
C THR H 680 0.11 -40.26 -27.58
N LEU H 681 0.15 -39.76 -26.34
CA LEU H 681 -0.56 -38.52 -26.02
C LEU H 681 0.21 -37.30 -26.51
N ARG H 682 1.54 -37.32 -26.38
CA ARG H 682 2.36 -36.22 -26.88
C ARG H 682 2.29 -36.14 -28.40
N ARG H 683 2.12 -37.27 -29.07
CA ARG H 683 1.94 -37.27 -30.53
C ARG H 683 0.51 -36.94 -30.91
N ALA H 684 -0.45 -37.23 -30.05
CA ALA H 684 -1.86 -36.99 -30.35
C ALA H 684 -2.31 -35.56 -30.06
N VAL H 685 -1.59 -34.84 -29.19
CA VAL H 685 -2.04 -33.51 -28.78
C VAL H 685 -1.86 -32.45 -29.86
N PRO H 686 -0.79 -32.44 -30.67
CA PRO H 686 -0.67 -31.35 -31.66
C PRO H 686 -1.68 -31.43 -32.79
N LEU H 687 -2.19 -32.63 -33.10
CA LEU H 687 -3.17 -32.76 -34.17
C LEU H 687 -4.43 -32.00 -33.83
N ALA H 688 -5.07 -32.31 -32.70
CA ALA H 688 -6.27 -31.58 -32.30
C ALA H 688 -5.93 -30.16 -31.85
N LEU H 689 -4.71 -29.95 -31.36
CA LEU H 689 -4.29 -28.60 -30.95
C LEU H 689 -4.31 -27.64 -32.14
N ALA H 690 -3.78 -28.07 -33.29
CA ALA H 690 -3.76 -27.22 -34.46
C ALA H 690 -5.00 -27.39 -35.34
N LEU H 691 -5.80 -28.43 -35.12
CA LEU H 691 -7.08 -28.54 -35.82
C LEU H 691 -8.12 -27.63 -35.19
N ILE H 692 -8.12 -27.51 -33.86
CA ILE H 692 -9.08 -26.63 -33.20
C ILE H 692 -8.65 -25.17 -33.25
N SER H 693 -7.43 -24.88 -33.69
CA SER H 693 -6.93 -23.51 -33.86
C SER H 693 -6.37 -23.41 -35.28
N VAL H 694 -7.23 -23.10 -36.23
CA VAL H 694 -6.83 -23.01 -37.64
C VAL H 694 -7.38 -21.73 -38.27
N SER H 709 -4.95 -16.74 -34.29
CA SER H 709 -3.72 -17.04 -35.03
C SER H 709 -2.60 -17.47 -34.09
N HIS H 710 -2.98 -17.97 -32.92
CA HIS H 710 -2.00 -18.42 -31.93
C HIS H 710 -1.42 -19.77 -32.33
N ASP H 711 -0.32 -19.74 -33.09
CA ASP H 711 0.23 -20.97 -33.66
C ASP H 711 1.71 -21.10 -33.39
N ALA H 712 2.40 -19.98 -33.17
CA ALA H 712 3.85 -19.99 -33.05
C ALA H 712 4.35 -20.26 -31.64
N ASP H 713 3.68 -19.70 -30.62
CA ASP H 713 4.09 -19.89 -29.23
C ASP H 713 3.92 -21.34 -28.79
N PRO H 714 2.79 -22.01 -29.08
CA PRO H 714 2.69 -23.42 -28.70
C PRO H 714 3.75 -24.28 -29.36
N GLU H 715 4.15 -23.99 -30.60
CA GLU H 715 5.22 -24.75 -31.23
C GLU H 715 6.55 -24.51 -30.54
N VAL H 716 6.78 -23.28 -30.07
CA VAL H 716 7.96 -23.01 -29.26
C VAL H 716 7.91 -23.81 -27.96
N SER H 717 6.70 -24.00 -27.42
CA SER H 717 6.55 -24.86 -26.24
C SER H 717 6.89 -26.31 -26.57
N TYR H 718 6.50 -26.78 -27.76
CA TYR H 718 6.88 -28.12 -28.19
C TYR H 718 8.39 -28.24 -28.37
N ASN H 719 9.05 -27.17 -28.82
CA ASN H 719 10.50 -27.19 -28.93
C ASN H 719 11.16 -27.16 -27.56
N SER H 720 10.52 -26.53 -26.58
CA SER H 720 11.08 -26.49 -25.24
C SER H 720 10.89 -27.80 -24.48
N ILE H 721 9.79 -28.51 -24.76
CA ILE H 721 9.55 -29.79 -24.11
C ILE H 721 10.35 -30.89 -24.80
N PHE H 722 10.26 -30.98 -26.12
CA PHE H 722 11.00 -32.00 -26.86
C PHE H 722 12.49 -31.71 -26.83
N ALA H 723 12.90 -30.54 -27.31
CA ALA H 723 14.30 -30.15 -27.32
C ALA H 723 14.52 -28.85 -26.55
N ALA H 734 10.55 -38.57 -29.90
CA ALA H 734 11.64 -38.94 -30.79
C ALA H 734 11.36 -38.47 -32.22
N ARG H 735 11.64 -39.34 -33.19
CA ARG H 735 11.40 -38.99 -34.59
C ARG H 735 9.91 -38.86 -34.88
N LEU H 736 9.06 -39.61 -34.17
CA LEU H 736 7.63 -39.47 -34.34
C LEU H 736 7.15 -38.08 -33.94
N ALA H 737 7.60 -37.60 -32.77
CA ALA H 737 7.23 -36.27 -32.32
C ALA H 737 7.82 -35.17 -33.19
N ALA H 738 8.91 -35.45 -33.90
CA ALA H 738 9.50 -34.46 -34.80
C ALA H 738 8.74 -34.38 -36.11
N MET H 739 8.46 -35.52 -36.73
CA MET H 739 7.63 -35.53 -37.93
C MET H 739 6.25 -34.95 -37.65
N LEU H 740 5.66 -35.33 -36.51
CA LEU H 740 4.33 -34.82 -36.18
C LEU H 740 4.38 -33.35 -35.78
N ARG H 741 5.48 -32.90 -35.17
CA ARG H 741 5.56 -31.48 -34.80
C ARG H 741 5.80 -30.60 -36.02
N GLN H 742 6.47 -31.13 -37.05
CA GLN H 742 6.55 -30.38 -38.30
C GLN H 742 5.24 -30.43 -39.06
N LEU H 743 4.51 -31.55 -38.97
CA LEU H 743 3.16 -31.62 -39.52
C LEU H 743 2.28 -30.54 -38.91
N ALA H 744 2.27 -30.43 -37.58
CA ALA H 744 1.53 -29.38 -36.92
C ALA H 744 2.11 -28.00 -37.23
N GLN H 745 3.41 -27.93 -37.51
CA GLN H 745 3.98 -26.68 -38.00
C GLN H 745 3.36 -26.28 -39.33
N TYR H 746 3.00 -27.25 -40.17
CA TYR H 746 2.32 -26.92 -41.41
C TYR H 746 0.86 -26.56 -41.18
N HIS H 747 0.06 -27.51 -40.69
CA HIS H 747 -1.37 -27.28 -40.60
C HIS H 747 -1.78 -26.50 -39.36
N ALA H 748 -0.83 -25.84 -38.69
CA ALA H 748 -1.18 -25.01 -37.54
C ALA H 748 -1.94 -23.76 -37.95
N LYS H 749 -1.63 -23.22 -39.12
CA LYS H 749 -2.28 -22.00 -39.60
C LYS H 749 -3.69 -22.29 -40.08
N LYS H 768 -21.68 -29.38 -41.02
CA LYS H 768 -21.64 -30.71 -40.41
C LYS H 768 -21.72 -31.79 -41.48
N GLY H 769 -20.67 -31.94 -42.27
CA GLY H 769 -20.62 -32.92 -43.33
C GLY H 769 -19.81 -34.15 -42.94
N THR H 770 -20.19 -35.29 -43.51
CA THR H 770 -19.48 -36.54 -43.24
C THR H 770 -18.10 -36.55 -43.88
N LEU H 771 -17.89 -35.79 -44.95
CA LEU H 771 -16.60 -35.79 -45.63
C LEU H 771 -15.48 -35.25 -44.74
N THR H 772 -15.81 -34.37 -43.81
CA THR H 772 -14.83 -33.84 -42.87
C THR H 772 -14.85 -34.57 -41.53
N LEU H 773 -15.80 -35.48 -41.32
CA LEU H 773 -15.87 -36.25 -40.08
C LEU H 773 -15.28 -37.65 -40.22
N CYS H 774 -15.24 -38.20 -41.43
CA CYS H 774 -14.71 -39.54 -41.62
C CYS H 774 -13.19 -39.61 -41.45
N PRO H 775 -12.38 -38.72 -42.05
CA PRO H 775 -10.92 -38.97 -42.04
C PRO H 775 -10.30 -39.04 -40.66
N TYR H 776 -10.73 -38.21 -39.71
CA TYR H 776 -10.12 -38.28 -38.39
C TYR H 776 -10.66 -39.45 -37.57
N HIS H 777 -11.95 -39.75 -37.71
CA HIS H 777 -12.52 -40.91 -37.02
C HIS H 777 -11.86 -42.20 -37.50
N SER H 778 -11.49 -42.27 -38.77
CA SER H 778 -10.66 -43.37 -39.25
C SER H 778 -9.20 -43.19 -38.83
N ASP H 779 -8.78 -41.96 -38.54
CA ASP H 779 -7.44 -41.67 -38.08
C ASP H 779 -7.27 -41.92 -36.59
N ARG H 780 -8.31 -42.38 -35.90
CA ARG H 780 -8.22 -42.66 -34.47
C ARG H 780 -7.51 -43.98 -34.17
N GLN H 781 -6.83 -44.57 -35.15
CA GLN H 781 -6.10 -45.83 -34.99
C GLN H 781 -4.65 -45.66 -35.41
N LEU H 782 -4.03 -44.57 -34.95
CA LEU H 782 -2.64 -44.29 -35.30
C LEU H 782 -1.64 -45.00 -34.39
N MET H 783 -2.08 -45.42 -33.20
CA MET H 783 -1.19 -46.08 -32.24
C MET H 783 -0.95 -47.54 -32.66
N SER H 784 -0.28 -47.68 -33.80
CA SER H 784 -0.02 -48.98 -34.39
C SER H 784 1.17 -48.84 -35.35
N GLN H 785 1.31 -49.83 -36.24
CA GLN H 785 2.42 -49.85 -37.19
C GLN H 785 2.38 -48.61 -38.08
N VAL H 786 3.50 -48.35 -38.75
CA VAL H 786 3.68 -47.14 -39.55
C VAL H 786 3.01 -47.31 -40.91
N ALA H 787 2.32 -48.44 -41.11
CA ALA H 787 1.60 -48.65 -42.36
C ALA H 787 0.47 -47.64 -42.53
N VAL H 788 -0.07 -47.13 -41.42
CA VAL H 788 -1.15 -46.15 -41.49
C VAL H 788 -0.65 -44.84 -42.07
N ALA H 789 0.65 -44.54 -41.93
CA ALA H 789 1.20 -43.29 -42.44
C ALA H 789 1.11 -43.18 -43.95
N GLY H 790 0.93 -44.30 -44.66
CA GLY H 790 0.70 -44.24 -46.09
C GLY H 790 -0.65 -43.71 -46.47
N LEU H 791 -1.64 -43.85 -45.59
CA LEU H 791 -2.97 -43.30 -45.79
C LEU H 791 -3.19 -42.01 -45.01
N LEU H 792 -2.31 -41.68 -44.08
CA LEU H 792 -2.46 -40.45 -43.31
C LEU H 792 -2.30 -39.21 -44.18
N THR H 793 -1.49 -39.29 -45.23
CA THR H 793 -1.18 -38.12 -46.06
C THR H 793 -2.28 -37.78 -47.05
N VAL H 794 -3.30 -38.63 -47.21
CA VAL H 794 -4.32 -38.41 -48.23
C VAL H 794 -5.69 -38.18 -47.58
N LEU H 795 -5.71 -37.57 -46.41
CA LEU H 795 -6.96 -37.26 -45.74
C LEU H 795 -7.73 -36.19 -46.53
N VAL H 796 -9.05 -36.32 -46.52
CA VAL H 796 -9.93 -35.41 -47.26
C VAL H 796 -10.63 -34.43 -46.32
N SER H 797 -10.30 -34.45 -45.03
CA SER H 797 -10.97 -33.57 -44.07
C SER H 797 -10.59 -32.11 -44.24
N PHE H 798 -9.59 -31.80 -45.06
CA PHE H 798 -9.17 -30.43 -45.32
C PHE H 798 -9.81 -29.91 -46.59
N LEU H 799 -9.75 -28.59 -46.77
CA LEU H 799 -10.32 -27.95 -47.93
C LEU H 799 -9.23 -27.28 -48.77
#